data_6LGO
#
_entry.id   6LGO
#
_cell.length_a   161.222
_cell.length_b   161.222
_cell.length_c   244.914
_cell.angle_alpha   90.000
_cell.angle_beta   90.000
_cell.angle_gamma   90.000
#
_symmetry.space_group_name_H-M   'I 41'
#
loop_
_entity.id
_entity.type
_entity.pdbx_description
1 polymer 'Cystathionine gamma-synthase'
2 non-polymer '(2~{S})-2-azanyl-4-[(3~{S})-3-[(~{E})-[2-methyl-3-oxidanyl-5-(phosphonomethyl)pyridin-4-yl]methylideneamino]-4-oxidanyl-4-oxidanylidene-butyl]sulfanyl-butanoic acid'
3 water water
#
_entity_poly.entity_id   1
_entity_poly.type   'polypeptide(L)'
_entity_poly.pdbx_seq_one_letter_code
;GSHMSFRDPTHTPCTAATAAVRAGIDRDTAYGAVTPPIVLSSNFSFDGFGNKRQYDYTRSGNPTRDLLGEALAELEGGAG
GVITSTGMGAINLVLNAVLQPGDTLVVPHDAYGGSWRLFNALAKKGHFALITADLTVPRSLADALAQSPKLVLIETPSNP
LLRITDLRFVIEAAKKVGALTVVDNTFLSPALQKPLDFGADLVLHSTTKYINGHSDVVGGAVVARDAELHQQLVWWANAL
GLTGSPFDAFLTLRGLRTLDARLRVHQENADAIAELLDGHAMVNQVYFPGLATHPGHALAARQQKGFGAMMSFELEGGEA
AVRAFVDGLRYFTLAESLGGVESLIAHPASMTHAAMTAEARAAAGISDGLLRLSIGIESAEDLLIDLRAGLSRAEATLTT
TNRKKVDA
;
_entity_poly.pdbx_strand_id   A,B,C,D
#
loop_
_chem_comp.id
_chem_comp.type
_chem_comp.name
_chem_comp.formula
EBO non-polymer '(2~{S})-2-azanyl-4-[(3~{S})-3-[(~{E})-[2-methyl-3-oxidanyl-5-(phosphonomethyl)pyridin-4-yl]methylideneamino]-4-oxidanyl-4-oxidanylidene-butyl]sulfanyl-butanoic acid' 'C16 H24 N3 O8 P S'
#
# COMPACT_ATOMS: atom_id res chain seq x y z
N THR A 12 4.96 -36.15 5.76
CA THR A 12 4.75 -35.33 7.00
C THR A 12 3.92 -34.12 6.56
N PRO A 13 3.03 -33.55 7.40
CA PRO A 13 2.74 -32.14 7.29
C PRO A 13 4.05 -31.48 7.76
N CYS A 14 4.22 -30.21 7.45
CA CYS A 14 5.24 -29.33 8.08
C CYS A 14 4.82 -28.94 9.52
N THR A 15 5.70 -28.31 10.29
CA THR A 15 5.37 -27.66 11.58
C THR A 15 4.57 -26.37 11.34
N ALA A 16 3.98 -25.89 12.42
CA ALA A 16 3.21 -24.63 12.55
C ALA A 16 4.09 -23.46 12.04
N ALA A 17 5.34 -23.38 12.50
CA ALA A 17 6.35 -22.38 12.13
C ALA A 17 6.58 -22.41 10.61
N THR A 18 6.72 -23.59 10.01
CA THR A 18 6.96 -23.74 8.58
C THR A 18 5.73 -23.19 7.86
N ALA A 19 4.55 -23.58 8.33
CA ALA A 19 3.30 -23.20 7.64
C ALA A 19 3.10 -21.69 7.68
N ALA A 20 3.39 -21.07 8.80
CA ALA A 20 3.29 -19.59 9.00
C ALA A 20 4.31 -18.91 8.06
N VAL A 21 5.54 -19.43 7.97
CA VAL A 21 6.57 -18.76 7.15
C VAL A 21 6.16 -18.84 5.67
N ARG A 22 5.56 -19.96 5.27
CA ARG A 22 5.28 -20.28 3.85
C ARG A 22 3.81 -20.08 3.47
N ALA A 23 3.00 -19.36 4.25
CA ALA A 23 1.56 -19.23 3.88
C ALA A 23 1.47 -18.32 2.63
N GLY A 24 0.99 -18.88 1.55
CA GLY A 24 0.85 -18.14 0.28
C GLY A 24 2.15 -18.01 -0.53
N ILE A 25 3.19 -18.74 -0.14
CA ILE A 25 4.47 -18.75 -0.87
C ILE A 25 4.29 -19.65 -2.08
N ASP A 26 4.69 -19.15 -3.23
CA ASP A 26 4.61 -19.95 -4.48
C ASP A 26 3.16 -20.46 -4.66
N ARG A 27 2.14 -19.61 -4.43
CA ARG A 27 0.72 -19.97 -4.69
C ARG A 27 0.05 -19.02 -5.68
N ASP A 28 0.79 -18.38 -6.57
CA ASP A 28 0.23 -17.49 -7.61
C ASP A 28 0.25 -18.22 -8.95
N THR A 29 -0.91 -18.62 -9.44
CA THR A 29 -1.03 -19.38 -10.71
C THR A 29 -0.77 -18.39 -11.88
N ALA A 30 -0.90 -17.06 -11.70
CA ALA A 30 -0.78 -16.10 -12.84
C ALA A 30 0.69 -16.05 -13.36
N TYR A 31 1.68 -15.87 -12.46
CA TYR A 31 3.04 -15.47 -12.78
C TYR A 31 4.03 -16.33 -12.00
N GLY A 32 3.61 -17.15 -11.05
CA GLY A 32 4.56 -17.87 -10.16
C GLY A 32 5.26 -16.94 -9.16
N ALA A 33 4.61 -15.83 -8.83
CA ALA A 33 5.18 -14.91 -7.84
C ALA A 33 5.47 -15.72 -6.56
N VAL A 34 6.61 -15.48 -5.94
CA VAL A 34 6.95 -16.24 -4.73
C VAL A 34 6.05 -15.68 -3.62
N THR A 35 6.01 -14.36 -3.45
CA THR A 35 5.16 -13.79 -2.35
C THR A 35 3.80 -13.38 -2.93
N PRO A 36 2.68 -13.63 -2.24
CA PRO A 36 1.34 -13.52 -2.87
C PRO A 36 1.01 -12.09 -3.34
N PRO A 37 0.32 -11.94 -4.50
CA PRO A 37 -0.11 -10.60 -4.96
C PRO A 37 -1.19 -10.04 -4.03
N ILE A 38 -1.28 -8.74 -3.95
CA ILE A 38 -2.38 -8.11 -3.18
C ILE A 38 -3.59 -7.96 -4.12
N VAL A 39 -4.66 -8.68 -3.84
CA VAL A 39 -5.90 -8.55 -4.66
C VAL A 39 -6.84 -7.58 -3.98
N LEU A 40 -6.72 -6.31 -4.29
CA LEU A 40 -7.57 -5.21 -3.72
C LEU A 40 -8.95 -5.19 -4.37
N SER A 41 -9.08 -5.70 -5.58
CA SER A 41 -10.31 -5.63 -6.40
C SER A 41 -11.54 -5.86 -5.55
N SER A 42 -12.50 -4.94 -5.65
CA SER A 42 -13.85 -5.13 -5.01
C SER A 42 -14.56 -6.30 -5.70
N ASN A 43 -14.37 -6.38 -7.00
CA ASN A 43 -15.16 -7.33 -7.80
C ASN A 43 -14.29 -8.25 -8.68
N PHE A 44 -14.92 -9.32 -9.17
CA PHE A 44 -14.30 -10.43 -9.97
C PHE A 44 -15.25 -10.73 -11.15
N SER A 45 -14.77 -10.82 -12.39
CA SER A 45 -15.60 -11.24 -13.54
C SER A 45 -16.27 -12.58 -13.25
N PHE A 46 -17.46 -12.74 -13.78
CA PHE A 46 -18.06 -14.06 -14.07
C PHE A 46 -17.40 -14.61 -15.35
N ASP A 47 -17.40 -15.94 -15.45
CA ASP A 47 -16.81 -16.71 -16.57
C ASP A 47 -17.94 -16.99 -17.56
N GLY A 48 -18.50 -15.92 -18.12
CA GLY A 48 -19.79 -15.96 -18.84
C GLY A 48 -21.00 -16.03 -17.93
N PHE A 49 -22.15 -15.77 -18.54
CA PHE A 49 -23.48 -15.64 -17.91
C PHE A 49 -23.75 -16.91 -17.09
N GLY A 50 -24.15 -16.73 -15.82
CA GLY A 50 -24.53 -17.77 -14.85
C GLY A 50 -23.34 -18.48 -14.20
N ASN A 51 -22.08 -18.14 -14.54
CA ASN A 51 -20.89 -18.91 -14.08
C ASN A 51 -20.07 -18.08 -13.09
N LYS A 52 -20.50 -18.00 -11.85
CA LYS A 52 -19.72 -17.35 -10.78
C LYS A 52 -18.33 -18.03 -10.77
N ARG A 53 -17.22 -17.29 -10.72
CA ARG A 53 -15.92 -17.93 -10.36
C ARG A 53 -15.90 -18.30 -8.88
N GLN A 54 -14.75 -18.74 -8.39
CA GLN A 54 -14.54 -19.00 -6.95
C GLN A 54 -14.83 -17.69 -6.16
N TYR A 55 -14.40 -16.53 -6.60
CA TYR A 55 -14.65 -15.25 -5.90
C TYR A 55 -15.58 -14.39 -6.78
N ASP A 56 -16.36 -13.52 -6.18
CA ASP A 56 -17.32 -12.66 -6.90
C ASP A 56 -17.22 -11.22 -6.35
N TYR A 57 -17.12 -11.10 -5.04
CA TYR A 57 -17.16 -9.81 -4.34
C TYR A 57 -16.43 -9.88 -3.01
N THR A 58 -15.59 -8.86 -2.80
CA THR A 58 -14.54 -8.86 -1.75
C THR A 58 -15.21 -8.84 -0.35
N ARG A 59 -16.38 -8.23 -0.16
CA ARG A 59 -17.02 -8.28 1.17
C ARG A 59 -17.30 -9.76 1.51
N SER A 60 -17.69 -10.57 0.53
CA SER A 60 -18.09 -12.00 0.71
C SER A 60 -16.85 -12.89 0.82
N GLY A 61 -15.83 -12.63 0.03
CA GLY A 61 -14.67 -13.55 -0.08
C GLY A 61 -13.63 -12.88 -0.91
N ASN A 62 -12.38 -12.89 -0.49
CA ASN A 62 -11.24 -12.37 -1.29
C ASN A 62 -10.03 -13.26 -1.03
N PRO A 63 -9.23 -13.56 -2.07
CA PRO A 63 -8.20 -14.57 -1.98
C PRO A 63 -7.10 -14.08 -1.06
N THR A 64 -6.76 -12.80 -1.05
CA THR A 64 -5.66 -12.36 -0.16
C THR A 64 -6.09 -12.55 1.30
N ARG A 65 -7.31 -12.18 1.63
CA ARG A 65 -7.83 -12.36 2.99
C ARG A 65 -7.94 -13.87 3.28
N ASP A 66 -8.32 -14.69 2.29
CA ASP A 66 -8.44 -16.15 2.56
C ASP A 66 -7.07 -16.77 2.81
N LEU A 67 -5.95 -16.23 2.30
CA LEU A 67 -4.64 -16.84 2.65
C LEU A 67 -4.45 -16.70 4.16
N LEU A 68 -4.77 -15.54 4.70
CA LEU A 68 -4.65 -15.33 6.16
C LEU A 68 -5.65 -16.20 6.90
N GLY A 69 -6.92 -16.20 6.49
CA GLY A 69 -7.91 -17.11 7.05
C GLY A 69 -7.42 -18.55 7.14
N GLU A 70 -6.91 -19.09 6.06
CA GLU A 70 -6.49 -20.49 5.89
C GLU A 70 -5.24 -20.70 6.76
N ALA A 71 -4.31 -19.75 6.77
CA ALA A 71 -3.08 -19.86 7.57
C ALA A 71 -3.46 -19.91 9.07
N LEU A 72 -4.32 -19.03 9.57
CA LEU A 72 -4.72 -19.07 10.99
C LEU A 72 -5.52 -20.36 11.24
N ALA A 73 -6.27 -20.86 10.29
CA ALA A 73 -7.04 -22.11 10.53
C ALA A 73 -6.07 -23.31 10.63
N GLU A 74 -5.07 -23.31 9.79
CA GLU A 74 -4.04 -24.34 9.86
C GLU A 74 -3.30 -24.22 11.19
N LEU A 75 -2.94 -23.05 11.63
CA LEU A 75 -2.20 -22.90 12.90
C LEU A 75 -3.04 -23.30 14.15
N GLU A 76 -4.38 -23.01 14.14
CA GLU A 76 -5.29 -23.26 15.29
C GLU A 76 -5.91 -24.67 15.24
N GLY A 77 -5.80 -25.40 14.12
CA GLY A 77 -6.40 -26.72 13.87
C GLY A 77 -7.89 -26.63 13.60
N GLY A 78 -8.36 -25.68 12.76
CA GLY A 78 -9.79 -25.50 12.54
C GLY A 78 -10.18 -25.77 11.11
N ALA A 79 -11.47 -25.68 10.83
CA ALA A 79 -11.97 -25.97 9.48
C ALA A 79 -11.78 -24.76 8.55
N GLY A 80 -11.64 -23.54 9.07
CA GLY A 80 -11.54 -22.32 8.27
C GLY A 80 -11.47 -21.10 9.17
N GLY A 81 -11.11 -19.96 8.62
CA GLY A 81 -10.90 -18.70 9.33
C GLY A 81 -11.62 -17.60 8.61
N VAL A 82 -12.21 -16.67 9.40
CA VAL A 82 -12.79 -15.41 8.86
C VAL A 82 -11.98 -14.26 9.46
N ILE A 83 -11.67 -13.28 8.62
CA ILE A 83 -10.84 -12.10 8.91
C ILE A 83 -11.76 -10.87 8.92
N THR A 84 -11.82 -10.20 10.07
CA THR A 84 -12.74 -9.05 10.32
C THR A 84 -11.90 -7.75 10.31
N SER A 85 -12.52 -6.58 10.21
CA SER A 85 -11.88 -5.23 10.22
C SER A 85 -11.15 -5.00 11.55
N THR A 86 -11.63 -5.55 12.66
CA THR A 86 -11.03 -5.37 14.02
C THR A 86 -11.24 -6.66 14.83
N GLY A 87 -10.46 -6.79 15.91
CA GLY A 87 -10.66 -7.80 16.93
C GLY A 87 -12.02 -7.66 17.59
N MET A 88 -12.43 -6.43 17.95
CA MET A 88 -13.82 -6.30 18.48
C MET A 88 -14.80 -6.89 17.46
N GLY A 89 -14.56 -6.61 16.19
CA GLY A 89 -15.37 -7.12 15.12
C GLY A 89 -15.43 -8.62 15.16
N ALA A 90 -14.34 -9.31 15.53
CA ALA A 90 -14.34 -10.78 15.50
C ALA A 90 -15.28 -11.21 16.64
N ILE A 91 -15.23 -10.51 17.77
CA ILE A 91 -16.12 -10.86 18.91
C ILE A 91 -17.57 -10.58 18.46
N ASN A 92 -17.79 -9.44 17.89
CA ASN A 92 -19.12 -9.06 17.37
C ASN A 92 -19.63 -10.17 16.42
N LEU A 93 -18.80 -10.63 15.50
CA LEU A 93 -19.22 -11.65 14.53
C LEU A 93 -19.68 -12.87 15.31
N VAL A 94 -18.94 -13.34 16.31
CA VAL A 94 -19.35 -14.53 17.06
C VAL A 94 -20.67 -14.29 17.80
N LEU A 95 -20.89 -13.15 18.43
CA LEU A 95 -22.13 -12.89 19.20
C LEU A 95 -23.36 -12.90 18.26
N ASN A 96 -23.27 -12.30 17.09
CA ASN A 96 -24.33 -12.29 16.08
C ASN A 96 -24.46 -13.68 15.46
N ALA A 97 -23.40 -14.43 15.20
CA ALA A 97 -23.65 -15.71 14.53
C ALA A 97 -24.31 -16.69 15.50
N VAL A 98 -23.96 -16.62 16.77
CA VAL A 98 -24.33 -17.75 17.66
C VAL A 98 -25.60 -17.47 18.51
N LEU A 99 -25.81 -16.23 18.96
CA LEU A 99 -26.81 -15.83 20.00
C LEU A 99 -28.05 -15.15 19.36
N GLN A 100 -29.19 -15.29 20.01
CA GLN A 100 -30.42 -14.49 19.79
C GLN A 100 -31.08 -14.19 21.12
N PRO A 101 -32.03 -13.23 21.17
CA PRO A 101 -32.72 -12.86 22.41
C PRO A 101 -33.25 -14.12 23.13
N GLY A 102 -33.08 -14.18 24.45
CA GLY A 102 -33.43 -15.38 25.23
C GLY A 102 -32.24 -16.31 25.47
N ASP A 103 -31.23 -16.37 24.59
CA ASP A 103 -30.02 -17.18 24.83
C ASP A 103 -29.22 -16.48 25.93
N THR A 104 -28.52 -17.22 26.77
CA THR A 104 -27.66 -16.53 27.76
C THR A 104 -26.20 -16.79 27.34
N LEU A 105 -25.36 -15.78 27.59
CA LEU A 105 -23.89 -15.77 27.34
C LEU A 105 -23.16 -15.68 28.70
N VAL A 106 -22.14 -16.49 28.87
CA VAL A 106 -21.22 -16.37 30.02
C VAL A 106 -19.87 -15.82 29.52
N VAL A 107 -19.41 -14.79 30.20
CA VAL A 107 -18.13 -14.09 29.92
C VAL A 107 -17.31 -14.04 31.21
N PRO A 108 -15.98 -13.87 31.11
CA PRO A 108 -15.13 -13.69 32.26
C PRO A 108 -15.26 -12.28 32.84
N HIS A 109 -15.01 -12.18 34.13
CA HIS A 109 -15.16 -10.92 34.91
C HIS A 109 -14.00 -9.98 34.54
N ASP A 110 -12.86 -10.55 34.19
CA ASP A 110 -11.62 -9.79 33.94
C ASP A 110 -11.22 -9.84 32.45
N ALA A 111 -12.16 -9.94 31.57
CA ALA A 111 -11.89 -9.83 30.13
C ALA A 111 -11.46 -8.40 29.78
N TYR A 112 -10.83 -8.26 28.63
CA TYR A 112 -10.54 -6.93 28.02
C TYR A 112 -11.76 -6.01 28.18
N GLY A 113 -11.50 -4.80 28.67
CA GLY A 113 -12.47 -3.75 28.91
C GLY A 113 -13.33 -3.43 27.69
N GLY A 114 -12.80 -3.51 26.47
CA GLY A 114 -13.61 -3.37 25.24
C GLY A 114 -14.57 -4.54 25.07
N SER A 115 -14.18 -5.71 25.52
CA SER A 115 -15.10 -6.88 25.52
C SER A 115 -16.20 -6.59 26.54
N TRP A 116 -15.85 -6.24 27.77
CA TRP A 116 -16.82 -5.84 28.83
C TRP A 116 -17.77 -4.81 28.17
N ARG A 117 -17.27 -3.80 27.46
CA ARG A 117 -18.14 -2.70 26.97
C ARG A 117 -19.21 -3.25 26.01
N LEU A 118 -18.79 -4.14 25.12
CA LEU A 118 -19.65 -4.68 24.08
C LEU A 118 -20.65 -5.63 24.73
N PHE A 119 -20.18 -6.57 25.55
CA PHE A 119 -21.09 -7.50 26.25
C PHE A 119 -22.23 -6.68 26.92
N ASN A 120 -21.86 -5.65 27.65
CA ASN A 120 -22.75 -4.92 28.59
C ASN A 120 -23.66 -4.10 27.69
N ALA A 121 -23.19 -3.50 26.59
CA ALA A 121 -24.06 -2.64 25.78
C ALA A 121 -25.10 -3.52 25.04
N LEU A 122 -24.73 -4.71 24.55
CA LEU A 122 -25.69 -5.54 23.75
C LEU A 122 -26.66 -6.23 24.72
N ALA A 123 -26.22 -6.57 25.94
CA ALA A 123 -27.13 -7.10 27.02
C ALA A 123 -28.13 -6.00 27.46
N LYS A 124 -27.76 -4.73 27.64
CA LYS A 124 -28.73 -3.67 27.97
C LYS A 124 -29.81 -3.61 26.89
N LYS A 125 -29.47 -3.76 25.62
CA LYS A 125 -30.42 -3.72 24.47
C LYS A 125 -31.27 -5.01 24.46
N GLY A 126 -30.92 -6.06 25.21
CA GLY A 126 -31.68 -7.33 25.21
C GLY A 126 -31.33 -8.24 24.03
N HIS A 127 -30.14 -8.15 23.47
CA HIS A 127 -29.74 -9.11 22.40
C HIS A 127 -29.51 -10.48 23.00
N PHE A 128 -29.19 -10.55 24.28
CA PHE A 128 -28.96 -11.82 25.03
C PHE A 128 -28.95 -11.47 26.52
N ALA A 129 -29.10 -12.47 27.38
CA ALA A 129 -28.85 -12.28 28.82
C ALA A 129 -27.36 -12.60 29.06
N LEU A 130 -26.78 -11.86 29.98
CA LEU A 130 -25.34 -11.84 30.27
C LEU A 130 -25.10 -12.42 31.68
N ILE A 131 -24.20 -13.39 31.80
CA ILE A 131 -23.63 -13.79 33.11
C ILE A 131 -22.15 -13.53 33.06
N THR A 132 -21.72 -12.69 33.98
CA THR A 132 -20.35 -12.29 34.24
C THR A 132 -19.81 -13.15 35.40
N ALA A 133 -18.90 -14.09 35.14
CA ALA A 133 -18.41 -15.02 36.18
C ALA A 133 -16.87 -14.99 36.26
N ASP A 134 -16.32 -15.45 37.38
CA ASP A 134 -14.87 -15.74 37.53
C ASP A 134 -14.65 -17.17 37.06
N LEU A 135 -14.14 -17.37 35.86
CA LEU A 135 -14.14 -18.75 35.31
C LEU A 135 -13.03 -19.60 35.96
N THR A 136 -12.15 -19.01 36.79
CA THR A 136 -11.07 -19.72 37.51
C THR A 136 -11.59 -20.24 38.85
N VAL A 137 -12.77 -19.84 39.32
CA VAL A 137 -13.38 -20.36 40.58
C VAL A 137 -14.49 -21.35 40.23
N PRO A 138 -14.32 -22.66 40.54
CA PRO A 138 -15.33 -23.69 40.21
C PRO A 138 -16.78 -23.36 40.53
N ARG A 139 -16.99 -22.79 41.71
CA ARG A 139 -18.34 -22.46 42.21
C ARG A 139 -18.94 -21.47 41.21
N SER A 140 -18.27 -20.34 40.91
CA SER A 140 -18.74 -19.24 40.02
C SER A 140 -19.04 -19.81 38.62
N LEU A 141 -18.21 -20.72 38.15
CA LEU A 141 -18.44 -21.42 36.87
C LEU A 141 -19.68 -22.28 36.93
N ALA A 142 -19.77 -23.23 37.89
CA ALA A 142 -20.91 -24.20 38.01
C ALA A 142 -22.25 -23.44 38.09
N ASP A 143 -22.28 -22.32 38.81
CA ASP A 143 -23.49 -21.43 38.91
C ASP A 143 -23.80 -20.76 37.58
N ALA A 144 -22.81 -20.38 36.80
CA ALA A 144 -23.05 -19.83 35.46
C ALA A 144 -23.57 -20.93 34.53
N LEU A 145 -22.94 -22.10 34.56
CA LEU A 145 -23.30 -23.22 33.63
C LEU A 145 -24.67 -23.84 33.97
N ALA A 146 -25.10 -23.70 35.21
CA ALA A 146 -26.39 -24.29 35.68
C ALA A 146 -27.51 -23.45 35.08
N GLN A 147 -27.19 -22.30 34.51
CA GLN A 147 -28.21 -21.41 33.88
C GLN A 147 -28.39 -21.73 32.40
N SER A 148 -27.87 -22.85 31.88
CA SER A 148 -28.08 -23.34 30.48
C SER A 148 -27.66 -22.34 29.41
N PRO A 149 -26.42 -21.81 29.42
CA PRO A 149 -26.01 -20.80 28.43
C PRO A 149 -25.81 -21.40 27.03
N LYS A 150 -25.93 -20.59 25.99
CA LYS A 150 -25.72 -21.03 24.60
C LYS A 150 -24.23 -21.00 24.31
N LEU A 151 -23.50 -20.10 24.99
CA LEU A 151 -22.10 -19.74 24.66
C LEU A 151 -21.40 -19.26 25.91
N VAL A 152 -20.19 -19.78 26.09
CA VAL A 152 -19.23 -19.36 27.12
C VAL A 152 -17.98 -18.82 26.40
N LEU A 153 -17.56 -17.61 26.76
CA LEU A 153 -16.32 -17.03 26.21
C LEU A 153 -15.24 -17.09 27.29
N ILE A 154 -14.07 -17.61 26.93
CA ILE A 154 -12.88 -17.66 27.81
C ILE A 154 -11.85 -16.68 27.24
N GLU A 155 -11.19 -15.91 28.10
CA GLU A 155 -10.03 -15.11 27.68
C GLU A 155 -8.85 -15.54 28.53
N THR A 156 -7.90 -16.30 27.98
CA THR A 156 -6.78 -16.79 28.82
C THR A 156 -5.51 -16.76 28.00
N PRO A 157 -4.43 -16.21 28.56
CA PRO A 157 -4.47 -15.43 29.79
C PRO A 157 -5.26 -14.13 29.68
N SER A 158 -5.73 -13.68 30.81
CA SER A 158 -6.66 -12.55 30.92
C SER A 158 -5.88 -11.23 30.87
N ASN A 159 -6.53 -10.24 30.30
CA ASN A 159 -5.94 -8.88 30.13
C ASN A 159 -6.62 -7.98 31.17
N PRO A 160 -5.90 -7.34 32.11
CA PRO A 160 -4.44 -7.35 32.17
C PRO A 160 -3.82 -8.11 33.36
N LEU A 161 -4.57 -8.97 34.04
CA LEU A 161 -3.97 -9.60 35.26
C LEU A 161 -3.40 -10.97 34.98
N LEU A 162 -3.53 -11.49 33.76
CA LEU A 162 -2.89 -12.76 33.36
C LEU A 162 -3.43 -13.90 34.27
N ARG A 163 -4.70 -13.87 34.59
CA ARG A 163 -5.41 -14.96 35.32
C ARG A 163 -5.50 -16.08 34.24
N ILE A 164 -5.31 -17.34 34.61
CA ILE A 164 -5.26 -18.49 33.68
C ILE A 164 -6.50 -19.33 33.86
N THR A 165 -7.24 -19.57 32.80
CA THR A 165 -8.42 -20.43 32.90
C THR A 165 -8.16 -21.78 32.25
N ASP A 166 -8.65 -22.80 32.91
CA ASP A 166 -8.32 -24.21 32.68
C ASP A 166 -9.12 -24.60 31.46
N LEU A 167 -8.52 -24.62 30.28
CA LEU A 167 -9.26 -24.81 29.02
C LEU A 167 -10.04 -26.16 29.09
N ARG A 168 -9.34 -27.27 29.31
CA ARG A 168 -9.99 -28.59 29.28
C ARG A 168 -11.15 -28.61 30.28
N PHE A 169 -10.94 -28.17 31.53
CA PHE A 169 -12.01 -28.17 32.56
C PHE A 169 -13.22 -27.39 32.03
N VAL A 170 -13.02 -26.13 31.65
CA VAL A 170 -14.17 -25.25 31.29
C VAL A 170 -14.85 -25.76 30.04
N ILE A 171 -14.08 -26.21 29.08
CA ILE A 171 -14.68 -26.61 27.80
C ILE A 171 -15.54 -27.86 28.09
N GLU A 172 -15.01 -28.83 28.83
CA GLU A 172 -15.79 -30.07 29.16
C GLU A 172 -17.06 -29.73 29.97
N ALA A 173 -16.97 -28.84 30.95
CA ALA A 173 -18.12 -28.47 31.78
C ALA A 173 -19.16 -27.76 30.86
N ALA A 174 -18.71 -26.96 29.90
CA ALA A 174 -19.60 -26.30 28.95
C ALA A 174 -20.23 -27.36 28.03
N LYS A 175 -19.49 -28.36 27.56
CA LYS A 175 -20.08 -29.33 26.61
C LYS A 175 -21.20 -30.09 27.37
N LYS A 176 -20.98 -30.43 28.63
CA LYS A 176 -21.94 -31.19 29.47
C LYS A 176 -23.28 -30.44 29.51
N VAL A 177 -23.38 -29.10 29.52
CA VAL A 177 -24.72 -28.44 29.52
C VAL A 177 -25.14 -27.93 28.13
N GLY A 178 -24.54 -28.43 27.04
CA GLY A 178 -24.90 -28.05 25.67
C GLY A 178 -24.40 -26.65 25.26
N ALA A 179 -23.47 -26.03 25.98
CA ALA A 179 -22.94 -24.69 25.61
C ALA A 179 -21.79 -24.82 24.59
N LEU A 180 -21.75 -23.91 23.61
CA LEU A 180 -20.58 -23.68 22.73
C LEU A 180 -19.57 -22.90 23.56
N THR A 181 -18.28 -23.08 23.24
CA THR A 181 -17.15 -22.33 23.81
C THR A 181 -16.41 -21.54 22.73
N VAL A 182 -16.04 -20.31 23.10
CA VAL A 182 -15.16 -19.48 22.26
C VAL A 182 -14.05 -18.95 23.14
N VAL A 183 -12.82 -19.04 22.64
CA VAL A 183 -11.64 -18.60 23.42
C VAL A 183 -10.97 -17.45 22.65
N ASP A 184 -10.82 -16.34 23.34
CA ASP A 184 -10.00 -15.22 22.86
C ASP A 184 -8.55 -15.57 23.20
N ASN A 185 -7.79 -15.88 22.16
CA ASN A 185 -6.41 -16.37 22.21
C ASN A 185 -5.46 -15.23 21.81
N THR A 186 -5.84 -13.97 21.97
CA THR A 186 -5.02 -12.82 21.49
C THR A 186 -3.64 -12.84 22.21
N PHE A 187 -3.63 -12.99 23.52
CA PHE A 187 -2.44 -12.78 24.41
C PHE A 187 -1.32 -13.77 24.13
N LEU A 188 -1.56 -14.91 23.49
CA LEU A 188 -0.49 -15.91 23.29
C LEU A 188 -0.29 -16.23 21.82
N SER A 189 -1.31 -16.01 20.99
CA SER A 189 -1.28 -16.30 19.53
C SER A 189 -1.39 -17.80 19.39
N PRO A 190 -1.56 -18.27 18.16
CA PRO A 190 -1.58 -19.70 17.92
C PRO A 190 -0.26 -20.40 18.21
N ALA A 191 0.84 -19.69 18.16
CA ALA A 191 2.16 -20.31 18.32
C ALA A 191 2.35 -20.70 19.79
N LEU A 192 1.60 -20.14 20.77
CA LEU A 192 1.85 -20.43 22.19
C LEU A 192 0.63 -21.10 22.87
N GLN A 193 -0.52 -21.29 22.21
CA GLN A 193 -1.71 -21.92 22.81
C GLN A 193 -2.63 -22.25 21.65
N LYS A 194 -3.18 -23.45 21.71
CA LYS A 194 -4.16 -23.91 20.71
C LYS A 194 -5.44 -24.37 21.39
N PRO A 195 -6.37 -23.47 21.66
CA PRO A 195 -7.59 -23.84 22.36
C PRO A 195 -8.44 -24.94 21.69
N LEU A 196 -8.41 -25.08 20.38
CA LEU A 196 -9.21 -26.12 19.68
C LEU A 196 -8.66 -27.50 19.99
N ASP A 197 -7.41 -27.63 20.39
CA ASP A 197 -6.85 -28.94 20.78
C ASP A 197 -7.63 -29.51 21.99
N PHE A 198 -8.19 -28.66 22.84
CA PHE A 198 -8.90 -29.02 24.09
C PHE A 198 -10.38 -29.11 23.78
N GLY A 199 -10.82 -29.08 22.51
CA GLY A 199 -12.26 -29.24 22.22
C GLY A 199 -13.08 -27.95 22.13
N ALA A 200 -12.50 -26.75 22.22
CA ALA A 200 -13.26 -25.48 22.04
C ALA A 200 -13.92 -25.44 20.64
N ASP A 201 -15.07 -24.80 20.48
CA ASP A 201 -15.75 -24.73 19.15
C ASP A 201 -15.15 -23.60 18.30
N LEU A 202 -14.66 -22.52 18.92
CA LEU A 202 -14.17 -21.28 18.25
C LEU A 202 -12.97 -20.68 18.98
N VAL A 203 -12.06 -20.15 18.20
CA VAL A 203 -10.97 -19.35 18.76
C VAL A 203 -10.92 -18.07 17.93
N LEU A 204 -10.66 -16.95 18.61
CA LEU A 204 -10.65 -15.67 17.92
C LEU A 204 -9.45 -14.86 18.40
N HIS A 205 -9.03 -13.91 17.57
CA HIS A 205 -7.86 -13.06 17.87
C HIS A 205 -8.15 -11.63 17.45
N SER A 206 -7.57 -10.69 18.18
CA SER A 206 -7.15 -9.39 17.65
C SER A 206 -5.84 -9.65 16.89
N THR A 207 -5.89 -9.65 15.56
CA THR A 207 -4.69 -9.82 14.72
C THR A 207 -3.83 -8.59 14.85
N THR A 208 -4.41 -7.51 15.40
CA THR A 208 -3.70 -6.27 15.73
C THR A 208 -2.46 -6.62 16.56
N LYS A 209 -2.53 -7.66 17.39
CA LYS A 209 -1.46 -7.89 18.39
C LYS A 209 -0.33 -8.70 17.77
N TYR A 210 0.07 -9.82 18.35
CA TYR A 210 1.23 -10.61 17.93
C TYR A 210 1.16 -11.11 16.48
N ILE A 211 -0.02 -11.47 15.99
CA ILE A 211 -0.07 -12.15 14.68
C ILE A 211 0.48 -11.17 13.62
N ASN A 212 -0.06 -9.95 13.57
CA ASN A 212 0.51 -8.87 12.76
C ASN A 212 1.89 -8.44 13.24
N GLY A 213 2.02 -8.08 14.50
CA GLY A 213 3.36 -7.93 15.12
C GLY A 213 3.98 -6.55 14.96
N HIS A 214 3.44 -5.70 14.09
CA HIS A 214 4.11 -4.44 13.69
C HIS A 214 3.23 -3.22 13.93
N SER A 215 2.14 -3.32 14.70
CA SER A 215 1.38 -2.13 15.13
C SER A 215 1.04 -1.22 13.93
N ASP A 216 0.67 -1.83 12.81
CA ASP A 216 0.31 -1.09 11.60
C ASP A 216 -0.90 -1.71 10.89
N VAL A 217 -1.68 -2.46 11.64
CA VAL A 217 -2.94 -3.08 11.18
C VAL A 217 -3.83 -3.22 12.42
N VAL A 218 -5.12 -2.89 12.32
CA VAL A 218 -6.14 -3.33 13.30
C VAL A 218 -6.96 -4.33 12.52
N GLY A 219 -7.15 -5.52 13.08
CA GLY A 219 -7.85 -6.64 12.50
C GLY A 219 -8.27 -7.67 13.52
N GLY A 220 -9.18 -8.55 13.11
CA GLY A 220 -9.57 -9.73 13.89
C GLY A 220 -9.57 -11.00 13.06
N ALA A 221 -9.72 -12.13 13.76
CA ALA A 221 -9.90 -13.44 13.12
C ALA A 221 -10.78 -14.31 14.00
N VAL A 222 -11.54 -15.19 13.36
CA VAL A 222 -12.33 -16.22 14.00
C VAL A 222 -12.09 -17.51 13.24
N VAL A 223 -11.75 -18.56 13.98
CA VAL A 223 -11.50 -19.91 13.44
C VAL A 223 -12.46 -20.82 14.15
N ALA A 224 -13.25 -21.54 13.41
CA ALA A 224 -14.17 -22.57 13.97
C ALA A 224 -13.56 -23.95 13.82
N ARG A 225 -13.70 -24.84 14.80
CA ARG A 225 -13.35 -26.27 14.66
C ARG A 225 -14.16 -26.85 13.52
N ASP A 226 -15.48 -26.65 13.49
CA ASP A 226 -16.42 -27.44 12.59
C ASP A 226 -16.64 -26.68 11.31
N ALA A 227 -16.69 -27.40 10.20
CA ALA A 227 -16.97 -26.83 8.86
C ALA A 227 -18.32 -26.08 8.89
N GLU A 228 -19.35 -26.59 9.56
CA GLU A 228 -20.72 -25.98 9.45
C GLU A 228 -20.69 -24.62 10.15
N LEU A 229 -20.06 -24.54 11.33
CA LEU A 229 -19.99 -23.30 12.09
C LEU A 229 -19.11 -22.29 11.31
N HIS A 230 -18.06 -22.72 10.62
CA HIS A 230 -17.22 -21.85 9.78
C HIS A 230 -18.14 -21.22 8.71
N GLN A 231 -18.95 -22.01 8.01
CA GLN A 231 -19.88 -21.52 6.96
C GLN A 231 -20.87 -20.48 7.54
N GLN A 232 -21.33 -20.66 8.77
CA GLN A 232 -22.27 -19.75 9.45
C GLN A 232 -21.51 -18.44 9.69
N LEU A 233 -20.22 -18.48 10.07
CA LEU A 233 -19.42 -17.24 10.29
C LEU A 233 -19.18 -16.52 8.95
N VAL A 234 -18.91 -17.25 7.86
CA VAL A 234 -18.71 -16.65 6.51
C VAL A 234 -20.01 -15.89 6.15
N TRP A 235 -21.15 -16.54 6.43
CA TRP A 235 -22.47 -15.98 6.05
C TRP A 235 -22.69 -14.64 6.81
N TRP A 236 -22.50 -14.64 8.10
CA TRP A 236 -22.83 -13.50 8.97
C TRP A 236 -21.83 -12.38 8.71
N ALA A 237 -20.58 -12.75 8.43
CA ALA A 237 -19.53 -11.75 8.21
C ALA A 237 -19.84 -11.00 6.92
N ASN A 238 -20.34 -11.73 5.93
CA ASN A 238 -20.79 -11.16 4.63
C ASN A 238 -22.05 -10.29 4.85
N ALA A 239 -23.04 -10.81 5.56
CA ALA A 239 -24.34 -10.10 5.65
C ALA A 239 -24.20 -8.86 6.51
N LEU A 240 -23.42 -8.91 7.59
CA LEU A 240 -23.19 -7.74 8.50
C LEU A 240 -22.14 -6.79 7.93
N GLY A 241 -21.34 -7.27 7.00
CA GLY A 241 -20.30 -6.40 6.44
C GLY A 241 -19.04 -6.17 7.31
N LEU A 242 -18.60 -7.18 8.04
CA LEU A 242 -17.56 -7.11 9.12
C LEU A 242 -16.22 -7.51 8.52
N THR A 243 -16.17 -7.99 7.30
CA THR A 243 -14.92 -8.44 6.68
C THR A 243 -13.92 -7.30 6.53
N GLY A 244 -12.66 -7.73 6.63
CA GLY A 244 -11.41 -6.94 6.58
C GLY A 244 -11.00 -6.54 5.16
N SER A 245 -10.21 -5.50 5.11
CA SER A 245 -9.51 -5.02 3.89
C SER A 245 -8.38 -5.98 3.44
N PRO A 246 -8.28 -6.26 2.13
CA PRO A 246 -7.22 -7.12 1.61
C PRO A 246 -5.81 -6.56 1.90
N PHE A 247 -5.63 -5.24 1.91
CA PHE A 247 -4.31 -4.67 2.14
C PHE A 247 -3.90 -5.08 3.56
N ASP A 248 -4.80 -4.92 4.53
CA ASP A 248 -4.55 -5.33 5.94
C ASP A 248 -4.24 -6.84 6.03
N ALA A 249 -4.91 -7.68 5.25
CA ALA A 249 -4.66 -9.14 5.24
C ALA A 249 -3.25 -9.39 4.73
N PHE A 250 -2.86 -8.69 3.70
CA PHE A 250 -1.51 -8.73 3.14
C PHE A 250 -0.49 -8.40 4.26
N LEU A 251 -0.63 -7.30 4.95
CA LEU A 251 0.39 -6.93 5.95
C LEU A 251 0.38 -7.93 7.11
N THR A 252 -0.83 -8.36 7.49
CA THR A 252 -1.02 -9.31 8.56
C THR A 252 -0.30 -10.62 8.16
N LEU A 253 -0.53 -11.15 6.96
CA LEU A 253 0.16 -12.38 6.51
C LEU A 253 1.68 -12.15 6.53
N ARG A 254 2.15 -10.99 6.11
CA ARG A 254 3.58 -10.72 6.09
C ARG A 254 4.13 -10.80 7.52
N GLY A 255 3.44 -10.15 8.43
CA GLY A 255 3.69 -10.26 9.86
C GLY A 255 3.77 -11.69 10.34
N LEU A 256 2.77 -12.51 10.04
CA LEU A 256 2.68 -13.88 10.59
C LEU A 256 4.02 -14.59 10.29
N ARG A 257 4.61 -14.26 9.16
CA ARG A 257 5.78 -15.03 8.72
C ARG A 257 6.91 -14.93 9.77
N THR A 258 6.94 -13.90 10.62
CA THR A 258 7.99 -13.76 11.66
C THR A 258 7.47 -14.04 13.08
N LEU A 259 6.22 -14.50 13.26
CA LEU A 259 5.62 -14.78 14.59
C LEU A 259 6.53 -15.68 15.46
N ASP A 260 6.94 -16.85 14.99
CA ASP A 260 7.78 -17.85 15.73
C ASP A 260 9.16 -17.20 16.04
N ALA A 261 9.81 -16.57 15.08
CA ALA A 261 11.07 -15.83 15.30
C ALA A 261 10.85 -14.70 16.30
N ARG A 262 9.81 -13.88 16.13
CA ARG A 262 9.56 -12.76 17.10
C ARG A 262 9.37 -13.35 18.51
N LEU A 263 8.59 -14.40 18.67
CA LEU A 263 8.18 -14.89 20.03
C LEU A 263 9.39 -15.46 20.78
N ARG A 264 10.39 -16.02 20.10
CA ARG A 264 11.59 -16.43 20.85
C ARG A 264 12.22 -15.21 21.53
N VAL A 265 12.30 -14.06 20.86
CA VAL A 265 13.03 -12.93 21.49
C VAL A 265 12.12 -12.34 22.56
N HIS A 266 10.82 -12.17 22.27
CA HIS A 266 9.82 -11.67 23.24
C HIS A 266 9.97 -12.43 24.57
N GLN A 267 9.98 -13.75 24.53
CA GLN A 267 9.95 -14.61 25.74
C GLN A 267 11.32 -14.58 26.40
N GLU A 268 12.40 -14.53 25.64
CA GLU A 268 13.76 -14.30 26.23
C GLU A 268 13.69 -12.98 27.00
N ASN A 269 13.21 -11.88 26.39
CA ASN A 269 13.20 -10.56 27.09
C ASN A 269 12.25 -10.61 28.29
N ALA A 270 11.08 -11.23 28.15
CA ALA A 270 10.08 -11.28 29.26
C ALA A 270 10.64 -12.03 30.46
N ASP A 271 11.38 -13.11 30.28
CA ASP A 271 11.95 -13.93 31.40
C ASP A 271 12.94 -13.02 32.14
N ALA A 272 13.80 -12.31 31.42
CA ALA A 272 14.81 -11.44 32.07
C ALA A 272 14.10 -10.30 32.82
N ILE A 273 12.95 -9.79 32.32
CA ILE A 273 12.25 -8.62 32.95
C ILE A 273 11.48 -9.07 34.18
N ALA A 274 10.83 -10.26 34.15
CA ALA A 274 10.11 -10.84 35.31
C ALA A 274 11.11 -11.02 36.46
N GLU A 275 12.26 -11.61 36.20
CA GLU A 275 13.34 -11.76 37.19
C GLU A 275 13.81 -10.41 37.80
N LEU A 276 13.95 -9.33 37.05
CA LEU A 276 14.20 -7.98 37.61
C LEU A 276 13.02 -7.55 38.46
N LEU A 277 11.79 -7.65 37.97
CA LEU A 277 10.65 -7.01 38.69
C LEU A 277 10.24 -7.77 39.97
N ASP A 278 10.35 -9.09 39.96
CA ASP A 278 9.92 -9.98 41.08
C ASP A 278 10.84 -9.88 42.32
N GLY A 279 10.26 -9.47 43.46
CA GLY A 279 10.88 -9.08 44.75
C GLY A 279 12.00 -8.01 44.66
N HIS A 280 12.12 -7.20 43.57
CA HIS A 280 12.72 -5.84 43.60
C HIS A 280 11.93 -5.02 44.65
N ALA A 281 12.64 -4.26 45.44
CA ALA A 281 12.09 -3.57 46.64
C ALA A 281 10.98 -2.61 46.24
N MET A 282 11.03 -2.03 45.03
CA MET A 282 10.00 -1.05 44.61
C MET A 282 8.78 -1.77 44.02
N VAL A 283 8.83 -3.09 43.85
CA VAL A 283 7.72 -3.83 43.20
C VAL A 283 7.00 -4.66 44.24
N ASN A 284 5.76 -4.30 44.45
CA ASN A 284 4.77 -4.91 45.36
C ASN A 284 4.30 -6.27 44.78
N GLN A 285 3.82 -6.35 43.55
CA GLN A 285 3.30 -7.60 42.94
C GLN A 285 3.62 -7.58 41.43
N VAL A 286 4.08 -8.70 40.89
CA VAL A 286 4.17 -9.00 39.44
C VAL A 286 3.13 -10.04 39.12
N TYR A 287 2.41 -9.81 38.04
CA TYR A 287 1.46 -10.76 37.45
C TYR A 287 2.10 -11.20 36.13
N PHE A 288 2.63 -12.39 36.15
CA PHE A 288 3.31 -13.02 35.02
C PHE A 288 3.22 -14.53 35.15
N PRO A 289 2.65 -15.27 34.20
CA PRO A 289 2.41 -16.69 34.43
C PRO A 289 3.68 -17.55 34.52
N GLY A 290 4.80 -17.02 34.07
CA GLY A 290 6.13 -17.68 34.16
C GLY A 290 6.69 -17.76 35.58
N LEU A 291 6.20 -16.98 36.52
CA LEU A 291 6.66 -17.07 37.93
C LEU A 291 5.93 -18.22 38.67
N ALA A 292 6.66 -19.06 39.38
CA ALA A 292 6.07 -20.22 40.11
C ALA A 292 5.07 -19.75 41.14
N THR A 293 5.17 -18.49 41.59
CA THR A 293 4.33 -17.91 42.66
C THR A 293 3.00 -17.44 42.10
N HIS A 294 2.88 -17.29 40.79
CA HIS A 294 1.66 -16.80 40.13
C HIS A 294 0.56 -17.88 40.16
N PRO A 295 -0.63 -17.53 40.74
CA PRO A 295 -1.83 -18.37 40.62
C PRO A 295 -2.13 -18.64 39.13
N GLY A 296 -2.02 -19.91 38.73
CA GLY A 296 -2.16 -20.29 37.31
C GLY A 296 -0.86 -20.74 36.65
N HIS A 297 0.31 -20.61 37.29
CA HIS A 297 1.59 -21.00 36.66
C HIS A 297 1.55 -22.44 36.12
N ALA A 298 1.13 -23.44 36.94
CA ALA A 298 1.24 -24.87 36.54
C ALA A 298 0.24 -25.12 35.41
N LEU A 299 -0.94 -24.54 35.47
CA LEU A 299 -1.89 -24.59 34.36
C LEU A 299 -1.25 -24.01 33.09
N ALA A 300 -0.60 -22.85 33.17
CA ALA A 300 -0.11 -22.19 31.95
C ALA A 300 1.00 -23.06 31.38
N ALA A 301 1.81 -23.69 32.24
CA ALA A 301 2.94 -24.57 31.81
C ALA A 301 2.35 -25.79 31.13
N ARG A 302 1.13 -26.22 31.48
CA ARG A 302 0.51 -27.41 30.85
C ARG A 302 -0.15 -27.05 29.49
N GLN A 303 -0.95 -25.98 29.46
CA GLN A 303 -1.88 -25.70 28.35
C GLN A 303 -1.27 -24.68 27.36
N GLN A 304 -0.06 -24.16 27.64
CA GLN A 304 0.67 -23.18 26.80
C GLN A 304 2.05 -23.80 26.49
N LYS A 305 2.63 -23.42 25.38
CA LYS A 305 3.97 -23.82 24.88
C LYS A 305 5.00 -22.75 25.33
N GLY A 306 4.55 -21.63 25.91
CA GLY A 306 5.44 -20.68 26.62
C GLY A 306 4.63 -19.72 27.42
N PHE A 307 5.30 -18.95 28.25
CA PHE A 307 4.59 -18.03 29.18
C PHE A 307 4.31 -16.63 28.59
N GLY A 308 4.78 -16.35 27.37
CA GLY A 308 4.45 -15.11 26.69
C GLY A 308 5.33 -13.96 27.09
N ALA A 309 4.87 -12.75 26.80
CA ALA A 309 5.64 -11.51 27.00
C ALA A 309 4.72 -10.40 27.46
N MET A 310 3.52 -10.74 27.88
CA MET A 310 2.71 -9.73 28.59
C MET A 310 2.90 -9.94 30.10
N MET A 311 2.95 -8.85 30.86
CA MET A 311 2.96 -8.93 32.34
C MET A 311 2.50 -7.58 32.88
N SER A 312 2.00 -7.63 34.09
CA SER A 312 1.64 -6.37 34.79
C SER A 312 2.15 -6.41 36.23
N PHE A 313 2.24 -5.25 36.82
CA PHE A 313 2.94 -5.06 38.10
C PHE A 313 2.38 -3.82 38.80
N GLU A 314 2.56 -3.80 40.13
CA GLU A 314 2.11 -2.75 41.08
C GLU A 314 3.41 -2.27 41.75
N LEU A 315 3.67 -0.99 41.66
CA LEU A 315 4.77 -0.29 42.32
C LEU A 315 4.37 0.04 43.77
N GLU A 316 5.32 0.06 44.70
CA GLU A 316 5.23 0.76 46.02
C GLU A 316 5.13 2.25 45.70
N GLY A 317 4.42 3.08 46.51
CA GLY A 317 4.57 4.55 46.47
C GLY A 317 3.42 5.29 45.80
N GLY A 318 2.29 4.59 45.56
CA GLY A 318 1.07 5.21 45.03
C GLY A 318 1.31 5.94 43.72
N GLU A 319 0.48 6.93 43.43
CA GLU A 319 0.36 7.56 42.11
C GLU A 319 1.67 8.30 41.76
N ALA A 320 2.34 8.89 42.75
CA ALA A 320 3.59 9.68 42.52
C ALA A 320 4.65 8.70 41.96
N ALA A 321 4.69 7.46 42.47
CA ALA A 321 5.72 6.50 42.04
C ALA A 321 5.47 6.07 40.57
N VAL A 322 4.20 5.83 40.21
CA VAL A 322 3.72 5.50 38.83
C VAL A 322 4.15 6.60 37.87
N ARG A 323 3.80 7.86 38.16
CA ARG A 323 4.09 9.07 37.34
C ARG A 323 5.61 9.14 37.17
N ALA A 324 6.39 8.89 38.21
CA ALA A 324 7.86 9.05 38.06
C ALA A 324 8.45 7.85 37.26
N PHE A 325 7.90 6.63 37.45
CA PHE A 325 8.35 5.44 36.70
C PHE A 325 8.09 5.69 35.21
N VAL A 326 6.92 6.19 34.87
CA VAL A 326 6.49 6.23 33.43
C VAL A 326 7.20 7.36 32.66
N ASP A 327 7.35 8.52 33.28
CA ASP A 327 7.91 9.74 32.63
C ASP A 327 9.42 9.61 32.67
N GLY A 328 10.06 9.46 31.50
CA GLY A 328 11.49 9.16 31.33
C GLY A 328 11.71 7.80 30.68
N LEU A 329 10.73 6.89 30.53
CA LEU A 329 10.96 5.61 29.78
C LEU A 329 11.34 5.97 28.34
N ARG A 330 12.50 5.48 27.87
CA ARG A 330 13.02 5.72 26.50
C ARG A 330 12.55 4.61 25.57
N TYR A 331 12.35 3.35 26.02
CA TYR A 331 12.16 2.16 25.15
C TYR A 331 10.78 1.57 25.30
N PHE A 332 10.03 1.98 26.30
CA PHE A 332 8.65 1.51 26.57
C PHE A 332 7.79 2.75 26.26
N THR A 333 7.15 2.76 25.09
CA THR A 333 6.25 3.82 24.70
C THR A 333 4.92 3.66 25.45
N LEU A 334 4.49 4.74 26.07
CA LEU A 334 3.20 4.82 26.76
C LEU A 334 2.16 4.92 25.67
N ALA A 335 1.49 3.80 25.46
CA ALA A 335 0.48 3.63 24.40
C ALA A 335 -0.42 2.44 24.67
N GLU A 336 -1.55 2.45 24.02
CA GLU A 336 -2.40 1.24 23.92
C GLU A 336 -1.80 0.19 22.99
N SER A 337 -2.40 -0.99 23.07
CA SER A 337 -2.12 -2.16 22.23
C SER A 337 -0.95 -2.99 22.81
N LEU A 338 -0.52 -4.02 22.08
CA LEU A 338 0.40 -5.01 22.64
C LEU A 338 0.78 -5.92 21.48
N GLY A 339 1.79 -6.75 21.69
CA GLY A 339 2.20 -7.77 20.73
C GLY A 339 3.01 -7.24 19.58
N GLY A 340 3.38 -5.97 19.63
CA GLY A 340 4.25 -5.39 18.58
C GLY A 340 5.74 -5.67 18.88
N VAL A 341 6.59 -5.57 17.88
CA VAL A 341 8.06 -5.67 18.05
C VAL A 341 8.56 -4.53 18.97
N GLU A 342 7.85 -3.41 19.04
CA GLU A 342 8.25 -2.27 19.92
C GLU A 342 7.67 -2.52 21.32
N SER A 343 8.46 -2.36 22.36
CA SER A 343 7.95 -2.47 23.74
C SER A 343 6.96 -1.34 24.05
N LEU A 344 5.91 -1.65 24.82
CA LEU A 344 4.87 -0.68 25.23
C LEU A 344 4.60 -0.76 26.71
N ILE A 345 4.10 0.35 27.24
CA ILE A 345 3.56 0.34 28.63
C ILE A 345 2.15 0.97 28.61
N ALA A 346 1.24 0.42 29.38
CA ALA A 346 -0.09 1.01 29.57
C ALA A 346 -0.48 1.04 31.05
N HIS A 347 -1.40 1.93 31.38
CA HIS A 347 -2.05 2.08 32.71
C HIS A 347 -3.52 1.71 32.52
N PRO A 348 -3.89 0.42 32.78
CA PRO A 348 -5.22 -0.07 32.36
C PRO A 348 -6.39 0.76 32.87
N ALA A 349 -6.30 1.35 34.07
CA ALA A 349 -7.43 2.11 34.71
C ALA A 349 -7.89 3.30 33.82
N SER A 350 -6.93 4.04 33.24
CA SER A 350 -7.11 5.26 32.42
C SER A 350 -6.96 4.95 30.90
N MET A 351 -6.57 3.74 30.50
CA MET A 351 -6.25 3.44 29.08
C MET A 351 -7.09 2.22 28.61
N THR A 352 -6.52 1.03 28.67
CA THR A 352 -7.11 -0.19 28.08
C THR A 352 -8.45 -0.55 28.77
N HIS A 353 -8.68 -0.15 30.02
CA HIS A 353 -9.85 -0.65 30.76
C HIS A 353 -10.62 0.58 31.24
N ALA A 354 -10.32 1.74 30.68
CA ALA A 354 -11.09 3.01 30.89
C ALA A 354 -12.58 2.83 30.50
N ALA A 355 -12.89 1.93 29.55
CA ALA A 355 -14.27 1.60 29.07
C ALA A 355 -15.07 0.92 30.21
N MET A 356 -14.42 0.28 31.18
CA MET A 356 -15.13 -0.38 32.31
C MET A 356 -15.54 0.71 33.30
N THR A 357 -16.64 0.52 34.02
CA THR A 357 -16.95 1.33 35.25
C THR A 357 -15.85 1.01 36.32
N ALA A 358 -15.59 1.95 37.24
CA ALA A 358 -14.78 1.70 38.46
C ALA A 358 -15.27 0.40 39.16
N GLU A 359 -16.57 0.14 39.22
CA GLU A 359 -17.14 -1.05 39.94
C GLU A 359 -16.66 -2.36 39.25
N ALA A 360 -16.75 -2.43 37.91
CA ALA A 360 -16.33 -3.60 37.08
C ALA A 360 -14.80 -3.83 37.20
N ARG A 361 -14.01 -2.77 37.27
CA ARG A 361 -12.54 -2.88 37.44
C ARG A 361 -12.24 -3.48 38.83
N ALA A 362 -12.94 -3.01 39.89
CA ALA A 362 -12.70 -3.41 41.30
C ALA A 362 -13.08 -4.89 41.40
N ALA A 363 -14.19 -5.31 40.77
CA ALA A 363 -14.63 -6.74 40.78
C ALA A 363 -13.60 -7.60 40.02
N ALA A 364 -12.96 -7.04 38.98
CA ALA A 364 -11.89 -7.72 38.20
C ALA A 364 -10.56 -7.73 38.98
N GLY A 365 -10.34 -6.83 39.96
CA GLY A 365 -9.07 -6.65 40.74
C GLY A 365 -8.01 -5.84 39.99
N ILE A 366 -8.43 -4.92 39.13
CA ILE A 366 -7.55 -3.97 38.40
C ILE A 366 -7.43 -2.70 39.26
N SER A 367 -6.31 -2.49 39.92
CA SER A 367 -6.12 -1.30 40.78
C SER A 367 -5.79 -0.11 39.91
N ASP A 368 -5.89 1.06 40.55
CA ASP A 368 -5.46 2.37 40.00
C ASP A 368 -3.91 2.42 39.83
N GLY A 369 -3.17 1.54 40.48
CA GLY A 369 -1.69 1.50 40.45
C GLY A 369 -1.17 0.53 39.38
N LEU A 370 -2.02 -0.21 38.70
CA LEU A 370 -1.51 -1.33 37.84
C LEU A 370 -0.91 -0.75 36.55
N LEU A 371 0.33 -1.18 36.26
CA LEU A 371 1.00 -1.00 34.94
C LEU A 371 1.11 -2.34 34.22
N ARG A 372 0.89 -2.32 32.90
CA ARG A 372 1.02 -3.47 31.98
C ARG A 372 2.15 -3.23 30.99
N LEU A 373 3.03 -4.23 30.84
CA LEU A 373 4.12 -4.17 29.87
C LEU A 373 3.79 -5.09 28.73
N SER A 374 3.94 -4.61 27.49
CA SER A 374 4.06 -5.46 26.28
C SER A 374 5.54 -5.45 25.93
N ILE A 375 6.22 -6.54 26.21
CA ILE A 375 7.69 -6.59 26.01
C ILE A 375 7.93 -6.95 24.57
N GLY A 376 8.68 -6.10 23.91
CA GLY A 376 9.09 -6.22 22.50
C GLY A 376 10.34 -7.09 22.37
N ILE A 377 11.03 -6.89 21.24
CA ILE A 377 12.16 -7.72 20.78
C ILE A 377 13.43 -6.90 20.70
N GLU A 378 13.45 -5.75 21.37
CA GLU A 378 14.69 -4.98 21.51
C GLU A 378 15.71 -5.84 22.35
N SER A 379 16.94 -5.43 22.44
CA SER A 379 17.92 -6.09 23.34
C SER A 379 17.46 -6.02 24.81
N ALA A 380 17.44 -7.17 25.44
CA ALA A 380 17.20 -7.35 26.89
C ALA A 380 17.94 -6.26 27.66
N GLU A 381 19.22 -6.11 27.36
CA GLU A 381 20.02 -5.17 28.16
C GLU A 381 19.39 -3.77 28.08
N ASP A 382 19.02 -3.28 26.89
CA ASP A 382 18.52 -1.88 26.81
C ASP A 382 17.17 -1.79 27.54
N LEU A 383 16.31 -2.82 27.44
CA LEU A 383 15.02 -2.78 28.15
C LEU A 383 15.28 -2.79 29.67
N LEU A 384 16.26 -3.55 30.13
CA LEU A 384 16.50 -3.71 31.59
C LEU A 384 17.03 -2.39 32.15
N ILE A 385 17.96 -1.75 31.45
CA ILE A 385 18.47 -0.41 31.85
C ILE A 385 17.29 0.55 31.98
N ASP A 386 16.41 0.54 31.01
CA ASP A 386 15.26 1.49 30.95
C ASP A 386 14.38 1.24 32.18
N LEU A 387 14.09 -0.02 32.49
CA LEU A 387 13.25 -0.40 33.66
C LEU A 387 13.94 -0.08 34.98
N ARG A 388 15.24 -0.35 35.15
CA ARG A 388 16.02 0.05 36.36
C ARG A 388 15.94 1.56 36.56
N ALA A 389 16.06 2.36 35.52
CA ALA A 389 16.07 3.84 35.71
C ALA A 389 14.66 4.24 36.20
N GLY A 390 13.63 3.56 35.71
CA GLY A 390 12.25 3.85 36.13
C GLY A 390 12.03 3.45 37.59
N LEU A 391 12.65 2.36 38.01
CA LEU A 391 12.53 1.89 39.42
C LEU A 391 13.22 2.89 40.35
N SER A 392 14.39 3.43 39.97
CA SER A 392 15.04 4.57 40.71
C SER A 392 14.15 5.77 40.79
N ARG A 393 13.55 6.22 39.69
CA ARG A 393 12.77 7.47 39.73
C ARG A 393 11.63 7.20 40.70
N ALA A 394 11.08 5.99 40.67
CA ALA A 394 9.98 5.61 41.58
C ALA A 394 10.49 5.67 43.04
N GLU A 395 11.63 5.06 43.34
CA GLU A 395 12.24 5.06 44.70
C GLU A 395 12.53 6.50 45.17
N ALA A 396 13.06 7.39 44.34
CA ALA A 396 13.30 8.80 44.70
C ALA A 396 12.00 9.53 45.12
N THR A 397 10.79 9.03 44.88
CA THR A 397 9.54 9.70 45.37
C THR A 397 9.18 9.24 46.79
N LEU A 398 9.85 8.30 47.46
CA LEU A 398 9.72 8.12 48.95
C LEU A 398 10.78 8.97 49.69
N THR B 12 -15.34 33.44 1.91
CA THR B 12 -16.44 32.62 1.23
C THR B 12 -16.04 31.12 1.34
N PRO B 13 -16.99 30.18 1.27
CA PRO B 13 -16.60 28.77 1.24
C PRO B 13 -16.33 28.42 -0.24
N CYS B 14 -15.58 27.36 -0.46
CA CYS B 14 -15.38 26.72 -1.78
C CYS B 14 -16.64 25.90 -2.14
N THR B 15 -16.80 25.51 -3.39
CA THR B 15 -17.77 24.49 -3.81
C THR B 15 -17.37 23.09 -3.32
N ALA B 16 -18.35 22.19 -3.45
CA ALA B 16 -18.30 20.75 -3.13
C ALA B 16 -17.14 20.11 -3.93
N ALA B 17 -17.05 20.42 -5.22
CA ALA B 17 -16.01 19.93 -6.13
C ALA B 17 -14.61 20.37 -5.63
N THR B 18 -14.43 21.61 -5.20
CA THR B 18 -13.16 22.13 -4.69
C THR B 18 -12.85 21.35 -3.42
N ALA B 19 -13.83 21.18 -2.57
CA ALA B 19 -13.57 20.56 -1.25
C ALA B 19 -13.16 19.10 -1.42
N ALA B 20 -13.80 18.38 -2.33
CA ALA B 20 -13.46 16.95 -2.65
C ALA B 20 -12.01 16.91 -3.22
N VAL B 21 -11.67 17.84 -4.11
CA VAL B 21 -10.35 17.80 -4.77
C VAL B 21 -9.26 18.07 -3.72
N ARG B 22 -9.51 18.95 -2.77
CA ARG B 22 -8.52 19.46 -1.80
C ARG B 22 -8.64 18.88 -0.41
N ALA B 23 -9.39 17.78 -0.21
CA ALA B 23 -9.54 17.19 1.13
C ALA B 23 -8.18 16.61 1.57
N GLY B 24 -7.63 17.19 2.62
CA GLY B 24 -6.36 16.72 3.20
C GLY B 24 -5.13 17.23 2.44
N ILE B 25 -5.32 18.19 1.56
CA ILE B 25 -4.22 18.78 0.78
C ILE B 25 -3.56 19.82 1.66
N ASP B 26 -2.23 19.80 1.74
CA ASP B 26 -1.53 20.80 2.57
C ASP B 26 -2.13 20.78 3.98
N ARG B 27 -2.39 19.59 4.57
CA ARG B 27 -2.77 19.47 6.00
C ARG B 27 -1.86 18.53 6.79
N ASP B 28 -0.58 18.43 6.45
CA ASP B 28 0.42 17.65 7.21
C ASP B 28 1.30 18.62 8.00
N THR B 29 1.15 18.68 9.32
CA THR B 29 1.93 19.60 10.18
C THR B 29 3.39 19.05 10.26
N ALA B 30 3.66 17.76 9.99
CA ALA B 30 5.03 17.21 10.19
C ALA B 30 6.02 17.79 9.14
N TYR B 31 5.69 17.76 7.83
CA TYR B 31 6.63 17.96 6.72
C TYR B 31 6.02 18.92 5.70
N GLY B 32 4.74 19.27 5.81
CA GLY B 32 4.05 20.04 4.75
C GLY B 32 3.81 19.22 3.49
N ALA B 33 3.68 17.93 3.62
CA ALA B 33 3.32 17.08 2.46
C ALA B 33 2.07 17.68 1.83
N VAL B 34 2.05 17.74 0.52
CA VAL B 34 0.87 18.31 -0.15
C VAL B 34 -0.25 17.26 0.01
N THR B 35 0.08 16.02 -0.25
CA THR B 35 -0.91 14.88 -0.31
C THR B 35 -0.82 14.16 1.05
N PRO B 36 -1.93 13.82 1.76
CA PRO B 36 -1.89 13.39 3.17
C PRO B 36 -1.13 12.07 3.38
N PRO B 37 -0.35 11.95 4.47
CA PRO B 37 0.41 10.71 4.72
C PRO B 37 -0.54 9.59 5.13
N ILE B 38 -0.18 8.35 4.87
CA ILE B 38 -1.02 7.22 5.34
C ILE B 38 -0.62 6.87 6.77
N VAL B 39 -1.52 7.09 7.73
CA VAL B 39 -1.24 6.74 9.15
C VAL B 39 -1.82 5.35 9.42
N LEU B 40 -1.03 4.32 9.16
CA LEU B 40 -1.44 2.88 9.36
C LEU B 40 -1.42 2.51 10.84
N SER B 41 -0.62 3.20 11.64
CA SER B 41 -0.37 2.88 13.06
C SER B 41 -1.64 2.48 13.78
N SER B 42 -1.59 1.31 14.42
CA SER B 42 -2.70 0.88 15.33
C SER B 42 -2.79 1.86 16.51
N ASN B 43 -1.65 2.29 17.00
CA ASN B 43 -1.56 3.00 18.28
C ASN B 43 -0.82 4.33 18.12
N PHE B 44 -1.00 5.20 19.10
CA PHE B 44 -0.49 6.60 19.18
C PHE B 44 0.04 6.78 20.63
N SER B 45 1.24 7.31 20.81
CA SER B 45 1.80 7.67 22.13
C SER B 45 0.85 8.62 22.88
N PHE B 46 0.80 8.42 24.20
CA PHE B 46 0.38 9.46 25.16
C PHE B 46 1.54 10.46 25.31
N ASP B 47 1.17 11.69 25.64
CA ASP B 47 2.05 12.87 25.84
C ASP B 47 2.34 12.96 27.33
N GLY B 48 3.06 11.97 27.86
CA GLY B 48 3.17 11.71 29.30
C GLY B 48 1.91 11.11 29.92
N PHE B 49 2.07 10.56 31.13
CA PHE B 49 1.06 9.84 31.93
C PHE B 49 -0.20 10.72 32.04
N GLY B 50 -1.37 10.15 31.73
CA GLY B 50 -2.72 10.72 31.84
C GLY B 50 -3.11 11.66 30.69
N ASN B 51 -2.26 11.88 29.68
CA ASN B 51 -2.46 12.88 28.60
C ASN B 51 -2.64 12.20 27.25
N LYS B 52 -3.83 11.69 27.04
CA LYS B 52 -4.26 11.17 25.74
C LYS B 52 -4.04 12.31 24.71
N ARG B 53 -3.39 12.04 23.59
CA ARG B 53 -3.42 12.97 22.42
C ARG B 53 -4.83 12.96 21.80
N GLN B 54 -5.01 13.66 20.68
CA GLN B 54 -6.26 13.65 19.89
C GLN B 54 -6.56 12.18 19.48
N TYR B 55 -5.60 11.38 19.05
CA TYR B 55 -5.82 9.96 18.65
C TYR B 55 -5.10 9.05 19.67
N ASP B 56 -5.61 7.83 19.85
CA ASP B 56 -5.05 6.89 20.84
C ASP B 56 -4.99 5.50 20.20
N TYR B 57 -6.05 5.10 19.49
CA TYR B 57 -6.21 3.76 18.92
C TYR B 57 -7.07 3.82 17.67
N THR B 58 -6.57 3.18 16.62
CA THR B 58 -7.08 3.29 15.22
C THR B 58 -8.52 2.73 15.10
N ARG B 59 -8.94 1.73 15.88
CA ARG B 59 -10.36 1.26 15.83
C ARG B 59 -11.28 2.41 16.28
N SER B 60 -10.88 3.20 17.28
CA SER B 60 -11.65 4.32 17.86
C SER B 60 -11.58 5.57 16.96
N GLY B 61 -10.42 5.86 16.39
CA GLY B 61 -10.18 7.12 15.62
C GLY B 61 -8.85 7.03 14.95
N ASN B 62 -8.77 7.46 13.70
CA ASN B 62 -7.48 7.50 12.97
C ASN B 62 -7.51 8.67 12.00
N PRO B 63 -6.42 9.42 11.88
CA PRO B 63 -6.49 10.69 11.19
C PRO B 63 -6.73 10.47 9.70
N THR B 64 -6.11 9.46 9.09
CA THR B 64 -6.36 9.25 7.65
C THR B 64 -7.85 8.93 7.43
N ARG B 65 -8.44 8.09 8.26
CA ARG B 65 -9.85 7.77 8.09
C ARG B 65 -10.72 9.01 8.34
N ASP B 66 -10.32 9.85 9.32
CA ASP B 66 -11.09 11.10 9.63
C ASP B 66 -11.01 12.08 8.48
N LEU B 67 -9.96 12.10 7.66
CA LEU B 67 -9.97 13.05 6.50
C LEU B 67 -11.15 12.64 5.61
N LEU B 68 -11.28 11.36 5.32
CA LEU B 68 -12.41 10.88 4.50
C LEU B 68 -13.74 11.17 5.21
N GLY B 69 -13.87 10.85 6.50
CA GLY B 69 -15.09 11.17 7.25
C GLY B 69 -15.47 12.65 7.14
N GLU B 70 -14.52 13.52 7.37
CA GLU B 70 -14.72 14.98 7.40
C GLU B 70 -15.04 15.42 5.96
N ALA B 71 -14.43 14.84 4.94
CA ALA B 71 -14.69 15.23 3.55
C ALA B 71 -16.12 14.81 3.18
N LEU B 72 -16.58 13.60 3.50
CA LEU B 72 -17.96 13.17 3.15
C LEU B 72 -18.97 14.00 3.97
N ALA B 73 -18.60 14.47 5.15
CA ALA B 73 -19.50 15.30 5.99
C ALA B 73 -19.65 16.69 5.40
N GLU B 74 -18.56 17.23 4.90
CA GLU B 74 -18.63 18.50 4.19
C GLU B 74 -19.50 18.37 2.93
N LEU B 75 -19.26 17.38 2.12
CA LEU B 75 -20.04 17.16 0.88
C LEU B 75 -21.53 16.93 1.16
N GLU B 76 -21.92 16.23 2.25
CA GLU B 76 -23.34 15.89 2.56
C GLU B 76 -24.00 16.98 3.42
N GLY B 77 -23.25 17.91 4.02
CA GLY B 77 -23.74 18.93 4.96
C GLY B 77 -24.03 18.31 6.31
N GLY B 78 -23.12 17.50 6.89
CA GLY B 78 -23.42 16.87 8.16
C GLY B 78 -22.49 17.34 9.25
N ALA B 79 -22.67 16.85 10.44
CA ALA B 79 -21.81 17.27 11.57
C ALA B 79 -20.52 16.42 11.64
N GLY B 80 -20.50 15.26 11.02
CA GLY B 80 -19.30 14.39 10.97
C GLY B 80 -19.62 13.09 10.21
N GLY B 81 -18.61 12.25 9.98
CA GLY B 81 -18.71 11.02 9.20
C GLY B 81 -17.96 9.92 9.90
N VAL B 82 -18.50 8.69 9.82
CA VAL B 82 -17.82 7.45 10.28
C VAL B 82 -17.62 6.54 9.07
N ILE B 83 -16.41 5.98 8.94
CA ILE B 83 -15.95 5.16 7.81
C ILE B 83 -15.89 3.74 8.31
N THR B 84 -16.69 2.86 7.72
CA THR B 84 -16.82 1.43 8.15
C THR B 84 -16.07 0.54 7.15
N SER B 85 -15.82 -0.73 7.45
CA SER B 85 -15.07 -1.67 6.58
C SER B 85 -15.84 -1.95 5.27
N THR B 86 -17.17 -1.86 5.28
CA THR B 86 -18.05 -2.14 4.11
C THR B 86 -19.28 -1.23 4.17
N GLY B 87 -19.96 -1.06 3.06
CA GLY B 87 -21.27 -0.43 3.02
C GLY B 87 -22.27 -1.20 3.84
N MET B 88 -22.28 -2.53 3.74
CA MET B 88 -23.21 -3.27 4.64
C MET B 88 -22.93 -2.88 6.09
N GLY B 89 -21.66 -2.72 6.44
CA GLY B 89 -21.25 -2.32 7.77
C GLY B 89 -21.79 -0.97 8.16
N ALA B 90 -21.95 -0.05 7.19
CA ALA B 90 -22.49 1.27 7.50
C ALA B 90 -23.99 1.08 7.86
N ILE B 91 -24.70 0.27 7.09
CA ILE B 91 -26.12 -0.02 7.42
C ILE B 91 -26.17 -0.69 8.81
N ASN B 92 -25.34 -1.67 9.01
CA ASN B 92 -25.27 -2.38 10.31
C ASN B 92 -25.03 -1.36 11.44
N LEU B 93 -24.10 -0.45 11.26
CA LEU B 93 -23.79 0.55 12.29
C LEU B 93 -25.07 1.30 12.62
N VAL B 94 -25.82 1.79 11.62
CA VAL B 94 -27.06 2.54 11.87
C VAL B 94 -28.11 1.70 12.61
N LEU B 95 -28.32 0.43 12.25
CA LEU B 95 -29.32 -0.43 12.95
C LEU B 95 -28.95 -0.64 14.42
N ASN B 96 -27.69 -0.91 14.75
CA ASN B 96 -27.20 -1.06 16.12
C ASN B 96 -27.23 0.28 16.84
N ALA B 97 -26.87 1.40 16.24
CA ALA B 97 -26.87 2.64 17.04
C ALA B 97 -28.30 3.09 17.39
N VAL B 98 -29.22 2.90 16.48
CA VAL B 98 -30.53 3.64 16.55
C VAL B 98 -31.64 2.75 17.16
N LEU B 99 -31.61 1.44 16.93
CA LEU B 99 -32.73 0.48 17.19
C LEU B 99 -32.41 -0.46 18.35
N GLN B 100 -33.46 -0.94 19.02
CA GLN B 100 -33.44 -2.01 20.05
C GLN B 100 -34.71 -2.81 19.93
N PRO B 101 -34.75 -4.03 20.51
CA PRO B 101 -35.95 -4.89 20.47
C PRO B 101 -37.22 -4.12 20.83
N GLY B 102 -38.30 -4.32 20.07
CA GLY B 102 -39.53 -3.56 20.32
C GLY B 102 -39.64 -2.33 19.44
N ASP B 103 -38.55 -1.72 18.96
CA ASP B 103 -38.61 -0.59 17.99
C ASP B 103 -38.99 -1.14 16.61
N THR B 104 -39.69 -0.38 15.79
CA THR B 104 -39.94 -0.93 14.44
C THR B 104 -39.12 -0.08 13.42
N LEU B 105 -38.69 -0.76 12.37
CA LEU B 105 -37.93 -0.22 11.21
C LEU B 105 -38.81 -0.32 9.97
N VAL B 106 -38.84 0.75 9.20
CA VAL B 106 -39.46 0.74 7.85
C VAL B 106 -38.34 0.79 6.80
N VAL B 107 -38.37 -0.13 5.87
CA VAL B 107 -37.40 -0.25 4.75
C VAL B 107 -38.19 -0.32 3.45
N PRO B 108 -37.56 0.04 2.32
CA PRO B 108 -38.20 -0.07 1.02
C PRO B 108 -38.28 -1.51 0.52
N HIS B 109 -39.29 -1.83 -0.29
CA HIS B 109 -39.49 -3.19 -0.88
C HIS B 109 -38.38 -3.50 -1.88
N ASP B 110 -37.86 -2.50 -2.58
CA ASP B 110 -36.89 -2.70 -3.69
C ASP B 110 -35.47 -2.22 -3.34
N ALA B 111 -35.12 -2.30 -2.08
CA ALA B 111 -33.75 -1.98 -1.63
C ALA B 111 -32.81 -3.04 -2.18
N TYR B 112 -31.52 -2.71 -2.22
CA TYR B 112 -30.42 -3.64 -2.48
C TYR B 112 -30.67 -4.95 -1.73
N GLY B 113 -30.57 -6.05 -2.47
CA GLY B 113 -30.73 -7.41 -1.98
C GLY B 113 -29.95 -7.72 -0.72
N GLY B 114 -28.72 -7.23 -0.55
CA GLY B 114 -27.96 -7.44 0.69
C GLY B 114 -28.52 -6.62 1.84
N SER B 115 -29.21 -5.54 1.53
CA SER B 115 -29.93 -4.78 2.58
C SER B 115 -31.11 -5.67 3.03
N TRP B 116 -31.95 -6.08 2.06
CA TRP B 116 -33.08 -7.02 2.29
C TRP B 116 -32.49 -8.17 3.17
N ARG B 117 -31.34 -8.74 2.84
CA ARG B 117 -30.85 -9.94 3.57
C ARG B 117 -30.60 -9.59 5.06
N LEU B 118 -30.03 -8.43 5.34
CA LEU B 118 -29.65 -8.05 6.70
C LEU B 118 -30.93 -7.67 7.47
N PHE B 119 -31.76 -6.81 6.89
CA PHE B 119 -33.04 -6.47 7.57
C PHE B 119 -33.75 -7.77 8.03
N ASN B 120 -33.88 -8.74 7.15
CA ASN B 120 -34.74 -9.94 7.32
C ASN B 120 -34.04 -10.85 8.32
N ALA B 121 -32.69 -10.96 8.31
CA ALA B 121 -31.99 -11.85 9.26
C ALA B 121 -32.09 -11.24 10.67
N LEU B 122 -31.92 -9.92 10.82
CA LEU B 122 -31.89 -9.30 12.17
C LEU B 122 -33.33 -9.23 12.70
N ALA B 123 -34.34 -9.03 11.85
CA ALA B 123 -35.78 -9.11 12.28
C ALA B 123 -36.15 -10.56 12.70
N LYS B 124 -35.75 -11.62 12.00
CA LYS B 124 -36.06 -12.99 12.42
C LYS B 124 -35.51 -13.21 13.84
N LYS B 125 -34.36 -12.68 14.19
CA LYS B 125 -33.80 -12.77 15.55
C LYS B 125 -34.55 -11.89 16.56
N GLY B 126 -35.43 -10.99 16.15
CA GLY B 126 -36.12 -10.08 17.07
C GLY B 126 -35.26 -8.91 17.53
N HIS B 127 -34.30 -8.42 16.73
CA HIS B 127 -33.56 -7.18 17.10
C HIS B 127 -34.48 -5.98 16.92
N PHE B 128 -35.47 -6.10 16.03
CA PHE B 128 -36.51 -5.06 15.79
C PHE B 128 -37.64 -5.71 14.98
N ALA B 129 -38.78 -5.06 14.95
CA ALA B 129 -39.85 -5.46 14.04
C ALA B 129 -39.60 -4.71 12.72
N LEU B 130 -39.90 -5.37 11.63
CA LEU B 130 -39.62 -4.93 10.26
C LEU B 130 -40.95 -4.63 9.56
N ILE B 131 -41.08 -3.47 8.93
CA ILE B 131 -42.14 -3.22 7.93
C ILE B 131 -41.45 -2.94 6.60
N THR B 132 -41.80 -3.76 5.63
CA THR B 132 -41.26 -3.70 4.28
C THR B 132 -42.35 -2.99 3.42
N ALA B 133 -42.09 -1.78 2.95
CA ALA B 133 -43.11 -0.92 2.30
C ALA B 133 -42.62 -0.38 0.96
N ASP B 134 -43.56 0.03 0.10
CA ASP B 134 -43.28 0.74 -1.16
C ASP B 134 -43.32 2.24 -0.85
N LEU B 135 -42.17 2.91 -0.73
CA LEU B 135 -42.24 4.29 -0.17
C LEU B 135 -42.70 5.31 -1.23
N THR B 136 -42.90 4.88 -2.47
CA THR B 136 -43.34 5.74 -3.61
C THR B 136 -44.86 5.73 -3.69
N VAL B 137 -45.54 4.82 -2.99
CA VAL B 137 -47.03 4.74 -2.94
C VAL B 137 -47.49 5.33 -1.62
N PRO B 138 -48.18 6.48 -1.59
CA PRO B 138 -48.58 7.16 -0.33
C PRO B 138 -49.32 6.30 0.70
N ARG B 139 -50.20 5.44 0.22
CA ARG B 139 -50.99 4.50 1.03
C ARG B 139 -50.00 3.61 1.82
N SER B 140 -49.11 2.88 1.11
CA SER B 140 -48.12 1.93 1.68
C SER B 140 -47.23 2.66 2.72
N LEU B 141 -46.82 3.87 2.39
CA LEU B 141 -46.10 4.75 3.33
C LEU B 141 -46.95 5.05 4.57
N ALA B 142 -48.14 5.65 4.42
CA ALA B 142 -48.97 6.13 5.56
C ALA B 142 -49.31 4.97 6.52
N ASP B 143 -49.58 3.79 6.01
CA ASP B 143 -49.79 2.52 6.79
C ASP B 143 -48.52 2.13 7.55
N ALA B 144 -47.35 2.28 6.98
CA ALA B 144 -46.08 2.02 7.70
C ALA B 144 -45.82 3.07 8.81
N LEU B 145 -46.02 4.34 8.52
CA LEU B 145 -45.79 5.43 9.51
C LEU B 145 -46.81 5.40 10.67
N ALA B 146 -47.97 4.81 10.45
CA ALA B 146 -49.06 4.78 11.45
C ALA B 146 -48.69 3.68 12.45
N GLN B 147 -47.64 2.90 12.21
CA GLN B 147 -47.15 1.91 13.21
C GLN B 147 -46.03 2.46 14.08
N SER B 148 -45.85 3.79 14.15
CA SER B 148 -44.88 4.48 15.06
C SER B 148 -43.45 3.93 14.97
N PRO B 149 -42.77 3.95 13.80
CA PRO B 149 -41.44 3.34 13.69
C PRO B 149 -40.36 4.23 14.29
N LYS B 150 -39.22 3.69 14.75
CA LYS B 150 -38.11 4.52 15.29
C LYS B 150 -37.35 5.07 14.09
N LEU B 151 -37.32 4.34 12.97
CA LEU B 151 -36.41 4.59 11.83
C LEU B 151 -37.08 4.20 10.56
N VAL B 152 -36.92 5.07 9.56
CA VAL B 152 -37.30 4.80 8.15
C VAL B 152 -36.03 4.87 7.30
N LEU B 153 -35.76 3.82 6.51
CA LEU B 153 -34.65 3.84 5.56
C LEU B 153 -35.22 4.06 4.15
N ILE B 154 -34.65 5.02 3.44
CA ILE B 154 -34.93 5.31 2.01
C ILE B 154 -33.70 4.93 1.20
N GLU B 155 -33.89 4.27 0.06
CA GLU B 155 -32.84 4.05 -0.94
C GLU B 155 -33.31 4.64 -2.25
N THR B 156 -32.73 5.77 -2.65
CA THR B 156 -33.19 6.43 -3.88
C THR B 156 -31.98 7.03 -4.57
N PRO B 157 -31.86 6.81 -5.88
CA PRO B 157 -32.67 5.86 -6.61
C PRO B 157 -32.41 4.42 -6.17
N SER B 158 -33.39 3.58 -6.40
CA SER B 158 -33.39 2.20 -5.89
C SER B 158 -32.61 1.26 -6.84
N ASN B 159 -32.06 0.21 -6.24
CA ASN B 159 -31.24 -0.77 -6.94
C ASN B 159 -32.04 -2.06 -7.04
N PRO B 160 -32.39 -2.55 -8.24
CA PRO B 160 -31.84 -2.06 -9.52
C PRO B 160 -32.84 -1.39 -10.46
N LEU B 161 -34.02 -0.99 -10.00
CA LEU B 161 -35.07 -0.49 -10.93
C LEU B 161 -35.12 1.03 -10.96
N LEU B 162 -34.33 1.71 -10.16
CA LEU B 162 -34.21 3.19 -10.23
C LEU B 162 -35.58 3.81 -9.89
N ARG B 163 -36.36 3.19 -8.99
CA ARG B 163 -37.58 3.88 -8.44
C ARG B 163 -37.05 5.07 -7.65
N ILE B 164 -37.79 6.18 -7.66
CA ILE B 164 -37.39 7.47 -7.05
C ILE B 164 -38.30 7.74 -5.88
N THR B 165 -37.78 7.92 -4.68
CA THR B 165 -38.62 8.29 -3.57
C THR B 165 -38.44 9.78 -3.25
N ASP B 166 -39.54 10.37 -2.86
CA ASP B 166 -39.71 11.80 -2.66
C ASP B 166 -39.08 12.09 -1.30
N LEU B 167 -37.86 12.63 -1.30
CA LEU B 167 -37.14 12.85 -0.04
C LEU B 167 -37.95 13.77 0.91
N ARG B 168 -38.29 14.97 0.46
CA ARG B 168 -39.00 15.98 1.27
C ARG B 168 -40.26 15.32 1.84
N PHE B 169 -41.09 14.75 0.98
CA PHE B 169 -42.38 14.14 1.41
C PHE B 169 -42.11 13.09 2.52
N VAL B 170 -41.24 12.11 2.27
CA VAL B 170 -41.08 10.97 3.22
C VAL B 170 -40.42 11.46 4.50
N ILE B 171 -39.48 12.36 4.38
CA ILE B 171 -38.77 12.84 5.58
C ILE B 171 -39.76 13.61 6.47
N GLU B 172 -40.53 14.55 5.92
CA GLU B 172 -41.56 15.33 6.69
C GLU B 172 -42.59 14.35 7.30
N ALA B 173 -43.07 13.37 6.54
CA ALA B 173 -44.08 12.42 7.06
C ALA B 173 -43.44 11.59 8.19
N ALA B 174 -42.18 11.19 8.09
CA ALA B 174 -41.44 10.46 9.14
C ALA B 174 -41.27 11.38 10.36
N LYS B 175 -41.01 12.66 10.15
CA LYS B 175 -40.82 13.56 11.31
C LYS B 175 -42.16 13.76 12.05
N LYS B 176 -43.28 13.89 11.34
CA LYS B 176 -44.64 14.07 11.91
C LYS B 176 -44.85 12.89 12.89
N VAL B 177 -44.44 11.64 12.64
CA VAL B 177 -44.68 10.60 13.69
C VAL B 177 -43.46 10.32 14.58
N GLY B 178 -42.44 11.18 14.60
CA GLY B 178 -41.28 11.03 15.52
C GLY B 178 -40.24 9.99 15.06
N ALA B 179 -40.23 9.56 13.81
CA ALA B 179 -39.23 8.63 13.24
C ALA B 179 -37.98 9.39 12.74
N LEU B 180 -36.80 8.80 12.94
CA LEU B 180 -35.54 9.23 12.31
C LEU B 180 -35.60 8.69 10.89
N THR B 181 -34.91 9.35 9.97
CA THR B 181 -34.75 8.90 8.57
C THR B 181 -33.28 8.73 8.26
N VAL B 182 -33.00 7.69 7.48
CA VAL B 182 -31.65 7.40 6.97
C VAL B 182 -31.80 7.15 5.50
N VAL B 183 -30.98 7.81 4.69
CA VAL B 183 -31.04 7.60 3.21
C VAL B 183 -29.72 6.94 2.77
N ASP B 184 -29.86 5.84 2.05
CA ASP B 184 -28.75 5.24 1.29
C ASP B 184 -28.60 6.01 -0.02
N ASN B 185 -27.52 6.76 -0.12
CA ASN B 185 -27.24 7.68 -1.22
C ASN B 185 -26.13 7.10 -2.12
N THR B 186 -25.95 5.79 -2.14
CA THR B 186 -24.86 5.13 -2.87
C THR B 186 -24.95 5.44 -4.39
N PHE B 187 -26.13 5.29 -5.00
CA PHE B 187 -26.38 5.27 -6.46
C PHE B 187 -26.07 6.64 -7.07
N LEU B 188 -26.03 7.71 -6.29
CA LEU B 188 -25.83 9.04 -6.90
C LEU B 188 -24.61 9.74 -6.33
N SER B 189 -24.20 9.38 -5.11
CA SER B 189 -23.04 9.99 -4.40
C SER B 189 -23.46 11.37 -3.90
N PRO B 190 -22.65 11.99 -3.06
CA PRO B 190 -22.95 13.35 -2.61
C PRO B 190 -22.95 14.39 -3.73
N ALA B 191 -22.22 14.12 -4.82
CA ALA B 191 -22.07 15.10 -5.89
C ALA B 191 -23.40 15.23 -6.64
N LEU B 192 -24.34 14.25 -6.58
CA LEU B 192 -25.59 14.34 -7.36
C LEU B 192 -26.86 14.36 -6.48
N GLN B 193 -26.79 14.25 -5.14
CA GLN B 193 -27.97 14.23 -4.25
C GLN B 193 -27.44 14.46 -2.86
N LYS B 194 -28.10 15.36 -2.18
CA LYS B 194 -27.78 15.71 -0.79
C LYS B 194 -29.00 15.53 0.09
N PRO B 195 -29.27 14.30 0.56
CA PRO B 195 -30.46 14.07 1.34
C PRO B 195 -30.59 14.92 2.62
N LEU B 196 -29.49 15.33 3.22
CA LEU B 196 -29.54 16.11 4.48
C LEU B 196 -30.11 17.50 4.24
N ASP B 197 -30.04 17.99 3.02
CA ASP B 197 -30.65 19.29 2.63
C ASP B 197 -32.16 19.26 2.86
N PHE B 198 -32.83 18.12 2.66
CA PHE B 198 -34.28 17.89 2.81
C PHE B 198 -34.57 17.52 4.24
N GLY B 199 -33.63 17.60 5.18
CA GLY B 199 -33.99 17.32 6.59
C GLY B 199 -33.73 15.88 7.09
N ALA B 200 -33.17 14.96 6.29
CA ALA B 200 -32.87 13.58 6.75
C ALA B 200 -31.92 13.60 7.97
N ASP B 201 -31.96 12.63 8.86
CA ASP B 201 -31.06 12.66 10.06
C ASP B 201 -29.70 12.05 9.69
N LEU B 202 -29.69 11.10 8.77
CA LEU B 202 -28.52 10.29 8.40
C LEU B 202 -28.48 10.00 6.90
N VAL B 203 -27.27 10.01 6.35
CA VAL B 203 -27.04 9.53 4.98
C VAL B 203 -25.85 8.58 5.02
N LEU B 204 -25.95 7.47 4.29
CA LEU B 204 -24.89 6.48 4.28
C LEU B 204 -24.57 6.08 2.82
N HIS B 205 -23.37 5.52 2.65
CA HIS B 205 -22.88 5.11 1.34
C HIS B 205 -22.17 3.79 1.48
N SER B 206 -22.23 3.00 0.42
CA SER B 206 -21.14 2.10 0.04
C SER B 206 -20.09 2.96 -0.68
N THR B 207 -18.96 3.21 -0.06
CA THR B 207 -17.85 3.99 -0.66
C THR B 207 -17.23 3.12 -1.73
N THR B 208 -17.51 1.81 -1.72
CA THR B 208 -17.07 0.88 -2.77
C THR B 208 -17.42 1.45 -4.16
N LYS B 209 -18.50 2.22 -4.27
CA LYS B 209 -19.08 2.56 -5.60
C LYS B 209 -18.42 3.84 -6.10
N TYR B 210 -19.16 4.90 -6.39
CA TYR B 210 -18.66 6.12 -7.03
C TYR B 210 -17.62 6.85 -6.18
N ILE B 211 -17.80 6.89 -4.87
CA ILE B 211 -16.94 7.77 -4.04
C ILE B 211 -15.47 7.33 -4.24
N ASN B 212 -15.19 6.05 -4.10
CA ASN B 212 -13.88 5.43 -4.46
C ASN B 212 -13.64 5.44 -5.94
N GLY B 213 -14.54 4.84 -6.70
CA GLY B 213 -14.53 5.03 -8.17
C GLY B 213 -13.62 4.07 -8.93
N HIS B 214 -12.78 3.29 -8.24
CA HIS B 214 -11.74 2.45 -8.90
C HIS B 214 -11.84 0.96 -8.55
N SER B 215 -12.93 0.52 -7.93
CA SER B 215 -13.24 -0.91 -7.71
C SER B 215 -12.04 -1.60 -7.05
N ASP B 216 -11.39 -0.94 -6.11
CA ASP B 216 -10.21 -1.51 -5.44
C ASP B 216 -10.25 -1.22 -3.93
N VAL B 217 -11.44 -0.93 -3.46
CA VAL B 217 -11.79 -0.71 -2.03
C VAL B 217 -13.24 -1.16 -1.81
N VAL B 218 -13.51 -1.93 -0.75
CA VAL B 218 -14.88 -2.13 -0.24
C VAL B 218 -14.90 -1.30 1.03
N GLY B 219 -15.88 -0.45 1.21
CA GLY B 219 -15.99 0.46 2.35
C GLY B 219 -17.38 1.02 2.52
N GLY B 220 -17.68 1.54 3.72
CA GLY B 220 -18.88 2.36 3.91
C GLY B 220 -18.63 3.68 4.60
N ALA B 221 -19.69 4.51 4.67
CA ALA B 221 -19.68 5.79 5.37
C ALA B 221 -21.08 6.06 5.91
N VAL B 222 -21.13 6.72 7.06
CA VAL B 222 -22.36 7.26 7.62
C VAL B 222 -22.09 8.69 8.03
N VAL B 223 -22.97 9.59 7.64
CA VAL B 223 -22.88 11.03 7.98
C VAL B 223 -24.14 11.37 8.70
N ALA B 224 -24.05 11.88 9.89
CA ALA B 224 -25.21 12.37 10.65
C ALA B 224 -25.36 13.87 10.49
N ARG B 225 -26.58 14.38 10.39
CA ARG B 225 -26.84 15.85 10.45
C ARG B 225 -26.39 16.36 11.82
N ASP B 226 -26.78 15.72 12.94
CA ASP B 226 -26.63 16.33 14.32
C ASP B 226 -25.33 15.85 14.94
N ALA B 227 -24.62 16.71 15.63
CA ALA B 227 -23.42 16.38 16.42
C ALA B 227 -23.71 15.21 17.41
N GLU B 228 -24.87 15.17 18.06
CA GLU B 228 -25.11 14.15 19.12
C GLU B 228 -25.21 12.76 18.46
N LEU B 229 -25.89 12.67 17.32
CA LEU B 229 -26.08 11.39 16.68
C LEU B 229 -24.74 10.94 16.03
N HIS B 230 -23.92 11.87 15.55
CA HIS B 230 -22.56 11.56 15.05
C HIS B 230 -21.76 10.91 16.20
N GLN B 231 -21.81 11.47 17.41
CA GLN B 231 -21.06 10.95 18.59
C GLN B 231 -21.53 9.52 18.93
N GLN B 232 -22.81 9.25 18.80
CA GLN B 232 -23.39 7.94 19.07
C GLN B 232 -22.85 7.00 18.00
N LEU B 233 -22.74 7.41 16.71
CA LEU B 233 -22.23 6.51 15.66
C LEU B 233 -20.74 6.22 15.91
N VAL B 234 -19.98 7.22 16.39
CA VAL B 234 -18.52 7.04 16.71
C VAL B 234 -18.41 6.00 17.83
N TRP B 235 -19.28 6.10 18.83
CA TRP B 235 -19.24 5.20 20.01
C TRP B 235 -19.50 3.76 19.53
N TRP B 236 -20.55 3.54 18.75
CA TRP B 236 -21.00 2.20 18.39
C TRP B 236 -20.03 1.60 17.39
N ALA B 237 -19.46 2.41 16.51
CA ALA B 237 -18.52 1.93 15.49
C ALA B 237 -17.26 1.43 16.21
N ASN B 238 -16.86 2.13 17.28
CA ASN B 238 -15.69 1.74 18.11
C ASN B 238 -16.02 0.45 18.88
N ALA B 239 -17.16 0.43 19.54
CA ALA B 239 -17.49 -0.67 20.47
C ALA B 239 -17.76 -1.96 19.71
N LEU B 240 -18.38 -1.88 18.53
CA LEU B 240 -18.66 -3.04 17.64
C LEU B 240 -17.46 -3.41 16.79
N GLY B 241 -16.53 -2.49 16.65
CA GLY B 241 -15.34 -2.78 15.83
C GLY B 241 -15.57 -2.80 14.30
N LEU B 242 -16.38 -1.87 13.80
CA LEU B 242 -16.88 -1.78 12.40
C LEU B 242 -16.03 -0.80 11.61
N THR B 243 -15.12 -0.07 12.23
CA THR B 243 -14.32 0.92 11.54
C THR B 243 -13.40 0.28 10.51
N GLY B 244 -13.15 1.07 9.45
CA GLY B 244 -12.36 0.73 8.27
C GLY B 244 -10.84 0.88 8.47
N SER B 245 -10.13 0.28 7.55
CA SER B 245 -8.66 0.39 7.46
C SER B 245 -8.20 1.75 6.89
N PRO B 246 -7.16 2.33 7.50
CA PRO B 246 -6.57 3.57 7.03
C PRO B 246 -6.08 3.48 5.57
N PHE B 247 -5.58 2.35 5.14
CA PHE B 247 -5.10 2.25 3.76
C PHE B 247 -6.29 2.50 2.84
N ASP B 248 -7.40 1.84 3.12
CA ASP B 248 -8.64 1.91 2.33
C ASP B 248 -9.17 3.35 2.36
N ALA B 249 -9.05 4.06 3.48
CA ALA B 249 -9.48 5.48 3.54
C ALA B 249 -8.57 6.31 2.64
N PHE B 250 -7.31 5.98 2.60
CA PHE B 250 -6.35 6.71 1.77
C PHE B 250 -6.79 6.53 0.30
N LEU B 251 -7.05 5.31 -0.15
CA LEU B 251 -7.39 5.13 -1.57
C LEU B 251 -8.75 5.75 -1.86
N THR B 252 -9.67 5.64 -0.91
CA THR B 252 -11.00 6.20 -1.05
C THR B 252 -10.85 7.73 -1.18
N LEU B 253 -10.13 8.39 -0.27
CA LEU B 253 -9.91 9.86 -0.38
C LEU B 253 -9.28 10.19 -1.77
N ARG B 254 -8.37 9.37 -2.25
CA ARG B 254 -7.72 9.66 -3.52
C ARG B 254 -8.76 9.63 -4.64
N GLY B 255 -9.58 8.58 -4.61
CA GLY B 255 -10.73 8.43 -5.50
C GLY B 255 -11.61 9.66 -5.50
N LEU B 256 -12.02 10.13 -4.33
CA LEU B 256 -13.01 11.21 -4.17
C LEU B 256 -12.51 12.42 -4.97
N ARG B 257 -11.20 12.58 -5.08
CA ARG B 257 -10.66 13.79 -5.68
C ARG B 257 -11.13 13.85 -7.13
N THR B 258 -11.45 12.72 -7.79
CA THR B 258 -11.87 12.75 -9.21
C THR B 258 -13.40 12.49 -9.36
N LEU B 259 -14.18 12.45 -8.27
CA LEU B 259 -15.63 12.16 -8.34
C LEU B 259 -16.37 13.11 -9.31
N ASP B 260 -16.21 14.42 -9.18
CA ASP B 260 -16.89 15.47 -10.00
C ASP B 260 -16.41 15.30 -11.47
N ALA B 261 -15.13 15.13 -11.74
CA ALA B 261 -14.63 14.87 -13.10
C ALA B 261 -15.14 13.55 -13.65
N ARG B 262 -15.09 12.48 -12.85
CA ARG B 262 -15.63 11.17 -13.32
C ARG B 262 -17.11 11.34 -13.70
N LEU B 263 -17.93 11.96 -12.86
CA LEU B 263 -19.41 12.02 -13.02
C LEU B 263 -19.79 12.79 -14.30
N ARG B 264 -19.02 13.81 -14.70
CA ARG B 264 -19.38 14.46 -15.97
C ARG B 264 -19.30 13.44 -17.12
N VAL B 265 -18.29 12.57 -17.13
CA VAL B 265 -18.13 11.65 -18.26
C VAL B 265 -19.18 10.55 -18.11
N HIS B 266 -19.38 10.01 -16.89
CA HIS B 266 -20.38 8.95 -16.65
C HIS B 266 -21.72 9.40 -17.25
N GLN B 267 -22.17 10.64 -16.94
CA GLN B 267 -23.52 11.13 -17.27
C GLN B 267 -23.59 11.40 -18.78
N GLU B 268 -22.54 11.94 -19.36
CA GLU B 268 -22.46 12.04 -20.83
C GLU B 268 -22.69 10.64 -21.39
N ASN B 269 -21.97 9.61 -20.94
CA ASN B 269 -22.05 8.26 -21.56
C ASN B 269 -23.46 7.70 -21.32
N ALA B 270 -23.97 7.85 -20.10
CA ALA B 270 -25.31 7.33 -19.73
C ALA B 270 -26.38 7.97 -20.60
N ASP B 271 -26.31 9.24 -20.94
CA ASP B 271 -27.39 9.88 -21.74
C ASP B 271 -27.36 9.25 -23.15
N ALA B 272 -26.17 9.06 -23.72
CA ALA B 272 -26.02 8.52 -25.09
C ALA B 272 -26.55 7.08 -25.09
N ILE B 273 -26.35 6.30 -24.00
CA ILE B 273 -26.70 4.86 -23.97
C ILE B 273 -28.21 4.73 -23.74
N ALA B 274 -28.81 5.58 -22.92
CA ALA B 274 -30.28 5.62 -22.72
C ALA B 274 -30.96 5.90 -24.06
N GLU B 275 -30.49 6.88 -24.81
CA GLU B 275 -31.03 7.17 -26.14
C GLU B 275 -30.90 5.95 -27.11
N LEU B 276 -29.85 5.16 -27.10
CA LEU B 276 -29.76 3.93 -27.92
C LEU B 276 -30.80 2.94 -27.40
N LEU B 277 -30.91 2.70 -26.09
CA LEU B 277 -31.71 1.56 -25.60
C LEU B 277 -33.23 1.85 -25.65
N ASP B 278 -33.64 3.08 -25.40
CA ASP B 278 -35.06 3.49 -25.36
C ASP B 278 -35.76 3.52 -26.75
N GLY B 279 -36.83 2.72 -26.91
CA GLY B 279 -37.51 2.27 -28.15
C GLY B 279 -36.59 1.77 -29.31
N HIS B 280 -35.38 1.21 -29.03
CA HIS B 280 -34.70 0.19 -29.89
C HIS B 280 -35.61 -1.06 -29.88
N ALA B 281 -35.78 -1.67 -31.04
CA ALA B 281 -36.76 -2.76 -31.25
C ALA B 281 -36.46 -3.96 -30.34
N MET B 282 -35.20 -4.21 -29.96
CA MET B 282 -34.83 -5.36 -29.09
C MET B 282 -35.05 -5.02 -27.61
N VAL B 283 -35.46 -3.79 -27.29
CA VAL B 283 -35.58 -3.33 -25.88
C VAL B 283 -37.05 -3.03 -25.55
N ASN B 284 -37.54 -3.84 -24.62
CA ASN B 284 -38.91 -3.86 -24.06
C ASN B 284 -39.07 -2.67 -23.09
N GLN B 285 -38.15 -2.47 -22.16
CA GLN B 285 -38.26 -1.41 -21.09
C GLN B 285 -36.82 -0.98 -20.69
N VAL B 286 -36.59 0.32 -20.60
CA VAL B 286 -35.44 0.94 -19.92
C VAL B 286 -35.95 1.56 -18.65
N TYR B 287 -35.25 1.29 -17.56
CA TYR B 287 -35.37 1.99 -16.27
C TYR B 287 -34.15 2.91 -16.14
N PHE B 288 -34.41 4.19 -16.34
CA PHE B 288 -33.40 5.26 -16.23
C PHE B 288 -34.08 6.59 -15.90
N PRO B 289 -33.80 7.25 -14.79
CA PRO B 289 -34.57 8.40 -14.39
C PRO B 289 -34.45 9.62 -15.32
N GLY B 290 -33.48 9.61 -16.21
CA GLY B 290 -33.27 10.65 -17.25
C GLY B 290 -34.31 10.63 -18.37
N LEU B 291 -35.00 9.53 -18.58
CA LEU B 291 -36.07 9.47 -19.61
C LEU B 291 -37.36 10.12 -19.05
N ALA B 292 -38.00 10.99 -19.82
CA ALA B 292 -39.25 11.68 -19.39
C ALA B 292 -40.35 10.65 -19.13
N THR B 293 -40.25 9.44 -19.70
CA THR B 293 -41.30 8.40 -19.59
C THR B 293 -41.09 7.66 -18.29
N HIS B 294 -39.95 7.80 -17.61
CA HIS B 294 -39.69 7.03 -16.37
C HIS B 294 -40.52 7.58 -15.19
N PRO B 295 -41.34 6.72 -14.54
CA PRO B 295 -42.01 7.08 -13.30
C PRO B 295 -40.96 7.52 -12.25
N GLY B 296 -41.01 8.79 -11.89
CA GLY B 296 -39.98 9.42 -11.03
C GLY B 296 -39.09 10.45 -11.73
N HIS B 297 -39.16 10.59 -13.08
CA HIS B 297 -38.30 11.56 -13.80
C HIS B 297 -38.34 12.96 -13.16
N ALA B 298 -39.52 13.57 -13.02
CA ALA B 298 -39.65 14.99 -12.57
C ALA B 298 -39.18 15.08 -11.13
N LEU B 299 -39.48 14.11 -10.27
CA LEU B 299 -38.88 14.07 -8.92
C LEU B 299 -37.35 14.06 -9.00
N ALA B 300 -36.77 13.17 -9.82
CA ALA B 300 -35.33 13.01 -9.90
C ALA B 300 -34.72 14.33 -10.38
N ALA B 301 -35.37 15.04 -11.32
CA ALA B 301 -34.82 16.31 -11.87
C ALA B 301 -34.89 17.35 -10.78
N ARG B 302 -35.84 17.26 -9.85
CA ARG B 302 -35.95 18.24 -8.73
C ARG B 302 -34.95 17.96 -7.56
N GLN B 303 -34.78 16.71 -7.12
CA GLN B 303 -34.08 16.40 -5.86
C GLN B 303 -32.65 15.89 -6.15
N GLN B 304 -32.24 15.82 -7.44
CA GLN B 304 -30.91 15.36 -7.93
C GLN B 304 -30.34 16.45 -8.85
N LYS B 305 -29.04 16.60 -8.84
CA LYS B 305 -28.23 17.54 -9.65
C LYS B 305 -27.97 16.84 -11.02
N GLY B 306 -28.23 15.53 -11.17
CA GLY B 306 -28.15 14.83 -12.45
C GLY B 306 -28.81 13.49 -12.37
N PHE B 307 -28.95 12.81 -13.52
CA PHE B 307 -29.73 11.55 -13.57
C PHE B 307 -28.85 10.31 -13.35
N GLY B 308 -27.54 10.50 -13.29
CA GLY B 308 -26.61 9.44 -12.90
C GLY B 308 -26.22 8.58 -14.06
N ALA B 309 -25.69 7.40 -13.78
CA ALA B 309 -25.16 6.51 -14.81
C ALA B 309 -25.51 5.07 -14.53
N MET B 310 -26.41 4.83 -13.60
CA MET B 310 -26.98 3.46 -13.47
C MET B 310 -28.28 3.39 -14.28
N MET B 311 -28.48 2.29 -14.96
CA MET B 311 -29.77 1.99 -15.62
C MET B 311 -29.92 0.48 -15.77
N SER B 312 -31.14 0.03 -15.93
CA SER B 312 -31.41 -1.38 -16.19
C SER B 312 -32.48 -1.45 -17.27
N PHE B 313 -32.59 -2.60 -17.88
CA PHE B 313 -33.39 -2.78 -19.10
C PHE B 313 -33.76 -4.27 -19.23
N GLU B 314 -34.86 -4.52 -19.98
CA GLU B 314 -35.43 -5.85 -20.34
C GLU B 314 -35.34 -5.91 -21.88
N LEU B 315 -34.69 -6.94 -22.35
CA LEU B 315 -34.60 -7.39 -23.75
C LEU B 315 -35.88 -8.14 -24.13
N GLU B 316 -36.32 -7.99 -25.39
CA GLU B 316 -37.21 -8.96 -26.09
C GLU B 316 -36.44 -10.30 -26.15
N GLY B 317 -37.13 -11.45 -26.05
CA GLY B 317 -36.60 -12.75 -26.53
C GLY B 317 -36.15 -13.68 -25.42
N GLY B 318 -36.59 -13.44 -24.17
CA GLY B 318 -36.39 -14.35 -23.02
C GLY B 318 -34.93 -14.60 -22.75
N GLU B 319 -34.63 -15.72 -22.09
CA GLU B 319 -33.29 -16.04 -21.57
C GLU B 319 -32.28 -16.18 -22.72
N ALA B 320 -32.67 -16.65 -23.90
CA ALA B 320 -31.70 -16.88 -25.03
C ALA B 320 -31.14 -15.52 -25.47
N ALA B 321 -31.96 -14.48 -25.45
CA ALA B 321 -31.53 -13.15 -25.93
C ALA B 321 -30.54 -12.54 -24.92
N VAL B 322 -30.80 -12.74 -23.64
CA VAL B 322 -29.93 -12.28 -22.52
C VAL B 322 -28.55 -12.90 -22.69
N ARG B 323 -28.48 -14.23 -22.76
CA ARG B 323 -27.22 -15.02 -22.93
C ARG B 323 -26.50 -14.49 -24.17
N ALA B 324 -27.16 -14.28 -25.30
CA ALA B 324 -26.42 -13.83 -26.49
C ALA B 324 -25.98 -12.35 -26.30
N PHE B 325 -26.81 -11.48 -25.69
CA PHE B 325 -26.40 -10.07 -25.44
C PHE B 325 -25.11 -10.06 -24.58
N VAL B 326 -25.11 -10.83 -23.51
CA VAL B 326 -24.03 -10.72 -22.49
C VAL B 326 -22.73 -11.34 -22.99
N ASP B 327 -22.79 -12.48 -23.68
CA ASP B 327 -21.60 -13.26 -24.12
C ASP B 327 -21.10 -12.59 -25.40
N GLY B 328 -19.91 -11.99 -25.33
CA GLY B 328 -19.29 -11.16 -26.41
C GLY B 328 -19.16 -9.69 -25.99
N LEU B 329 -19.71 -9.19 -24.88
CA LEU B 329 -19.43 -7.78 -24.48
C LEU B 329 -17.93 -7.65 -24.22
N ARG B 330 -17.27 -6.69 -24.87
CA ARG B 330 -15.83 -6.42 -24.70
C ARG B 330 -15.58 -5.36 -23.64
N TYR B 331 -16.52 -4.39 -23.42
CA TYR B 331 -16.28 -3.21 -22.55
C TYR B 331 -17.15 -3.21 -21.32
N PHE B 332 -18.14 -4.07 -21.27
CA PHE B 332 -19.03 -4.21 -20.09
C PHE B 332 -18.64 -5.56 -19.47
N THR B 333 -17.87 -5.51 -18.40
CA THR B 333 -17.49 -6.72 -17.69
C THR B 333 -18.68 -7.19 -16.85
N LEU B 334 -18.96 -8.45 -17.02
CA LEU B 334 -20.02 -9.12 -16.27
C LEU B 334 -19.47 -9.36 -14.89
N ALA B 335 -20.00 -8.62 -13.92
CA ALA B 335 -19.48 -8.52 -12.55
C ALA B 335 -20.46 -7.81 -11.65
N GLU B 336 -20.31 -8.05 -10.37
CA GLU B 336 -20.97 -7.26 -9.32
C GLU B 336 -20.31 -5.90 -9.18
N SER B 337 -21.02 -5.04 -8.47
CA SER B 337 -20.61 -3.69 -8.06
C SER B 337 -20.97 -2.67 -9.16
N LEU B 338 -20.58 -1.41 -8.94
CA LEU B 338 -21.02 -0.31 -9.79
C LEU B 338 -20.19 0.90 -9.39
N GLY B 339 -20.30 1.97 -10.15
CA GLY B 339 -19.67 3.25 -9.83
C GLY B 339 -18.19 3.28 -10.11
N GLY B 340 -17.64 2.23 -10.72
CA GLY B 340 -16.23 2.26 -11.14
C GLY B 340 -16.07 3.01 -12.47
N VAL B 341 -14.87 3.48 -12.73
CA VAL B 341 -14.50 4.06 -14.05
C VAL B 341 -14.71 2.98 -15.13
N GLU B 342 -14.61 1.70 -14.79
CA GLU B 342 -14.76 0.61 -15.81
C GLU B 342 -16.26 0.29 -15.93
N SER B 343 -16.78 0.19 -17.13
CA SER B 343 -18.20 -0.19 -17.32
C SER B 343 -18.47 -1.63 -16.86
N LEU B 344 -19.65 -1.89 -16.27
CA LEU B 344 -20.05 -3.23 -15.79
C LEU B 344 -21.45 -3.59 -16.24
N ILE B 345 -21.70 -4.90 -16.27
CA ILE B 345 -23.11 -5.40 -16.45
C ILE B 345 -23.39 -6.47 -15.39
N ALA B 346 -24.58 -6.46 -14.84
CA ALA B 346 -24.99 -7.50 -13.86
C ALA B 346 -26.39 -7.99 -14.20
N HIS B 347 -26.71 -9.18 -13.74
CA HIS B 347 -28.05 -9.85 -13.87
C HIS B 347 -28.59 -10.00 -12.46
N PRO B 348 -29.38 -9.02 -11.96
CA PRO B 348 -29.70 -8.95 -10.52
C PRO B 348 -30.26 -10.24 -9.92
N ALA B 349 -31.08 -10.95 -10.70
CA ALA B 349 -31.78 -12.19 -10.24
C ALA B 349 -30.77 -13.22 -9.70
N SER B 350 -29.68 -13.40 -10.45
CA SER B 350 -28.62 -14.43 -10.20
C SER B 350 -27.42 -13.76 -9.52
N MET B 351 -27.38 -12.44 -9.39
CA MET B 351 -26.10 -11.77 -8.95
C MET B 351 -26.38 -10.87 -7.74
N THR B 352 -26.63 -9.59 -8.01
CA THR B 352 -26.80 -8.56 -6.96
C THR B 352 -28.00 -8.86 -6.06
N HIS B 353 -29.00 -9.60 -6.52
CA HIS B 353 -30.26 -9.73 -5.74
C HIS B 353 -30.52 -11.23 -5.55
N ALA B 354 -29.52 -12.07 -5.79
CA ALA B 354 -29.57 -13.53 -5.49
C ALA B 354 -29.85 -13.78 -3.98
N ALA B 355 -29.46 -12.86 -3.11
CA ALA B 355 -29.69 -12.92 -1.64
C ALA B 355 -31.19 -12.82 -1.33
N MET B 356 -32.01 -12.22 -2.20
CA MET B 356 -33.50 -12.18 -2.00
C MET B 356 -34.08 -13.56 -2.35
N THR B 357 -35.18 -13.93 -1.70
CA THR B 357 -36.09 -15.01 -2.18
C THR B 357 -36.69 -14.57 -3.55
N ALA B 358 -37.10 -15.57 -4.36
CA ALA B 358 -37.90 -15.37 -5.58
C ALA B 358 -39.13 -14.50 -5.23
N GLU B 359 -39.75 -14.71 -4.05
CA GLU B 359 -41.01 -14.00 -3.67
C GLU B 359 -40.71 -12.48 -3.50
N ALA B 360 -39.63 -12.12 -2.77
CA ALA B 360 -39.28 -10.70 -2.48
C ALA B 360 -38.82 -10.02 -3.80
N ARG B 361 -38.21 -10.76 -4.73
CA ARG B 361 -37.79 -10.16 -6.02
C ARG B 361 -39.06 -9.80 -6.80
N ALA B 362 -40.09 -10.67 -6.74
CA ALA B 362 -41.35 -10.50 -7.53
C ALA B 362 -42.12 -9.32 -6.94
N ALA B 363 -42.20 -9.21 -5.62
CA ALA B 363 -42.82 -8.05 -4.90
C ALA B 363 -42.12 -6.73 -5.28
N ALA B 364 -40.78 -6.75 -5.41
CA ALA B 364 -39.95 -5.62 -5.84
C ALA B 364 -40.10 -5.35 -7.35
N GLY B 365 -40.52 -6.32 -8.19
CA GLY B 365 -40.65 -6.23 -9.67
C GLY B 365 -39.29 -6.32 -10.37
N ILE B 366 -38.40 -7.15 -9.84
CA ILE B 366 -37.13 -7.54 -10.48
C ILE B 366 -37.41 -8.84 -11.26
N SER B 367 -37.52 -8.80 -12.60
CA SER B 367 -37.72 -10.03 -13.41
C SER B 367 -36.42 -10.76 -13.54
N ASP B 368 -36.55 -11.97 -14.08
CA ASP B 368 -35.47 -12.91 -14.52
C ASP B 368 -34.71 -12.39 -15.77
N GLY B 369 -35.29 -11.47 -16.55
CA GLY B 369 -34.72 -10.91 -17.79
C GLY B 369 -33.97 -9.58 -17.56
N LEU B 370 -33.97 -9.08 -16.34
CA LEU B 370 -33.44 -7.71 -16.05
C LEU B 370 -31.91 -7.76 -16.08
N LEU B 371 -31.34 -6.84 -16.85
CA LEU B 371 -29.91 -6.48 -16.85
C LEU B 371 -29.76 -5.06 -16.34
N ARG B 372 -28.70 -4.83 -15.55
CA ARG B 372 -28.27 -3.53 -14.98
C ARG B 372 -26.92 -3.13 -15.55
N LEU B 373 -26.81 -1.90 -16.04
CA LEU B 373 -25.53 -1.34 -16.51
C LEU B 373 -25.01 -0.39 -15.46
N SER B 374 -23.70 -0.50 -15.17
CA SER B 374 -22.93 0.58 -14.50
C SER B 374 -22.11 1.16 -15.61
N ILE B 375 -22.50 2.31 -16.09
CA ILE B 375 -21.79 2.92 -17.24
C ILE B 375 -20.57 3.66 -16.72
N GLY B 376 -19.44 3.31 -17.28
CA GLY B 376 -18.12 3.87 -16.90
C GLY B 376 -17.81 5.12 -17.70
N ILE B 377 -16.52 5.46 -17.79
CA ILE B 377 -16.05 6.72 -18.40
C ILE B 377 -15.21 6.45 -19.65
N GLU B 378 -15.34 5.26 -20.20
CA GLU B 378 -14.75 4.98 -21.52
C GLU B 378 -15.40 5.93 -22.56
N SER B 379 -14.87 5.99 -23.76
CA SER B 379 -15.48 6.78 -24.87
C SER B 379 -16.88 6.25 -25.16
N ALA B 380 -17.85 7.14 -25.15
CA ALA B 380 -19.25 6.89 -25.62
C ALA B 380 -19.22 5.95 -26.82
N GLU B 381 -18.46 6.34 -27.82
CA GLU B 381 -18.52 5.60 -29.08
C GLU B 381 -18.18 4.12 -28.81
N ASP B 382 -17.11 3.81 -28.08
CA ASP B 382 -16.75 2.38 -27.89
C ASP B 382 -17.86 1.69 -27.10
N LEU B 383 -18.50 2.35 -26.13
CA LEU B 383 -19.54 1.63 -25.37
C LEU B 383 -20.75 1.35 -26.28
N LEU B 384 -21.07 2.28 -27.16
CA LEU B 384 -22.27 2.20 -28.04
C LEU B 384 -22.05 1.07 -29.04
N ILE B 385 -20.88 1.02 -29.66
CA ILE B 385 -20.56 -0.11 -30.57
C ILE B 385 -20.75 -1.43 -29.81
N ASP B 386 -20.28 -1.50 -28.58
CA ASP B 386 -20.30 -2.75 -27.80
C ASP B 386 -21.78 -3.12 -27.58
N LEU B 387 -22.61 -2.17 -27.21
CA LEU B 387 -24.04 -2.41 -26.93
C LEU B 387 -24.81 -2.73 -28.22
N ARG B 388 -24.54 -2.07 -29.34
CA ARG B 388 -25.17 -2.40 -30.65
C ARG B 388 -24.84 -3.85 -31.02
N ALA B 389 -23.62 -4.30 -30.83
CA ALA B 389 -23.26 -5.67 -31.24
C ALA B 389 -24.08 -6.63 -30.37
N GLY B 390 -24.26 -6.31 -29.10
CA GLY B 390 -25.05 -7.19 -28.19
C GLY B 390 -26.53 -7.25 -28.61
N LEU B 391 -27.05 -6.13 -29.10
CA LEU B 391 -28.46 -6.00 -29.53
C LEU B 391 -28.69 -6.86 -30.79
N SER B 392 -27.71 -6.91 -31.73
CA SER B 392 -27.70 -7.86 -32.88
C SER B 392 -27.61 -9.29 -32.42
N ARG B 393 -26.73 -9.62 -31.48
CA ARG B 393 -26.63 -11.04 -31.07
C ARG B 393 -27.98 -11.42 -30.49
N ALA B 394 -28.62 -10.50 -29.76
CA ALA B 394 -29.96 -10.76 -29.16
C ALA B 394 -31.00 -10.96 -30.27
N GLU B 395 -31.13 -10.03 -31.22
CA GLU B 395 -32.01 -10.12 -32.43
C GLU B 395 -31.79 -11.45 -33.20
N ALA B 396 -30.57 -11.90 -33.42
CA ALA B 396 -30.27 -13.16 -34.16
C ALA B 396 -30.83 -14.39 -33.42
N THR B 397 -31.23 -14.25 -32.17
CA THR B 397 -31.91 -15.24 -31.29
C THR B 397 -33.37 -15.45 -31.72
N LEU B 398 -34.07 -14.45 -32.29
CA LEU B 398 -35.43 -14.64 -32.89
C LEU B 398 -35.28 -15.26 -34.30
N THR C 12 -12.88 -1.16 -35.32
CA THR C 12 -12.30 -0.28 -34.25
C THR C 12 -11.30 -1.15 -33.45
N PRO C 13 -10.01 -0.72 -33.29
CA PRO C 13 -9.41 -0.72 -31.95
C PRO C 13 -10.12 0.40 -31.14
N CYS C 14 -9.88 0.53 -29.84
CA CYS C 14 -10.56 1.55 -28.97
C CYS C 14 -9.91 2.94 -29.10
N THR C 15 -10.58 3.98 -28.61
CA THR C 15 -9.92 5.29 -28.37
C THR C 15 -8.84 5.21 -27.26
N ALA C 16 -8.06 6.26 -27.17
CA ALA C 16 -7.06 6.57 -26.11
C ALA C 16 -7.74 6.57 -24.70
N ALA C 17 -8.88 7.21 -24.59
CA ALA C 17 -9.58 7.31 -23.28
C ALA C 17 -9.98 5.90 -22.85
N THR C 18 -10.56 5.13 -23.77
CA THR C 18 -10.99 3.74 -23.45
C THR C 18 -9.77 2.92 -23.02
N ALA C 19 -8.61 3.10 -23.67
CA ALA C 19 -7.44 2.25 -23.45
C ALA C 19 -6.90 2.60 -22.06
N ALA C 20 -6.78 3.88 -21.73
CA ALA C 20 -6.40 4.34 -20.38
C ALA C 20 -7.37 3.77 -19.31
N VAL C 21 -8.69 3.88 -19.50
CA VAL C 21 -9.67 3.42 -18.49
C VAL C 21 -9.50 1.93 -18.30
N ARG C 22 -9.29 1.17 -19.37
CA ARG C 22 -9.39 -0.32 -19.31
C ARG C 22 -8.02 -1.00 -19.11
N ALA C 23 -6.93 -0.27 -18.85
CA ALA C 23 -5.61 -0.96 -18.82
C ALA C 23 -5.49 -1.86 -17.54
N GLY C 24 -5.37 -3.15 -17.71
CA GLY C 24 -5.32 -4.12 -16.60
C GLY C 24 -6.68 -4.63 -16.14
N ILE C 25 -7.75 -4.19 -16.82
CA ILE C 25 -9.11 -4.51 -16.37
C ILE C 25 -9.42 -5.89 -16.88
N ASP C 26 -9.90 -6.76 -16.03
CA ASP C 26 -10.34 -8.15 -16.35
C ASP C 26 -9.09 -8.83 -16.95
N ARG C 27 -7.88 -8.66 -16.39
CA ARG C 27 -6.67 -9.27 -17.00
C ARG C 27 -5.85 -10.08 -15.97
N ASP C 28 -6.58 -10.73 -15.08
CA ASP C 28 -6.07 -11.52 -13.95
C ASP C 28 -6.53 -12.96 -14.21
N THR C 29 -5.62 -13.85 -14.58
CA THR C 29 -5.97 -15.27 -14.88
C THR C 29 -6.17 -16.01 -13.56
N ALA C 30 -5.70 -15.54 -12.41
CA ALA C 30 -5.79 -16.36 -11.18
C ALA C 30 -7.24 -16.36 -10.66
N TYR C 31 -7.94 -15.23 -10.57
CA TYR C 31 -9.24 -15.16 -9.86
C TYR C 31 -10.33 -14.44 -10.67
N GLY C 32 -9.95 -13.90 -11.83
CA GLY C 32 -10.67 -12.91 -12.62
C GLY C 32 -10.91 -11.59 -11.87
N ALA C 33 -9.97 -11.17 -11.07
CA ALA C 33 -10.09 -9.83 -10.47
C ALA C 33 -10.29 -8.77 -11.58
N VAL C 34 -11.30 -7.95 -11.40
CA VAL C 34 -11.58 -6.87 -12.37
C VAL C 34 -10.39 -5.89 -12.41
N THR C 35 -9.99 -5.47 -11.28
CA THR C 35 -8.89 -4.50 -11.04
C THR C 35 -7.61 -5.30 -10.80
N PRO C 36 -6.47 -4.90 -11.38
CA PRO C 36 -5.28 -5.78 -11.45
C PRO C 36 -4.63 -5.96 -10.09
N PRO C 37 -4.28 -7.20 -9.70
CA PRO C 37 -3.55 -7.44 -8.43
C PRO C 37 -2.21 -6.69 -8.36
N ILE C 38 -1.78 -6.24 -7.20
CA ILE C 38 -0.42 -5.64 -7.04
C ILE C 38 0.61 -6.77 -6.88
N VAL C 39 1.50 -6.99 -7.85
CA VAL C 39 2.58 -8.04 -7.74
C VAL C 39 3.88 -7.40 -7.19
N LEU C 40 3.98 -7.36 -5.88
CA LEU C 40 5.11 -6.78 -5.18
C LEU C 40 6.32 -7.74 -5.19
N SER C 41 6.12 -9.04 -5.37
CA SER C 41 7.17 -10.07 -5.18
C SER C 41 8.44 -9.71 -5.93
N SER C 42 9.60 -9.78 -5.26
CA SER C 42 10.92 -9.56 -5.91
C SER C 42 11.13 -10.67 -6.93
N ASN C 43 10.66 -11.85 -6.57
CA ASN C 43 11.05 -13.08 -7.31
C ASN C 43 9.82 -13.90 -7.69
N PHE C 44 10.05 -14.76 -8.69
CA PHE C 44 9.04 -15.66 -9.33
C PHE C 44 9.66 -17.07 -9.42
N SER C 45 8.90 -18.12 -9.12
CA SER C 45 9.44 -19.49 -9.23
C SER C 45 9.78 -19.82 -10.68
N PHE C 46 10.77 -20.69 -10.85
CA PHE C 46 11.01 -21.43 -12.13
C PHE C 46 10.00 -22.57 -12.22
N ASP C 47 9.64 -22.95 -13.44
CA ASP C 47 8.67 -24.06 -13.69
C ASP C 47 9.48 -25.37 -13.77
N GLY C 48 10.14 -25.75 -12.68
CA GLY C 48 11.15 -26.82 -12.77
C GLY C 48 12.50 -26.35 -13.31
N PHE C 49 13.51 -27.16 -13.01
CA PHE C 49 14.93 -26.89 -13.36
C PHE C 49 15.00 -26.44 -14.83
N GLY C 50 15.76 -25.36 -15.11
CA GLY C 50 16.04 -24.78 -16.44
C GLY C 50 14.85 -24.08 -17.14
N ASN C 51 13.62 -23.95 -16.56
CA ASN C 51 12.40 -23.36 -17.19
C ASN C 51 12.03 -22.01 -16.51
N LYS C 52 12.61 -20.93 -16.98
CA LYS C 52 12.21 -19.55 -16.63
C LYS C 52 10.75 -19.36 -17.06
N ARG C 53 9.89 -18.83 -16.21
CA ARG C 53 8.52 -18.39 -16.62
C ARG C 53 8.66 -17.05 -17.33
N GLN C 54 7.55 -16.42 -17.68
CA GLN C 54 7.61 -15.08 -18.27
C GLN C 54 8.39 -14.14 -17.31
N TYR C 55 8.09 -14.12 -16.03
CA TYR C 55 8.79 -13.26 -15.06
C TYR C 55 9.79 -14.11 -14.24
N ASP C 56 10.93 -13.50 -13.90
CA ASP C 56 11.92 -14.14 -12.99
C ASP C 56 12.24 -13.20 -11.79
N TYR C 57 12.35 -11.91 -12.03
CA TYR C 57 12.90 -11.00 -11.01
C TYR C 57 12.46 -9.57 -11.33
N THR C 58 11.89 -8.92 -10.32
CA THR C 58 11.12 -7.65 -10.49
C THR C 58 12.06 -6.59 -11.05
N ARG C 59 13.32 -6.51 -10.64
CA ARG C 59 14.14 -5.43 -11.25
C ARG C 59 14.11 -5.55 -12.78
N SER C 60 14.12 -6.76 -13.34
CA SER C 60 14.23 -7.03 -14.80
C SER C 60 12.89 -6.82 -15.52
N GLY C 61 11.83 -7.23 -14.87
CA GLY C 61 10.47 -7.35 -15.43
C GLY C 61 9.51 -7.71 -14.31
N ASN C 62 8.42 -6.96 -14.23
CA ASN C 62 7.32 -7.18 -13.27
C ASN C 62 6.01 -6.97 -13.99
N PRO C 63 4.99 -7.82 -13.78
CA PRO C 63 3.75 -7.71 -14.57
C PRO C 63 2.92 -6.46 -14.25
N THR C 64 2.91 -6.00 -12.98
CA THR C 64 2.15 -4.79 -12.61
C THR C 64 2.82 -3.59 -13.28
N ARG C 65 4.12 -3.53 -13.19
CA ARG C 65 4.87 -2.47 -13.90
C ARG C 65 4.59 -2.59 -15.43
N ASP C 66 4.59 -3.80 -15.98
CA ASP C 66 4.43 -3.96 -17.44
C ASP C 66 3.00 -3.58 -17.86
N LEU C 67 1.97 -3.72 -17.02
CA LEU C 67 0.63 -3.13 -17.39
C LEU C 67 0.72 -1.61 -17.64
N LEU C 68 1.48 -0.87 -16.84
CA LEU C 68 1.66 0.58 -17.04
C LEU C 68 2.54 0.85 -18.28
N GLY C 69 3.59 0.04 -18.48
CA GLY C 69 4.42 0.13 -19.69
C GLY C 69 3.64 0.00 -20.98
N GLU C 70 2.88 -1.05 -21.05
CA GLU C 70 2.02 -1.44 -22.17
C GLU C 70 0.97 -0.37 -22.37
N ALA C 71 0.37 0.18 -21.31
CA ALA C 71 -0.70 1.16 -21.52
C ALA C 71 -0.09 2.46 -22.10
N LEU C 72 1.10 2.87 -21.62
CA LEU C 72 1.76 4.10 -22.10
C LEU C 72 2.24 3.88 -23.54
N ALA C 73 2.70 2.68 -23.88
CA ALA C 73 3.06 2.35 -25.27
C ALA C 73 1.84 2.41 -26.21
N GLU C 74 0.70 1.88 -25.81
CA GLU C 74 -0.55 1.90 -26.56
C GLU C 74 -0.96 3.35 -26.76
N LEU C 75 -0.96 4.19 -25.74
CA LEU C 75 -1.36 5.60 -25.85
C LEU C 75 -0.39 6.35 -26.76
N GLU C 76 0.91 6.07 -26.73
CA GLU C 76 1.89 6.88 -27.47
C GLU C 76 2.06 6.35 -28.90
N GLY C 77 1.55 5.12 -29.20
CA GLY C 77 1.81 4.40 -30.45
C GLY C 77 3.19 3.76 -30.49
N GLY C 78 3.73 3.13 -29.41
CA GLY C 78 5.12 2.61 -29.50
C GLY C 78 5.14 1.11 -29.42
N ALA C 79 6.33 0.54 -29.47
CA ALA C 79 6.44 -0.92 -29.45
C ALA C 79 6.36 -1.47 -27.99
N GLY C 80 6.68 -0.65 -26.98
CA GLY C 80 6.91 -1.06 -25.59
C GLY C 80 7.15 0.12 -24.66
N GLY C 81 6.93 -0.06 -23.36
CA GLY C 81 7.40 0.94 -22.41
C GLY C 81 8.19 0.35 -21.25
N VAL C 82 9.11 1.17 -20.72
CA VAL C 82 9.97 0.91 -19.57
C VAL C 82 9.64 2.00 -18.55
N ILE C 83 9.28 1.56 -17.36
CA ILE C 83 8.88 2.39 -16.22
C ILE C 83 10.07 2.46 -15.26
N THR C 84 10.49 3.68 -14.94
CA THR C 84 11.65 4.00 -14.09
C THR C 84 11.17 4.60 -12.77
N SER C 85 12.08 4.71 -11.84
CA SER C 85 11.80 5.13 -10.45
C SER C 85 11.51 6.61 -10.42
N THR C 86 12.03 7.38 -11.35
CA THR C 86 11.70 8.84 -11.53
C THR C 86 11.70 9.26 -12.99
N GLY C 87 11.14 10.42 -13.24
CA GLY C 87 11.26 11.04 -14.53
C GLY C 87 12.72 11.30 -14.88
N MET C 88 13.53 11.82 -13.95
CA MET C 88 14.96 12.04 -14.30
C MET C 88 15.57 10.70 -14.66
N GLY C 89 15.12 9.62 -13.99
CA GLY C 89 15.62 8.26 -14.26
C GLY C 89 15.31 7.83 -15.65
N ALA C 90 14.18 8.29 -16.19
CA ALA C 90 13.86 7.98 -17.57
C ALA C 90 14.85 8.67 -18.54
N ILE C 91 15.15 9.93 -18.28
CA ILE C 91 16.11 10.70 -19.09
C ILE C 91 17.48 10.05 -18.96
N ASN C 92 17.86 9.68 -17.76
CA ASN C 92 19.14 8.97 -17.53
C ASN C 92 19.16 7.63 -18.26
N LEU C 93 18.08 6.88 -18.24
CA LEU C 93 18.06 5.62 -19.05
C LEU C 93 18.32 5.89 -20.54
N VAL C 94 17.63 6.83 -21.14
CA VAL C 94 17.88 7.15 -22.58
C VAL C 94 19.34 7.56 -22.79
N LEU C 95 19.90 8.43 -21.96
CA LEU C 95 21.31 8.88 -22.14
C LEU C 95 22.28 7.69 -22.05
N ASN C 96 22.15 6.81 -21.07
CA ASN C 96 22.99 5.62 -20.99
C ASN C 96 22.66 4.66 -22.14
N ALA C 97 21.43 4.40 -22.56
CA ALA C 97 21.23 3.35 -23.58
C ALA C 97 21.78 3.80 -24.95
N VAL C 98 21.76 5.10 -25.25
CA VAL C 98 21.94 5.63 -26.64
C VAL C 98 23.32 6.26 -26.82
N LEU C 99 23.86 6.92 -25.81
CA LEU C 99 25.11 7.71 -25.98
C LEU C 99 26.32 6.96 -25.38
N GLN C 100 27.52 7.31 -25.81
CA GLN C 100 28.83 6.96 -25.20
C GLN C 100 29.80 8.10 -25.50
N PRO C 101 31.00 8.13 -24.86
CA PRO C 101 31.96 9.23 -25.08
C PRO C 101 32.26 9.36 -26.57
N GLY C 102 32.36 10.60 -27.00
CA GLY C 102 32.59 10.88 -28.44
C GLY C 102 31.28 11.24 -29.14
N ASP C 103 30.12 10.80 -28.64
CA ASP C 103 28.81 11.19 -29.22
C ASP C 103 28.48 12.64 -28.79
N THR C 104 27.71 13.35 -29.62
CA THR C 104 27.20 14.65 -29.17
C THR C 104 25.70 14.55 -28.98
N LEU C 105 25.27 15.20 -27.94
CA LEU C 105 23.81 15.36 -27.63
C LEU C 105 23.42 16.83 -27.78
N VAL C 106 22.30 17.05 -28.49
CA VAL C 106 21.66 18.39 -28.55
C VAL C 106 20.45 18.38 -27.63
N VAL C 107 20.38 19.37 -26.79
CA VAL C 107 19.23 19.57 -25.84
C VAL C 107 18.72 21.01 -25.95
N PRO C 108 17.51 21.28 -25.48
CA PRO C 108 16.98 22.62 -25.53
C PRO C 108 17.51 23.57 -24.44
N HIS C 109 17.62 24.85 -24.72
CA HIS C 109 18.13 25.84 -23.75
C HIS C 109 17.13 25.93 -22.63
N ASP C 110 15.83 25.82 -22.90
CA ASP C 110 14.82 26.13 -21.85
C ASP C 110 14.20 24.85 -21.27
N ALA C 111 14.89 23.72 -21.32
CA ALA C 111 14.46 22.46 -20.67
C ALA C 111 14.28 22.64 -19.14
N TYR C 112 13.50 21.76 -18.53
CA TYR C 112 13.43 21.54 -17.05
C TYR C 112 14.84 21.71 -16.46
N GLY C 113 14.99 22.53 -15.43
CA GLY C 113 16.33 22.76 -14.83
C GLY C 113 17.04 21.49 -14.30
N GLY C 114 16.27 20.47 -13.89
CA GLY C 114 16.85 19.18 -13.48
C GLY C 114 17.38 18.43 -14.69
N SER C 115 16.73 18.60 -15.81
CA SER C 115 17.31 18.09 -17.08
C SER C 115 18.68 18.77 -17.36
N TRP C 116 18.69 20.12 -17.37
CA TRP C 116 19.89 20.97 -17.57
C TRP C 116 20.95 20.44 -16.59
N ARG C 117 20.60 20.23 -15.33
CA ARG C 117 21.61 19.81 -14.32
C ARG C 117 22.22 18.47 -14.75
N LEU C 118 21.40 17.49 -15.11
CA LEU C 118 21.94 16.18 -15.50
C LEU C 118 22.81 16.31 -16.78
N PHE C 119 22.32 17.01 -17.82
CA PHE C 119 23.06 17.14 -19.09
C PHE C 119 24.42 17.73 -18.78
N ASN C 120 24.50 18.75 -17.93
CA ASN C 120 25.75 19.53 -17.75
C ASN C 120 26.70 18.73 -16.85
N ALA C 121 26.19 17.99 -15.88
CA ALA C 121 27.00 17.15 -14.98
C ALA C 121 27.61 16.00 -15.81
N LEU C 122 26.85 15.39 -16.72
CA LEU C 122 27.37 14.17 -17.40
C LEU C 122 28.31 14.62 -18.53
N ALA C 123 28.04 15.76 -19.17
CA ALA C 123 28.98 16.37 -20.14
C ALA C 123 30.32 16.76 -19.49
N LYS C 124 30.33 17.33 -18.29
CA LYS C 124 31.56 17.73 -17.58
C LYS C 124 32.40 16.49 -17.27
N LYS C 125 31.80 15.34 -16.99
CA LYS C 125 32.53 14.05 -16.84
C LYS C 125 33.06 13.55 -18.18
N GLY C 126 32.54 13.97 -19.31
CA GLY C 126 32.99 13.41 -20.62
C GLY C 126 32.17 12.21 -21.08
N HIS C 127 30.93 11.98 -20.57
CA HIS C 127 30.03 10.88 -21.04
C HIS C 127 29.58 11.18 -22.46
N PHE C 128 29.58 12.46 -22.84
CA PHE C 128 29.21 12.93 -24.22
C PHE C 128 29.59 14.42 -24.31
N ALA C 129 29.56 14.97 -25.52
CA ALA C 129 29.65 16.43 -25.72
C ALA C 129 28.22 16.96 -25.84
N LEU C 130 28.03 18.15 -25.29
CA LEU C 130 26.70 18.76 -25.16
C LEU C 130 26.65 20.00 -26.06
N ILE C 131 25.57 20.13 -26.81
CA ILE C 131 25.18 21.39 -27.51
C ILE C 131 23.82 21.79 -26.99
N THR C 132 23.76 22.94 -26.36
CA THR C 132 22.53 23.47 -25.79
C THR C 132 22.07 24.56 -26.78
N ALA C 133 20.91 24.37 -27.38
CA ALA C 133 20.43 25.17 -28.55
C ALA C 133 18.97 25.59 -28.37
N ASP C 134 18.55 26.65 -29.02
CA ASP C 134 17.13 27.08 -29.12
C ASP C 134 16.52 26.28 -30.27
N LEU C 135 15.80 25.19 -29.96
CA LEU C 135 15.23 24.34 -31.03
C LEU C 135 14.01 25.03 -31.67
N THR C 136 13.55 26.21 -31.23
CA THR C 136 12.40 26.98 -31.82
C THR C 136 12.82 27.89 -32.97
N VAL C 137 14.11 28.10 -33.08
CA VAL C 137 14.79 29.03 -34.00
C VAL C 137 15.58 28.22 -35.02
N PRO C 138 15.16 28.27 -36.29
CA PRO C 138 15.82 27.49 -37.38
C PRO C 138 17.34 27.50 -37.47
N ARG C 139 17.93 28.69 -37.32
CA ARG C 139 19.36 29.07 -37.26
C ARG C 139 20.08 28.19 -36.22
N SER C 140 19.61 28.29 -34.97
CA SER C 140 20.25 27.64 -33.81
C SER C 140 20.17 26.11 -33.97
N LEU C 141 19.05 25.65 -34.51
CA LEU C 141 18.85 24.20 -34.77
C LEU C 141 19.87 23.75 -35.80
N ALA C 142 19.96 24.44 -36.96
CA ALA C 142 20.80 24.00 -38.11
C ALA C 142 22.27 23.98 -37.71
N ASP C 143 22.70 24.94 -36.88
CA ASP C 143 24.10 24.99 -36.30
C ASP C 143 24.35 23.79 -35.35
N ALA C 144 23.36 23.32 -34.56
CA ALA C 144 23.52 22.09 -33.74
C ALA C 144 23.55 20.81 -34.60
N LEU C 145 22.69 20.70 -35.59
CA LEU C 145 22.61 19.54 -36.50
C LEU C 145 23.81 19.47 -37.43
N ALA C 146 24.48 20.60 -37.71
CA ALA C 146 25.72 20.62 -38.55
C ALA C 146 26.83 19.87 -37.80
N GLN C 147 26.74 19.69 -36.48
CA GLN C 147 27.77 18.95 -35.71
C GLN C 147 27.48 17.45 -35.64
N SER C 148 26.58 16.87 -36.44
CA SER C 148 26.33 15.39 -36.50
C SER C 148 26.04 14.77 -35.14
N PRO C 149 25.01 15.25 -34.39
CA PRO C 149 24.71 14.69 -33.08
C PRO C 149 24.18 13.25 -33.22
N LYS C 150 24.35 12.49 -32.15
CA LYS C 150 23.81 11.12 -32.06
C LYS C 150 22.34 11.24 -31.68
N LEU C 151 22.00 12.26 -30.86
CA LEU C 151 20.66 12.34 -30.25
C LEU C 151 20.29 13.78 -30.07
N VAL C 152 19.06 14.09 -30.41
CA VAL C 152 18.45 15.38 -30.08
C VAL C 152 17.31 15.15 -29.11
N LEU C 153 17.30 15.90 -28.03
CA LEU C 153 16.19 15.94 -27.06
C LEU C 153 15.39 17.23 -27.24
N ILE C 154 14.11 17.04 -27.37
CA ILE C 154 13.05 18.06 -27.46
C ILE C 154 12.20 18.02 -26.21
N GLU C 155 11.90 19.19 -25.65
CA GLU C 155 10.95 19.32 -24.55
C GLU C 155 9.90 20.33 -25.02
N THR C 156 8.68 19.86 -25.32
CA THR C 156 7.63 20.76 -25.82
C THR C 156 6.30 20.30 -25.26
N PRO C 157 5.50 21.21 -24.71
CA PRO C 157 5.93 22.59 -24.48
C PRO C 157 6.99 22.64 -23.37
N SER C 158 7.77 23.71 -23.28
CA SER C 158 8.99 23.77 -22.46
C SER C 158 8.60 24.27 -21.05
N ASN C 159 9.35 23.84 -20.05
CA ASN C 159 9.13 24.18 -18.64
C ASN C 159 10.14 25.26 -18.30
N PRO C 160 9.79 26.49 -17.86
CA PRO C 160 8.42 26.91 -17.59
C PRO C 160 7.84 28.00 -18.49
N LEU C 161 8.39 28.20 -19.68
CA LEU C 161 7.94 29.30 -20.55
C LEU C 161 6.99 28.82 -21.65
N LEU C 162 6.66 27.53 -21.76
CA LEU C 162 5.66 26.99 -22.72
C LEU C 162 6.05 27.37 -24.19
N ARG C 163 7.33 27.35 -24.55
CA ARG C 163 7.80 27.47 -25.95
C ARG C 163 7.42 26.17 -26.69
N ILE C 164 7.05 26.29 -27.97
CA ILE C 164 6.50 25.20 -28.79
C ILE C 164 7.57 24.87 -29.80
N THR C 165 8.16 23.68 -29.68
CA THR C 165 9.07 23.18 -30.73
C THR C 165 8.21 22.47 -31.77
N ASP C 166 8.54 22.71 -33.00
CA ASP C 166 7.90 22.15 -34.21
C ASP C 166 8.40 20.72 -34.41
N LEU C 167 7.59 19.73 -34.02
CA LEU C 167 7.99 18.32 -34.07
C LEU C 167 8.34 17.85 -35.50
N ARG C 168 7.47 18.05 -36.49
CA ARG C 168 7.70 17.75 -37.94
C ARG C 168 9.06 18.29 -38.32
N PHE C 169 9.24 19.59 -38.14
CA PHE C 169 10.44 20.32 -38.58
C PHE C 169 11.68 19.73 -37.90
N VAL C 170 11.69 19.66 -36.54
CA VAL C 170 12.97 19.33 -35.86
C VAL C 170 13.26 17.86 -36.11
N ILE C 171 12.24 17.00 -36.21
CA ILE C 171 12.51 15.54 -36.31
C ILE C 171 12.96 15.22 -37.72
N GLU C 172 12.36 15.84 -38.71
CA GLU C 172 12.84 15.67 -40.10
C GLU C 172 14.28 16.19 -40.23
N ALA C 173 14.63 17.35 -39.70
CA ALA C 173 15.99 17.91 -39.90
C ALA C 173 17.01 16.95 -39.23
N ALA C 174 16.67 16.38 -38.08
CA ALA C 174 17.58 15.50 -37.28
C ALA C 174 17.73 14.16 -38.00
N LYS C 175 16.67 13.62 -38.57
CA LYS C 175 16.75 12.39 -39.38
C LYS C 175 17.62 12.63 -40.61
N LYS C 176 17.67 13.83 -41.21
CA LYS C 176 18.50 14.08 -42.43
C LYS C 176 19.99 13.96 -42.06
N VAL C 177 20.42 14.31 -40.83
CA VAL C 177 21.81 14.13 -40.35
C VAL C 177 21.98 12.84 -39.55
N GLY C 178 21.04 11.91 -39.55
CA GLY C 178 21.23 10.58 -38.92
C GLY C 178 21.11 10.58 -37.38
N ALA C 179 20.54 11.62 -36.78
CA ALA C 179 20.30 11.69 -35.33
C ALA C 179 18.98 11.03 -34.92
N LEU C 180 19.03 10.36 -33.78
CA LEU C 180 17.84 9.90 -33.05
C LEU C 180 17.21 11.12 -32.39
N THR C 181 15.90 11.02 -32.16
CA THR C 181 15.16 12.05 -31.44
C THR C 181 14.45 11.42 -30.24
N VAL C 182 14.43 12.18 -29.16
CA VAL C 182 13.64 11.84 -27.96
C VAL C 182 12.83 13.05 -27.56
N VAL C 183 11.54 12.88 -27.28
CA VAL C 183 10.68 14.01 -26.80
C VAL C 183 10.23 13.75 -25.36
N ASP C 184 10.48 14.73 -24.50
CA ASP C 184 9.90 14.84 -23.15
C ASP C 184 8.50 15.40 -23.36
N ASN C 185 7.52 14.52 -23.24
CA ASN C 185 6.08 14.79 -23.41
C ASN C 185 5.38 14.91 -22.07
N THR C 186 6.11 15.28 -21.01
CA THR C 186 5.55 15.41 -19.63
C THR C 186 4.39 16.40 -19.60
N PHE C 187 4.55 17.56 -20.20
CA PHE C 187 3.64 18.73 -20.03
C PHE C 187 2.26 18.54 -20.64
N LEU C 188 2.11 17.71 -21.68
CA LEU C 188 0.78 17.46 -22.28
C LEU C 188 0.27 16.06 -22.03
N SER C 189 1.14 15.12 -21.75
CA SER C 189 0.77 13.69 -21.65
C SER C 189 0.44 13.11 -23.01
N PRO C 190 0.34 11.77 -23.13
CA PRO C 190 -0.03 11.10 -24.37
C PRO C 190 -1.43 11.48 -24.84
N ALA C 191 -2.28 11.95 -23.95
CA ALA C 191 -3.69 12.23 -24.33
C ALA C 191 -3.73 13.48 -25.21
N LEU C 192 -2.70 14.33 -25.18
CA LEU C 192 -2.75 15.66 -25.83
C LEU C 192 -1.66 15.87 -26.90
N GLN C 193 -0.69 14.97 -27.01
CA GLN C 193 0.43 15.08 -27.99
C GLN C 193 1.02 13.70 -28.10
N LYS C 194 1.33 13.28 -29.31
CA LYS C 194 1.95 11.96 -29.63
C LYS C 194 3.16 12.17 -30.50
N PRO C 195 4.32 12.47 -29.87
CA PRO C 195 5.55 12.71 -30.63
C PRO C 195 5.93 11.59 -31.59
N LEU C 196 5.57 10.35 -31.26
CA LEU C 196 5.92 9.21 -32.16
C LEU C 196 5.18 9.35 -33.49
N ASP C 197 3.99 9.94 -33.55
CA ASP C 197 3.28 10.15 -34.82
C ASP C 197 4.12 11.09 -35.68
N PHE C 198 5.02 11.88 -35.14
CA PHE C 198 5.87 12.79 -35.94
C PHE C 198 7.20 12.09 -36.27
N GLY C 199 7.33 10.80 -35.99
CA GLY C 199 8.60 10.10 -36.30
C GLY C 199 9.69 10.14 -35.22
N ALA C 200 9.46 10.66 -34.01
CA ALA C 200 10.43 10.52 -32.90
C ALA C 200 10.77 9.03 -32.66
N ASP C 201 12.02 8.73 -32.35
CA ASP C 201 12.40 7.35 -31.94
C ASP C 201 11.88 7.02 -30.52
N LEU C 202 11.81 8.03 -29.68
CA LEU C 202 11.59 7.88 -28.23
C LEU C 202 10.70 9.00 -27.74
N VAL C 203 9.79 8.64 -26.83
CA VAL C 203 9.12 9.68 -26.05
C VAL C 203 9.25 9.31 -24.58
N LEU C 204 9.33 10.29 -23.70
CA LEU C 204 9.40 9.96 -22.28
C LEU C 204 8.57 10.91 -21.43
N HIS C 205 8.37 10.49 -20.20
CA HIS C 205 7.52 11.22 -19.26
C HIS C 205 8.09 11.15 -17.85
N SER C 206 7.91 12.21 -17.10
CA SER C 206 7.73 12.14 -15.64
C SER C 206 6.30 11.71 -15.39
N THR C 207 6.09 10.45 -14.98
CA THR C 207 4.73 9.97 -14.73
C THR C 207 4.24 10.61 -13.44
N THR C 208 5.15 11.27 -12.72
CA THR C 208 4.87 12.05 -11.51
C THR C 208 3.76 13.08 -11.79
N LYS C 209 3.64 13.52 -13.03
CA LYS C 209 2.75 14.66 -13.30
C LYS C 209 1.35 14.16 -13.66
N TYR C 210 0.86 14.46 -14.88
CA TYR C 210 -0.51 14.17 -15.32
C TYR C 210 -0.81 12.67 -15.39
N ILE C 211 0.14 11.85 -15.78
CA ILE C 211 -0.18 10.40 -15.90
C ILE C 211 -0.62 9.85 -14.55
N ASN C 212 0.16 10.01 -13.50
CA ASN C 212 -0.30 9.60 -12.16
C ASN C 212 -1.43 10.57 -11.70
N GLY C 213 -1.19 11.86 -11.75
CA GLY C 213 -2.25 12.86 -11.55
C GLY C 213 -2.60 13.13 -10.11
N HIS C 214 -1.97 12.45 -9.14
CA HIS C 214 -2.40 12.59 -7.73
C HIS C 214 -1.28 13.01 -6.76
N SER C 215 -0.10 13.35 -7.27
CA SER C 215 0.98 13.92 -6.44
C SER C 215 1.39 12.95 -5.32
N ASP C 216 1.31 11.68 -5.57
CA ASP C 216 1.62 10.65 -4.54
C ASP C 216 2.48 9.51 -5.15
N VAL C 217 3.17 9.77 -6.26
CA VAL C 217 4.13 8.84 -6.91
C VAL C 217 5.18 9.72 -7.58
N VAL C 218 6.45 9.37 -7.48
CA VAL C 218 7.44 9.88 -8.44
C VAL C 218 7.80 8.68 -9.29
N GLY C 219 7.76 8.92 -10.62
CA GLY C 219 8.06 7.92 -11.65
C GLY C 219 8.41 8.49 -13.00
N GLY C 220 8.94 7.63 -13.88
CA GLY C 220 9.20 7.98 -15.27
C GLY C 220 8.79 6.85 -16.18
N ALA C 221 8.76 7.14 -17.48
CA ALA C 221 8.53 6.11 -18.50
C ALA C 221 9.23 6.54 -19.77
N VAL C 222 9.61 5.55 -20.53
CA VAL C 222 10.20 5.78 -21.85
C VAL C 222 9.47 4.81 -22.78
N VAL C 223 9.00 5.30 -23.91
CA VAL C 223 8.36 4.44 -24.93
C VAL C 223 9.19 4.55 -26.19
N ALA C 224 9.59 3.44 -26.76
CA ALA C 224 10.32 3.48 -28.07
C ALA C 224 9.35 3.13 -29.19
N ARG C 225 9.44 3.83 -30.30
CA ARG C 225 8.75 3.44 -31.57
C ARG C 225 9.13 2.01 -31.94
N ASP C 226 10.41 1.70 -31.97
CA ASP C 226 10.95 0.47 -32.60
C ASP C 226 11.15 -0.60 -31.49
N ALA C 227 10.76 -1.83 -31.76
CA ALA C 227 10.93 -2.99 -30.85
C ALA C 227 12.39 -3.18 -30.41
N GLU C 228 13.36 -3.02 -31.29
CA GLU C 228 14.77 -3.31 -30.96
C GLU C 228 15.26 -2.23 -29.98
N LEU C 229 14.95 -0.96 -30.18
CA LEU C 229 15.37 0.06 -29.21
C LEU C 229 14.64 -0.13 -27.85
N HIS C 230 13.38 -0.57 -27.86
CA HIS C 230 12.63 -0.97 -26.66
C HIS C 230 13.44 -2.04 -25.91
N GLN C 231 13.92 -3.10 -26.58
CA GLN C 231 14.76 -4.18 -25.94
C GLN C 231 16.05 -3.57 -25.37
N GLN C 232 16.64 -2.61 -26.01
CA GLN C 232 17.88 -1.97 -25.50
C GLN C 232 17.51 -1.21 -24.22
N LEU C 233 16.33 -0.59 -24.15
CA LEU C 233 15.99 0.19 -22.95
C LEU C 233 15.74 -0.79 -21.80
N VAL C 234 15.07 -1.93 -22.08
CA VAL C 234 14.75 -2.99 -21.10
C VAL C 234 16.07 -3.49 -20.52
N TRP C 235 17.02 -3.72 -21.39
CA TRP C 235 18.36 -4.28 -21.01
C TRP C 235 19.08 -3.30 -20.08
N TRP C 236 19.16 -2.06 -20.49
CA TRP C 236 19.87 -0.99 -19.75
C TRP C 236 19.15 -0.67 -18.44
N ALA C 237 17.84 -0.65 -18.44
CA ALA C 237 17.12 -0.33 -17.21
C ALA C 237 17.40 -1.42 -16.17
N ASN C 238 17.45 -2.66 -16.60
CA ASN C 238 17.70 -3.86 -15.78
C ASN C 238 19.16 -3.82 -15.26
N ALA C 239 20.11 -3.55 -16.13
CA ALA C 239 21.56 -3.55 -15.83
C ALA C 239 21.88 -2.44 -14.82
N LEU C 240 21.33 -1.23 -15.03
CA LEU C 240 21.58 -0.03 -14.19
C LEU C 240 20.71 -0.02 -12.94
N GLY C 241 19.66 -0.87 -12.91
CA GLY C 241 18.72 -0.92 -11.79
C GLY C 241 17.92 0.40 -11.63
N LEU C 242 17.39 0.93 -12.72
CA LEU C 242 16.59 2.20 -12.78
C LEU C 242 15.07 1.91 -12.74
N THR C 243 14.66 0.65 -12.81
CA THR C 243 13.23 0.30 -12.86
C THR C 243 12.55 0.69 -11.55
N GLY C 244 11.24 0.96 -11.64
CA GLY C 244 10.45 1.42 -10.48
C GLY C 244 9.76 0.29 -9.76
N SER C 245 9.08 0.69 -8.73
CA SER C 245 8.36 -0.18 -7.80
C SER C 245 6.97 -0.51 -8.32
N PRO C 246 6.60 -1.78 -8.20
CA PRO C 246 5.31 -2.30 -8.55
C PRO C 246 4.21 -1.52 -7.81
N PHE C 247 4.40 -1.13 -6.56
CA PHE C 247 3.32 -0.39 -5.87
C PHE C 247 3.10 0.94 -6.58
N ASP C 248 4.17 1.62 -6.93
CA ASP C 248 4.06 2.92 -7.60
C ASP C 248 3.38 2.72 -8.95
N ALA C 249 3.68 1.59 -9.62
CA ALA C 249 3.04 1.35 -10.93
C ALA C 249 1.53 1.14 -10.79
N PHE C 250 1.10 0.49 -9.75
CA PHE C 250 -0.30 0.27 -9.41
C PHE C 250 -0.95 1.64 -9.21
N LEU C 251 -0.39 2.53 -8.41
CA LEU C 251 -1.01 3.85 -8.19
C LEU C 251 -1.05 4.66 -9.50
N THR C 252 -0.01 4.54 -10.31
CA THR C 252 0.16 5.31 -11.55
C THR C 252 -0.89 4.80 -12.53
N LEU C 253 -1.01 3.47 -12.67
CA LEU C 253 -2.06 2.92 -13.57
C LEU C 253 -3.46 3.36 -13.06
N ARG C 254 -3.66 3.40 -11.76
CA ARG C 254 -4.93 3.80 -11.18
C ARG C 254 -5.20 5.27 -11.60
N GLY C 255 -4.21 6.13 -11.49
CA GLY C 255 -4.35 7.56 -11.85
C GLY C 255 -4.61 7.77 -13.33
N LEU C 256 -3.90 7.01 -14.16
CA LEU C 256 -4.04 7.02 -15.63
C LEU C 256 -5.50 6.78 -16.02
N ARG C 257 -6.25 5.98 -15.25
CA ARG C 257 -7.65 5.67 -15.67
C ARG C 257 -8.52 6.97 -15.77
N THR C 258 -8.18 8.04 -15.03
CA THR C 258 -8.93 9.30 -15.04
C THR C 258 -8.21 10.37 -15.87
N LEU C 259 -7.12 10.07 -16.55
CA LEU C 259 -6.35 11.06 -17.36
C LEU C 259 -7.28 11.86 -18.28
N ASP C 260 -8.14 11.21 -19.04
CA ASP C 260 -9.09 11.92 -19.93
C ASP C 260 -10.05 12.83 -19.12
N ALA C 261 -10.68 12.27 -18.10
CA ALA C 261 -11.67 12.99 -17.32
C ALA C 261 -11.05 14.20 -16.66
N ARG C 262 -9.84 14.02 -16.17
CA ARG C 262 -9.14 15.11 -15.45
C ARG C 262 -8.82 16.20 -16.48
N LEU C 263 -8.19 15.85 -17.61
CA LEU C 263 -7.73 16.83 -18.63
C LEU C 263 -8.91 17.65 -19.15
N ARG C 264 -10.12 17.07 -19.25
CA ARG C 264 -11.27 17.94 -19.67
C ARG C 264 -11.49 19.09 -18.66
N VAL C 265 -11.45 18.81 -17.35
CA VAL C 265 -11.57 19.90 -16.35
C VAL C 265 -10.31 20.78 -16.31
N HIS C 266 -9.10 20.20 -16.40
CA HIS C 266 -7.86 20.99 -16.35
C HIS C 266 -7.98 22.04 -17.46
N GLN C 267 -8.32 21.62 -18.69
CA GLN C 267 -8.37 22.52 -19.90
C GLN C 267 -9.49 23.56 -19.78
N GLU C 268 -10.69 23.18 -19.32
CA GLU C 268 -11.76 24.18 -19.07
C GLU C 268 -11.20 25.26 -18.13
N ASN C 269 -10.58 24.85 -17.02
CA ASN C 269 -10.12 25.80 -15.97
C ASN C 269 -8.97 26.64 -16.54
N ALA C 270 -8.06 26.02 -17.27
CA ALA C 270 -6.92 26.80 -17.81
C ALA C 270 -7.39 27.84 -18.84
N ASP C 271 -8.30 27.50 -19.77
CA ASP C 271 -8.88 28.47 -20.77
C ASP C 271 -9.49 29.68 -20.02
N ALA C 272 -10.15 29.49 -18.88
CA ALA C 272 -10.76 30.60 -18.13
C ALA C 272 -9.72 31.43 -17.40
N ILE C 273 -8.67 30.78 -16.89
CA ILE C 273 -7.63 31.53 -16.14
C ILE C 273 -6.81 32.35 -17.13
N ALA C 274 -6.45 31.77 -18.28
CA ALA C 274 -5.76 32.49 -19.39
C ALA C 274 -6.55 33.72 -19.75
N GLU C 275 -7.87 33.63 -19.91
CA GLU C 275 -8.80 34.77 -20.22
C GLU C 275 -8.68 35.86 -19.14
N LEU C 276 -8.69 35.51 -17.86
CA LEU C 276 -8.47 36.47 -16.77
C LEU C 276 -7.05 37.09 -16.85
N LEU C 277 -5.98 36.35 -17.08
CA LEU C 277 -4.63 36.94 -16.91
C LEU C 277 -4.25 37.75 -18.16
N ASP C 278 -4.64 37.32 -19.35
CA ASP C 278 -4.35 38.00 -20.63
C ASP C 278 -5.02 39.39 -20.65
N GLY C 279 -4.20 40.44 -20.77
CA GLY C 279 -4.69 41.82 -20.82
C GLY C 279 -5.14 42.41 -19.46
N HIS C 280 -5.24 41.63 -18.34
CA HIS C 280 -5.40 42.17 -16.94
C HIS C 280 -4.31 43.24 -16.69
N ALA C 281 -4.70 44.35 -16.05
CA ALA C 281 -3.83 45.54 -15.84
C ALA C 281 -2.59 45.11 -15.02
N MET C 282 -2.68 44.09 -14.17
CA MET C 282 -1.56 43.73 -13.28
C MET C 282 -0.61 42.69 -13.89
N VAL C 283 -0.88 42.28 -15.13
CA VAL C 283 -0.12 41.19 -15.78
C VAL C 283 0.62 41.77 -16.97
N ASN C 284 1.94 41.87 -16.84
CA ASN C 284 2.86 42.27 -17.93
C ASN C 284 2.80 41.17 -19.00
N GLN C 285 2.95 39.89 -18.66
CA GLN C 285 3.08 38.82 -19.70
C GLN C 285 2.44 37.52 -19.18
N VAL C 286 1.73 36.85 -20.09
CA VAL C 286 1.18 35.49 -19.92
C VAL C 286 1.79 34.60 -20.98
N TYR C 287 2.26 33.41 -20.58
CA TYR C 287 2.76 32.38 -21.50
C TYR C 287 1.82 31.19 -21.39
N PHE C 288 1.03 31.02 -22.43
CA PHE C 288 0.01 29.98 -22.57
C PHE C 288 -0.29 29.74 -24.03
N PRO C 289 0.05 28.53 -24.49
CA PRO C 289 -0.06 28.22 -25.90
C PRO C 289 -1.49 28.42 -26.43
N GLY C 290 -2.53 28.41 -25.60
CA GLY C 290 -3.91 28.56 -26.11
C GLY C 290 -4.28 29.99 -26.50
N LEU C 291 -3.48 30.99 -26.13
CA LEU C 291 -3.69 32.42 -26.47
C LEU C 291 -3.23 32.60 -27.92
N ALA C 292 -4.06 33.28 -28.71
CA ALA C 292 -3.83 33.46 -30.17
C ALA C 292 -2.54 34.25 -30.43
N THR C 293 -2.09 35.07 -29.47
CA THR C 293 -0.89 35.94 -29.50
C THR C 293 0.35 35.28 -28.90
N HIS C 294 0.24 34.06 -28.36
CA HIS C 294 1.45 33.29 -27.96
C HIS C 294 2.19 32.86 -29.25
N PRO C 295 3.51 33.10 -29.39
CA PRO C 295 4.19 32.63 -30.62
C PRO C 295 4.11 31.09 -30.56
N GLY C 296 3.85 30.44 -31.64
CA GLY C 296 3.65 28.99 -31.33
C GLY C 296 2.20 28.52 -31.20
N HIS C 297 1.24 29.44 -31.10
CA HIS C 297 -0.20 29.10 -30.98
C HIS C 297 -0.57 28.20 -32.15
N ALA C 298 -0.24 28.65 -33.36
CA ALA C 298 -0.78 27.98 -34.55
C ALA C 298 -0.14 26.60 -34.63
N LEU C 299 1.12 26.50 -34.23
CA LEU C 299 1.87 25.23 -34.17
C LEU C 299 1.22 24.29 -33.15
N ALA C 300 1.00 24.80 -31.94
CA ALA C 300 0.39 24.03 -30.85
C ALA C 300 -0.99 23.53 -31.32
N ALA C 301 -1.75 24.36 -32.09
CA ALA C 301 -3.13 24.01 -32.54
C ALA C 301 -3.07 22.83 -33.49
N ARG C 302 -1.97 22.66 -34.22
CA ARG C 302 -1.90 21.58 -35.22
C ARG C 302 -1.14 20.37 -34.64
N GLN C 303 -0.12 20.49 -33.77
CA GLN C 303 0.61 19.27 -33.34
C GLN C 303 0.05 18.70 -32.00
N GLN C 304 -0.80 19.47 -31.29
CA GLN C 304 -1.43 19.11 -30.00
C GLN C 304 -2.95 18.92 -30.22
N LYS C 305 -3.59 18.14 -29.34
CA LYS C 305 -5.05 17.88 -29.30
C LYS C 305 -5.67 18.77 -28.25
N GLY C 306 -4.87 19.56 -27.56
CA GLY C 306 -5.36 20.57 -26.61
C GLY C 306 -4.21 21.44 -26.16
N PHE C 307 -4.50 22.56 -25.53
CA PHE C 307 -3.44 23.52 -25.12
C PHE C 307 -2.98 23.25 -23.68
N GLY C 308 -3.60 22.31 -22.95
CA GLY C 308 -3.04 21.89 -21.65
C GLY C 308 -3.47 22.84 -20.56
N ALA C 309 -2.82 22.73 -19.42
CA ALA C 309 -3.24 23.44 -18.22
C ALA C 309 -2.01 23.92 -17.48
N MET C 310 -0.83 23.97 -18.13
CA MET C 310 0.33 24.67 -17.56
C MET C 310 0.41 26.06 -18.17
N MET C 311 0.64 27.06 -17.32
CA MET C 311 0.94 28.42 -17.78
C MET C 311 1.90 29.12 -16.84
N SER C 312 2.60 30.15 -17.35
CA SER C 312 3.30 31.07 -16.45
C SER C 312 3.05 32.51 -16.87
N PHE C 313 3.43 33.42 -15.99
CA PHE C 313 3.07 34.86 -16.06
C PHE C 313 4.00 35.71 -15.17
N GLU C 314 4.16 36.97 -15.59
CA GLU C 314 5.03 38.03 -15.02
C GLU C 314 4.01 39.12 -14.66
N LEU C 315 3.94 39.45 -13.41
CA LEU C 315 3.20 40.56 -12.81
C LEU C 315 3.95 41.88 -13.03
N GLU C 316 3.18 42.96 -13.14
CA GLU C 316 3.62 44.36 -12.93
C GLU C 316 4.02 44.48 -11.45
N GLY C 317 5.06 45.23 -11.11
CA GLY C 317 5.22 45.75 -9.74
C GLY C 317 6.37 45.13 -8.96
N GLY C 318 7.28 44.45 -9.65
CA GLY C 318 8.51 43.95 -9.03
C GLY C 318 8.25 42.82 -8.06
N GLU C 319 9.25 42.60 -7.20
CA GLU C 319 9.32 41.54 -6.17
C GLU C 319 8.17 41.67 -5.16
N ALA C 320 7.74 42.89 -4.84
CA ALA C 320 6.78 43.12 -3.73
C ALA C 320 5.40 42.61 -4.15
N ALA C 321 5.10 42.80 -5.43
CA ALA C 321 3.86 42.34 -6.08
C ALA C 321 3.84 40.80 -6.11
N VAL C 322 4.96 40.18 -6.48
CA VAL C 322 5.05 38.69 -6.47
C VAL C 322 4.75 38.21 -5.05
N ARG C 323 5.38 38.80 -4.05
CA ARG C 323 5.28 38.31 -2.65
C ARG C 323 3.82 38.53 -2.22
N ALA C 324 3.19 39.63 -2.60
CA ALA C 324 1.80 39.87 -2.12
C ALA C 324 0.78 38.94 -2.83
N PHE C 325 1.00 38.73 -4.12
CA PHE C 325 0.17 37.81 -4.93
C PHE C 325 0.20 36.43 -4.23
N VAL C 326 1.39 35.92 -3.88
CA VAL C 326 1.59 34.51 -3.48
C VAL C 326 1.07 34.29 -2.06
N ASP C 327 1.33 35.21 -1.14
CA ASP C 327 0.88 35.13 0.28
C ASP C 327 -0.63 35.41 0.22
N GLY C 328 -1.45 34.43 0.61
CA GLY C 328 -2.91 34.52 0.63
C GLY C 328 -3.55 33.61 -0.41
N LEU C 329 -2.79 32.96 -1.30
CA LEU C 329 -3.47 32.02 -2.23
C LEU C 329 -4.05 30.89 -1.40
N ARG C 330 -5.31 30.60 -1.58
CA ARG C 330 -6.04 29.57 -0.79
C ARG C 330 -6.09 28.23 -1.51
N TYR C 331 -6.09 28.25 -2.84
CA TYR C 331 -6.36 27.05 -3.68
C TYR C 331 -5.18 26.74 -4.56
N PHE C 332 -4.15 27.57 -4.59
CA PHE C 332 -2.86 27.31 -5.27
C PHE C 332 -1.82 27.10 -4.17
N THR C 333 -1.47 25.86 -3.94
CA THR C 333 -0.40 25.45 -3.00
C THR C 333 0.96 25.88 -3.58
N LEU C 334 1.76 26.65 -2.84
CA LEU C 334 3.12 27.03 -3.30
C LEU C 334 4.01 25.80 -3.10
N ALA C 335 4.33 25.12 -4.19
CA ALA C 335 5.04 23.83 -4.15
C ALA C 335 5.56 23.51 -5.53
N GLU C 336 6.53 22.62 -5.56
CA GLU C 336 7.03 22.03 -6.81
C GLU C 336 6.01 21.03 -7.33
N SER C 337 6.35 20.56 -8.53
CA SER C 337 5.66 19.55 -9.36
C SER C 337 4.48 20.23 -10.10
N LEU C 338 3.69 19.41 -10.79
CA LEU C 338 2.59 19.87 -11.67
C LEU C 338 1.78 18.63 -12.05
N GLY C 339 0.62 18.87 -12.65
CA GLY C 339 -0.20 17.81 -13.28
C GLY C 339 -1.00 17.08 -12.27
N GLY C 340 -1.04 17.60 -11.05
CA GLY C 340 -1.92 17.06 -10.01
C GLY C 340 -3.34 17.59 -10.17
N VAL C 341 -4.28 16.83 -9.63
CA VAL C 341 -5.67 17.31 -9.48
C VAL C 341 -5.68 18.59 -8.65
N GLU C 342 -4.73 18.74 -7.72
CA GLU C 342 -4.62 19.93 -6.81
C GLU C 342 -3.90 21.08 -7.52
N SER C 343 -4.48 22.28 -7.57
CA SER C 343 -3.77 23.43 -8.22
C SER C 343 -2.52 23.83 -7.42
N LEU C 344 -1.49 24.27 -8.11
CA LEU C 344 -0.13 24.54 -7.60
C LEU C 344 0.43 25.83 -8.21
N ILE C 345 1.31 26.46 -7.46
CA ILE C 345 2.08 27.64 -7.96
C ILE C 345 3.54 27.40 -7.61
N ALA C 346 4.41 27.79 -8.53
CA ALA C 346 5.85 27.71 -8.31
C ALA C 346 6.51 28.99 -8.83
N HIS C 347 7.66 29.32 -8.22
CA HIS C 347 8.61 30.39 -8.55
C HIS C 347 9.87 29.74 -9.12
N PRO C 348 9.96 29.56 -10.46
CA PRO C 348 11.00 28.74 -11.05
C PRO C 348 12.42 29.13 -10.65
N ALA C 349 12.66 30.44 -10.52
CA ALA C 349 14.00 30.96 -10.17
C ALA C 349 14.45 30.41 -8.81
N SER C 350 13.58 30.35 -7.80
CA SER C 350 13.99 29.85 -6.46
C SER C 350 13.53 28.38 -6.23
N MET C 351 12.94 27.66 -7.19
CA MET C 351 12.29 26.32 -6.92
C MET C 351 12.65 25.35 -8.06
N THR C 352 11.84 25.26 -9.12
CA THR C 352 11.97 24.23 -10.18
C THR C 352 13.27 24.40 -10.96
N HIS C 353 13.78 25.63 -11.01
CA HIS C 353 14.93 25.96 -11.88
C HIS C 353 16.06 26.55 -11.03
N ALA C 354 16.04 26.37 -9.70
CA ALA C 354 17.17 26.81 -8.84
C ALA C 354 18.42 25.92 -9.13
N ALA C 355 18.27 24.74 -9.73
CA ALA C 355 19.40 23.85 -10.08
C ALA C 355 20.25 24.50 -11.20
N MET C 356 19.68 25.43 -11.95
CA MET C 356 20.38 26.15 -13.03
C MET C 356 21.18 27.32 -12.43
N THR C 357 22.28 27.73 -13.09
CA THR C 357 23.00 29.01 -12.86
C THR C 357 22.09 30.19 -13.26
N ALA C 358 22.27 31.34 -12.59
CA ALA C 358 21.65 32.64 -12.99
C ALA C 358 21.88 32.84 -14.52
N GLU C 359 23.04 32.45 -15.01
CA GLU C 359 23.44 32.62 -16.43
C GLU C 359 22.51 31.78 -17.37
N ALA C 360 22.31 30.49 -17.06
CA ALA C 360 21.55 29.54 -17.92
C ALA C 360 20.05 29.86 -17.86
N ARG C 361 19.60 30.40 -16.73
CA ARG C 361 18.23 30.93 -16.59
C ARG C 361 18.10 32.16 -17.50
N ALA C 362 19.07 33.08 -17.49
CA ALA C 362 19.00 34.30 -18.33
C ALA C 362 18.98 33.84 -19.78
N ALA C 363 19.80 32.87 -20.16
CA ALA C 363 19.82 32.34 -21.57
C ALA C 363 18.47 31.69 -21.89
N ALA C 364 17.83 31.04 -20.90
CA ALA C 364 16.50 30.44 -21.04
C ALA C 364 15.42 31.56 -21.10
N GLY C 365 15.75 32.78 -20.66
CA GLY C 365 14.80 33.92 -20.43
C GLY C 365 13.75 33.64 -19.33
N ILE C 366 14.15 32.97 -18.25
CA ILE C 366 13.35 32.74 -17.03
C ILE C 366 13.78 33.87 -16.09
N SER C 367 12.88 34.80 -15.82
CA SER C 367 13.17 35.98 -15.01
C SER C 367 12.91 35.63 -13.55
N ASP C 368 13.42 36.47 -12.66
CA ASP C 368 13.21 36.45 -11.19
C ASP C 368 11.74 36.76 -10.84
N GLY C 369 10.94 37.38 -11.72
CA GLY C 369 9.50 37.62 -11.42
C GLY C 369 8.58 36.48 -11.94
N LEU C 370 9.08 35.48 -12.68
CA LEU C 370 8.16 34.50 -13.32
C LEU C 370 7.46 33.64 -12.26
N LEU C 371 6.14 33.49 -12.42
CA LEU C 371 5.31 32.53 -11.64
C LEU C 371 4.72 31.51 -12.61
N ARG C 372 4.69 30.24 -12.19
CA ARG C 372 4.14 29.18 -13.03
C ARG C 372 2.94 28.59 -12.31
N LEU C 373 1.85 28.37 -13.04
CA LEU C 373 0.64 27.72 -12.47
C LEU C 373 0.52 26.34 -13.07
N SER C 374 0.22 25.38 -12.22
CA SER C 374 -0.31 24.07 -12.64
C SER C 374 -1.77 24.11 -12.21
N ILE C 375 -2.68 24.18 -13.16
CA ILE C 375 -4.14 24.39 -12.91
C ILE C 375 -4.76 23.03 -12.75
N GLY C 376 -5.39 22.86 -11.58
CA GLY C 376 -6.06 21.65 -11.10
C GLY C 376 -7.44 21.55 -11.66
N ILE C 377 -8.22 20.71 -11.00
CA ILE C 377 -9.62 20.37 -11.38
C ILE C 377 -10.63 20.82 -10.33
N GLU C 378 -10.25 21.79 -9.54
CA GLU C 378 -11.20 22.51 -8.64
C GLU C 378 -12.20 23.34 -9.47
N SER C 379 -13.25 23.89 -8.85
CA SER C 379 -14.28 24.70 -9.56
C SER C 379 -13.60 25.96 -10.15
N ALA C 380 -13.72 26.14 -11.47
CA ALA C 380 -13.23 27.37 -12.15
C ALA C 380 -13.62 28.58 -11.30
N GLU C 381 -14.88 28.63 -10.77
CA GLU C 381 -15.26 29.84 -9.98
C GLU C 381 -14.30 30.09 -8.82
N ASP C 382 -13.92 29.05 -8.04
CA ASP C 382 -13.02 29.20 -6.86
C ASP C 382 -11.63 29.64 -7.35
N LEU C 383 -11.10 29.05 -8.42
CA LEU C 383 -9.74 29.35 -8.84
C LEU C 383 -9.66 30.81 -9.30
N LEU C 384 -10.67 31.31 -9.99
CA LEU C 384 -10.72 32.73 -10.42
C LEU C 384 -10.88 33.68 -9.22
N ILE C 385 -11.75 33.40 -8.25
CA ILE C 385 -11.86 34.24 -7.01
C ILE C 385 -10.46 34.33 -6.37
N ASP C 386 -9.71 33.22 -6.31
CA ASP C 386 -8.41 33.15 -5.60
C ASP C 386 -7.42 34.01 -6.38
N LEU C 387 -7.35 33.85 -7.71
CA LEU C 387 -6.41 34.61 -8.53
C LEU C 387 -6.79 36.11 -8.53
N ARG C 388 -8.06 36.51 -8.66
CA ARG C 388 -8.45 37.96 -8.57
C ARG C 388 -8.01 38.57 -7.25
N ALA C 389 -8.15 37.87 -6.14
CA ALA C 389 -7.76 38.45 -4.83
C ALA C 389 -6.22 38.62 -4.81
N GLY C 390 -5.48 37.71 -5.44
CA GLY C 390 -4.02 37.82 -5.57
C GLY C 390 -3.65 39.04 -6.42
N LEU C 391 -4.35 39.21 -7.54
CA LEU C 391 -4.11 40.38 -8.40
C LEU C 391 -4.41 41.66 -7.59
N SER C 392 -5.43 41.75 -6.70
CA SER C 392 -5.65 42.97 -5.88
C SER C 392 -4.50 43.17 -4.94
N ARG C 393 -4.11 42.09 -4.27
CA ARG C 393 -3.07 42.18 -3.24
C ARG C 393 -1.84 42.76 -3.93
N ALA C 394 -1.58 42.40 -5.18
CA ALA C 394 -0.38 42.90 -5.94
C ALA C 394 -0.57 44.37 -6.35
N GLU C 395 -1.77 44.76 -6.78
CA GLU C 395 -2.12 46.15 -7.17
C GLU C 395 -1.90 47.09 -5.96
N ALA C 396 -2.28 46.65 -4.74
CA ALA C 396 -2.18 47.42 -3.48
C ALA C 396 -0.70 47.79 -3.17
N THR C 397 0.27 47.08 -3.78
CA THR C 397 1.77 47.20 -3.75
C THR C 397 2.29 48.45 -4.51
N LEU C 398 1.59 49.00 -5.50
CA LEU C 398 1.92 50.32 -6.15
C LEU C 398 1.28 51.52 -5.41
N THR D 12 24.77 4.85 27.87
CA THR D 12 24.59 3.88 26.74
C THR D 12 23.91 4.64 25.59
N PRO D 13 24.43 4.56 24.33
CA PRO D 13 23.55 4.35 23.17
C PRO D 13 23.07 2.87 23.15
N CYS D 14 22.05 2.56 22.34
CA CYS D 14 21.40 1.22 22.22
C CYS D 14 22.24 0.24 21.39
N THR D 15 21.99 -1.06 21.47
CA THR D 15 22.50 -2.09 20.50
C THR D 15 21.92 -1.88 19.07
N ALA D 16 22.55 -2.54 18.10
CA ALA D 16 22.06 -2.78 16.71
C ALA D 16 20.59 -3.31 16.70
N ALA D 17 20.29 -4.32 17.49
CA ALA D 17 18.95 -4.92 17.46
C ALA D 17 17.96 -3.83 17.87
N THR D 18 18.24 -3.12 18.97
CA THR D 18 17.31 -2.09 19.48
C THR D 18 17.08 -0.99 18.42
N ALA D 19 18.14 -0.58 17.75
CA ALA D 19 18.13 0.55 16.81
C ALA D 19 17.23 0.15 15.64
N ALA D 20 17.41 -1.05 15.08
CA ALA D 20 16.58 -1.61 13.99
C ALA D 20 15.12 -1.74 14.43
N VAL D 21 14.85 -2.30 15.62
CA VAL D 21 13.47 -2.45 16.10
C VAL D 21 12.82 -1.08 16.17
N ARG D 22 13.52 -0.08 16.67
CA ARG D 22 12.88 1.20 17.10
C ARG D 22 12.97 2.29 16.00
N ALA D 23 13.47 1.99 14.79
CA ALA D 23 13.71 3.05 13.77
C ALA D 23 12.35 3.65 13.30
N GLY D 24 12.15 4.94 13.56
CA GLY D 24 10.89 5.61 13.22
C GLY D 24 9.78 5.38 14.25
N ILE D 25 10.07 4.73 15.38
CA ILE D 25 9.03 4.46 16.39
C ILE D 25 8.83 5.75 17.18
N ASP D 26 7.60 6.15 17.38
CA ASP D 26 7.26 7.33 18.22
C ASP D 26 8.03 8.53 17.62
N ARG D 27 8.09 8.70 16.28
CA ARG D 27 8.84 9.84 15.67
C ARG D 27 7.95 10.62 14.69
N ASP D 28 6.68 10.77 15.03
CA ASP D 28 5.63 11.43 14.24
C ASP D 28 5.16 12.62 15.10
N THR D 29 5.48 13.84 14.69
CA THR D 29 5.08 15.08 15.42
C THR D 29 3.61 15.35 15.13
N ALA D 30 3.00 14.81 14.06
CA ALA D 30 1.63 15.26 13.74
C ALA D 30 0.65 14.60 14.75
N TYR D 31 0.72 13.30 15.03
CA TYR D 31 -0.35 12.63 15.83
C TYR D 31 0.20 11.80 17.01
N GLY D 32 1.53 11.73 17.11
CA GLY D 32 2.27 10.73 17.87
C GLY D 32 2.00 9.30 17.45
N ALA D 33 1.82 9.06 16.17
CA ALA D 33 1.73 7.67 15.69
C ALA D 33 2.96 6.89 16.16
N VAL D 34 2.71 5.74 16.76
CA VAL D 34 3.81 4.87 17.19
C VAL D 34 4.59 4.43 15.94
N THR D 35 3.91 3.83 14.98
CA THR D 35 4.60 3.38 13.74
C THR D 35 4.51 4.46 12.67
N PRO D 36 5.59 4.61 11.88
CA PRO D 36 5.81 5.88 11.13
C PRO D 36 4.80 5.98 10.01
N PRO D 37 4.18 7.14 9.78
CA PRO D 37 3.27 7.31 8.62
C PRO D 37 3.99 7.08 7.28
N ILE D 38 3.27 6.60 6.26
CA ILE D 38 3.83 6.53 4.90
C ILE D 38 3.67 7.89 4.17
N VAL D 39 4.77 8.58 3.88
CA VAL D 39 4.74 9.90 3.18
C VAL D 39 4.98 9.68 1.67
N LEU D 40 3.91 9.39 0.98
CA LEU D 40 3.93 9.12 -0.45
C LEU D 40 4.10 10.44 -1.24
N SER D 41 3.75 11.59 -0.67
CA SER D 41 3.57 12.84 -1.44
C SER D 41 4.81 13.09 -2.32
N SER D 42 4.58 13.48 -3.59
CA SER D 42 5.70 13.88 -4.50
C SER D 42 6.30 15.19 -3.96
N ASN D 43 5.40 15.99 -3.42
CA ASN D 43 5.70 17.42 -3.19
C ASN D 43 5.29 17.81 -1.77
N PHE D 44 5.97 18.87 -1.30
CA PHE D 44 5.85 19.45 0.07
C PHE D 44 5.66 20.95 -0.11
N SER D 45 4.76 21.59 0.64
CA SER D 45 4.52 23.05 0.45
C SER D 45 5.76 23.83 0.90
N PHE D 46 5.96 25.01 0.33
CA PHE D 46 6.91 26.03 0.91
C PHE D 46 6.23 26.74 2.09
N ASP D 47 6.98 27.22 3.06
CA ASP D 47 6.41 27.95 4.24
C ASP D 47 6.34 29.45 3.89
N GLY D 48 5.53 29.80 2.91
CA GLY D 48 5.59 31.16 2.32
C GLY D 48 6.71 31.33 1.28
N PHE D 49 6.51 32.37 0.46
CA PHE D 49 7.46 32.73 -0.63
C PHE D 49 8.91 32.69 -0.09
N GLY D 50 9.79 32.01 -0.84
CA GLY D 50 11.24 31.89 -0.58
C GLY D 50 11.64 30.95 0.59
N ASN D 51 10.74 30.24 1.31
CA ASN D 51 11.10 29.40 2.51
C ASN D 51 10.84 27.91 2.25
N LYS D 52 11.79 27.22 1.62
CA LYS D 52 11.87 25.75 1.53
C LYS D 52 11.74 25.18 2.96
N ARG D 53 10.91 24.17 3.18
CA ARG D 53 10.95 23.40 4.47
C ARG D 53 12.09 22.38 4.37
N GLN D 54 12.18 21.50 5.33
CA GLN D 54 13.17 20.42 5.31
C GLN D 54 12.99 19.63 4.00
N TYR D 55 11.78 19.27 3.60
CA TYR D 55 11.53 18.47 2.37
C TYR D 55 10.88 19.40 1.33
N ASP D 56 11.20 19.17 0.06
CA ASP D 56 10.57 19.93 -1.06
C ASP D 56 9.97 18.95 -2.09
N TYR D 57 10.65 17.86 -2.34
CA TYR D 57 10.34 16.98 -3.49
C TYR D 57 10.97 15.60 -3.28
N THR D 58 10.13 14.58 -3.40
CA THR D 58 10.45 13.20 -2.94
C THR D 58 11.66 12.70 -3.73
N ARG D 59 11.83 13.02 -5.02
CA ARG D 59 13.02 12.47 -5.69
C ARG D 59 14.30 12.90 -4.95
N SER D 60 14.34 14.14 -4.43
CA SER D 60 15.51 14.77 -3.75
C SER D 60 15.69 14.26 -2.32
N GLY D 61 14.56 14.10 -1.62
CA GLY D 61 14.50 13.79 -0.19
C GLY D 61 13.04 13.52 0.18
N ASN D 62 12.84 12.47 0.98
CA ASN D 62 11.53 12.07 1.50
C ASN D 62 11.74 11.55 2.91
N PRO D 63 10.90 11.92 3.90
CA PRO D 63 11.13 11.55 5.30
C PRO D 63 10.99 10.04 5.53
N THR D 64 10.03 9.36 4.88
CA THR D 64 9.88 7.89 5.08
C THR D 64 11.16 7.20 4.55
N ARG D 65 11.64 7.61 3.41
CA ARG D 65 12.87 7.06 2.85
C ARG D 65 14.05 7.38 3.80
N ASP D 66 14.11 8.61 4.33
CA ASP D 66 15.22 9.05 5.21
C ASP D 66 15.19 8.25 6.52
N LEU D 67 14.04 7.78 7.00
CA LEU D 67 14.05 6.93 8.24
C LEU D 67 14.84 5.63 7.95
N LEU D 68 14.73 5.08 6.73
CA LEU D 68 15.47 3.85 6.35
C LEU D 68 16.95 4.21 6.10
N GLY D 69 17.22 5.33 5.45
CA GLY D 69 18.60 5.81 5.30
C GLY D 69 19.33 5.97 6.62
N GLU D 70 18.69 6.61 7.55
CA GLU D 70 19.25 6.95 8.86
C GLU D 70 19.42 5.65 9.65
N ALA D 71 18.50 4.69 9.54
CA ALA D 71 18.59 3.47 10.36
C ALA D 71 19.78 2.62 9.82
N LEU D 72 19.98 2.58 8.51
CA LEU D 72 21.08 1.80 7.89
C LEU D 72 22.42 2.49 8.22
N ALA D 73 22.44 3.81 8.23
CA ALA D 73 23.64 4.56 8.63
C ALA D 73 24.03 4.26 10.08
N GLU D 74 23.07 4.27 11.00
CA GLU D 74 23.23 3.96 12.42
C GLU D 74 23.76 2.53 12.52
N LEU D 75 23.20 1.58 11.81
CA LEU D 75 23.64 0.18 11.93
C LEU D 75 25.04 0.02 11.36
N GLU D 76 25.44 0.74 10.32
CA GLU D 76 26.73 0.51 9.67
C GLU D 76 27.83 1.41 10.29
N GLY D 77 27.43 2.40 11.13
CA GLY D 77 28.30 3.44 11.67
C GLY D 77 28.68 4.48 10.62
N GLY D 78 27.75 4.98 9.77
CA GLY D 78 28.14 5.98 8.78
C GLY D 78 27.54 7.34 9.03
N ALA D 79 27.83 8.27 8.15
CA ALA D 79 27.35 9.65 8.30
C ALA D 79 25.87 9.77 7.84
N GLY D 80 25.42 8.94 6.90
CA GLY D 80 24.13 9.03 6.23
C GLY D 80 23.87 7.85 5.28
N GLY D 81 22.62 7.67 4.91
CA GLY D 81 22.27 6.73 3.85
C GLY D 81 21.42 7.33 2.75
N VAL D 82 21.60 6.74 1.56
CA VAL D 82 20.82 7.00 0.33
C VAL D 82 20.21 5.68 -0.08
N ILE D 83 18.90 5.70 -0.21
CA ILE D 83 18.05 4.57 -0.60
C ILE D 83 17.69 4.70 -2.08
N THR D 84 17.98 3.66 -2.85
CA THR D 84 17.79 3.60 -4.31
C THR D 84 16.70 2.58 -4.65
N SER D 85 16.30 2.61 -5.90
CA SER D 85 15.18 1.83 -6.47
C SER D 85 15.56 0.36 -6.51
N THR D 86 16.82 0.04 -6.63
CA THR D 86 17.36 -1.36 -6.64
C THR D 86 18.78 -1.43 -6.07
N GLY D 87 19.19 -2.61 -5.68
CA GLY D 87 20.59 -2.82 -5.34
C GLY D 87 21.50 -2.41 -6.49
N MET D 88 21.18 -2.83 -7.72
CA MET D 88 22.09 -2.47 -8.84
C MET D 88 22.12 -0.96 -8.90
N GLY D 89 21.00 -0.28 -8.59
CA GLY D 89 20.99 1.18 -8.61
C GLY D 89 21.94 1.77 -7.61
N ALA D 90 22.14 1.09 -6.48
CA ALA D 90 23.10 1.55 -5.47
C ALA D 90 24.54 1.48 -6.02
N ILE D 91 24.88 0.37 -6.67
CA ILE D 91 26.19 0.20 -7.33
C ILE D 91 26.33 1.27 -8.41
N ASN D 92 25.29 1.48 -9.19
CA ASN D 92 25.34 2.52 -10.23
C ASN D 92 25.54 3.91 -9.62
N LEU D 93 24.85 4.23 -8.55
CA LEU D 93 25.08 5.53 -7.86
C LEU D 93 26.56 5.71 -7.50
N VAL D 94 27.13 4.75 -6.80
CA VAL D 94 28.56 4.82 -6.41
C VAL D 94 29.43 5.01 -7.67
N LEU D 95 29.22 4.23 -8.73
CA LEU D 95 30.08 4.34 -9.95
C LEU D 95 29.97 5.73 -10.54
N ASN D 96 28.79 6.30 -10.65
CA ASN D 96 28.62 7.66 -11.17
C ASN D 96 29.12 8.70 -10.15
N ALA D 97 28.98 8.56 -8.83
CA ALA D 97 29.36 9.68 -7.95
C ALA D 97 30.89 9.81 -7.88
N VAL D 98 31.62 8.71 -8.04
CA VAL D 98 33.07 8.59 -7.68
C VAL D 98 33.95 8.54 -8.93
N LEU D 99 33.53 7.89 -10.00
CA LEU D 99 34.40 7.62 -11.19
C LEU D 99 34.09 8.61 -12.33
N GLN D 100 35.07 8.87 -13.18
CA GLN D 100 34.93 9.49 -14.53
C GLN D 100 35.94 8.83 -15.47
N PRO D 101 35.81 9.02 -16.80
CA PRO D 101 36.75 8.44 -17.74
C PRO D 101 38.17 8.82 -17.36
N GLY D 102 39.05 7.84 -17.50
CA GLY D 102 40.45 7.95 -17.12
C GLY D 102 40.69 7.30 -15.76
N ASP D 103 39.66 7.17 -14.92
CA ASP D 103 39.80 6.44 -13.64
C ASP D 103 39.77 4.92 -13.92
N THR D 104 40.40 4.20 -13.02
CA THR D 104 40.43 2.72 -12.98
C THR D 104 39.60 2.26 -11.80
N LEU D 105 38.74 1.31 -12.06
CA LEU D 105 38.02 0.58 -11.00
C LEU D 105 38.53 -0.87 -10.91
N VAL D 106 38.77 -1.32 -9.69
CA VAL D 106 39.07 -2.74 -9.37
C VAL D 106 37.83 -3.34 -8.74
N VAL D 107 37.45 -4.46 -9.28
CA VAL D 107 36.25 -5.26 -8.82
C VAL D 107 36.68 -6.73 -8.65
N PRO D 108 35.92 -7.51 -7.89
CA PRO D 108 36.24 -8.93 -7.72
C PRO D 108 35.87 -9.80 -8.93
N HIS D 109 36.59 -10.86 -9.17
CA HIS D 109 36.31 -11.84 -10.24
C HIS D 109 35.00 -12.55 -9.93
N ASP D 110 34.72 -12.79 -8.64
CA ASP D 110 33.57 -13.66 -8.29
C ASP D 110 32.35 -12.84 -7.79
N ALA D 111 32.24 -11.56 -8.14
CA ALA D 111 31.05 -10.75 -7.72
C ALA D 111 29.74 -11.29 -8.35
N TYR D 112 28.60 -10.91 -7.80
CA TYR D 112 27.23 -11.04 -8.39
C TYR D 112 27.30 -10.81 -9.92
N GLY D 113 26.78 -11.74 -10.70
CA GLY D 113 26.80 -11.65 -12.17
C GLY D 113 26.22 -10.34 -12.70
N GLY D 114 25.24 -9.78 -11.99
CA GLY D 114 24.66 -8.48 -12.42
C GLY D 114 25.62 -7.34 -12.16
N SER D 115 26.41 -7.51 -11.12
CA SER D 115 27.52 -6.55 -10.90
C SER D 115 28.52 -6.62 -12.10
N TRP D 116 29.04 -7.81 -12.40
CA TRP D 116 29.95 -8.13 -13.54
C TRP D 116 29.32 -7.47 -14.80
N ARG D 117 28.03 -7.68 -15.06
CA ARG D 117 27.40 -7.13 -16.30
C ARG D 117 27.53 -5.62 -16.29
N LEU D 118 27.19 -4.98 -15.15
CA LEU D 118 27.25 -3.50 -15.12
C LEU D 118 28.73 -3.03 -15.31
N PHE D 119 29.67 -3.62 -14.57
CA PHE D 119 31.07 -3.20 -14.69
C PHE D 119 31.51 -3.35 -16.15
N ASN D 120 31.17 -4.44 -16.83
CA ASN D 120 31.73 -4.74 -18.17
C ASN D 120 31.03 -3.88 -19.20
N ALA D 121 29.75 -3.56 -19.01
CA ALA D 121 28.97 -2.71 -19.93
C ALA D 121 29.50 -1.27 -19.84
N LEU D 122 29.76 -0.76 -18.63
CA LEU D 122 30.13 0.68 -18.51
C LEU D 122 31.62 0.85 -18.88
N ALA D 123 32.45 -0.15 -18.62
CA ALA D 123 33.84 -0.13 -19.13
C ALA D 123 33.91 -0.17 -20.66
N LYS D 124 33.10 -1.00 -21.32
CA LYS D 124 33.10 -1.07 -22.79
C LYS D 124 32.74 0.31 -23.38
N LYS D 125 31.85 1.08 -22.76
CA LYS D 125 31.51 2.47 -23.17
C LYS D 125 32.68 3.42 -22.93
N GLY D 126 33.61 3.12 -22.04
CA GLY D 126 34.70 4.07 -21.70
C GLY D 126 34.41 4.95 -20.49
N HIS D 127 33.46 4.60 -19.57
CA HIS D 127 33.15 5.41 -18.34
C HIS D 127 34.33 5.31 -17.37
N PHE D 128 35.12 4.23 -17.48
CA PHE D 128 36.30 3.99 -16.64
C PHE D 128 37.06 2.80 -17.24
N ALA D 129 38.28 2.56 -16.78
CA ALA D 129 39.01 1.33 -17.08
C ALA D 129 38.72 0.33 -15.94
N LEU D 130 38.60 -0.93 -16.31
CA LEU D 130 38.21 -2.00 -15.37
C LEU D 130 39.40 -2.95 -15.17
N ILE D 131 39.72 -3.28 -13.93
CA ILE D 131 40.56 -4.44 -13.57
C ILE D 131 39.73 -5.38 -12.73
N THR D 132 39.55 -6.61 -13.21
CA THR D 132 38.87 -7.67 -12.48
C THR D 132 39.93 -8.60 -11.90
N ALA D 133 39.97 -8.70 -10.58
CA ALA D 133 41.05 -9.37 -9.83
C ALA D 133 40.46 -10.26 -8.76
N ASP D 134 41.28 -11.20 -8.29
CA ASP D 134 40.97 -12.08 -7.15
C ASP D 134 41.47 -11.34 -5.92
N LEU D 135 40.57 -10.71 -5.15
CA LEU D 135 40.99 -9.88 -4.00
C LEU D 135 41.27 -10.78 -2.79
N THR D 136 41.09 -12.10 -2.86
CA THR D 136 41.45 -13.07 -1.78
C THR D 136 42.89 -13.52 -1.84
N VAL D 137 43.55 -13.25 -2.94
CA VAL D 137 44.93 -13.63 -3.29
C VAL D 137 45.81 -12.39 -3.30
N PRO D 138 46.75 -12.29 -2.35
CA PRO D 138 47.64 -11.10 -2.25
C PRO D 138 48.29 -10.56 -3.53
N ARG D 139 48.80 -11.45 -4.36
CA ARG D 139 49.52 -11.19 -5.63
C ARG D 139 48.58 -10.45 -6.61
N SER D 140 47.38 -10.98 -6.81
CA SER D 140 46.37 -10.42 -7.75
C SER D 140 45.91 -9.05 -7.26
N LEU D 141 45.73 -8.93 -5.95
CA LEU D 141 45.41 -7.63 -5.33
C LEU D 141 46.53 -6.64 -5.64
N ALA D 142 47.80 -6.97 -5.36
CA ALA D 142 48.93 -6.00 -5.43
C ALA D 142 49.12 -5.51 -6.86
N ASP D 143 48.96 -6.43 -7.84
CA ASP D 143 49.03 -6.12 -9.30
C ASP D 143 47.90 -5.14 -9.69
N ALA D 144 46.68 -5.27 -9.12
CA ALA D 144 45.56 -4.31 -9.36
C ALA D 144 45.84 -2.94 -8.70
N LEU D 145 46.32 -2.93 -7.48
CA LEU D 145 46.66 -1.70 -6.74
C LEU D 145 47.87 -0.99 -7.33
N ALA D 146 48.76 -1.69 -8.03
CA ALA D 146 49.94 -1.06 -8.68
C ALA D 146 49.44 -0.18 -9.84
N GLN D 147 48.21 -0.36 -10.31
CA GLN D 147 47.69 0.51 -11.38
C GLN D 147 46.96 1.74 -10.81
N SER D 148 47.09 2.12 -9.54
CA SER D 148 46.55 3.42 -9.02
C SER D 148 45.05 3.56 -9.29
N PRO D 149 44.23 2.59 -8.86
CA PRO D 149 42.77 2.72 -9.05
C PRO D 149 42.20 3.87 -8.23
N LYS D 150 41.06 4.36 -8.68
CA LYS D 150 40.32 5.42 -7.96
C LYS D 150 39.46 4.70 -6.93
N LEU D 151 39.06 3.46 -7.21
CA LEU D 151 38.04 2.80 -6.36
C LEU D 151 38.25 1.30 -6.44
N VAL D 152 38.17 0.67 -5.30
CA VAL D 152 38.12 -0.79 -5.19
C VAL D 152 36.77 -1.20 -4.62
N LEU D 153 36.13 -2.13 -5.29
CA LEU D 153 34.87 -2.75 -4.80
C LEU D 153 35.20 -4.15 -4.33
N ILE D 154 34.77 -4.41 -3.11
CA ILE D 154 34.83 -5.70 -2.40
C ILE D 154 33.43 -6.25 -2.25
N GLU D 155 33.26 -7.54 -2.49
CA GLU D 155 31.99 -8.23 -2.21
C GLU D 155 32.33 -9.46 -1.35
N THR D 156 31.97 -9.39 -0.05
CA THR D 156 32.35 -10.44 0.89
C THR D 156 31.23 -10.62 1.90
N PRO D 157 30.79 -11.85 2.12
CA PRO D 157 31.24 -12.99 1.32
C PRO D 157 30.68 -12.86 -0.09
N SER D 158 31.20 -13.64 -1.04
CA SER D 158 30.99 -13.46 -2.50
C SER D 158 29.84 -14.40 -2.96
N ASN D 159 29.13 -13.97 -3.99
CA ASN D 159 27.94 -14.63 -4.51
C ASN D 159 28.41 -15.28 -5.80
N PRO D 160 28.37 -16.61 -5.95
CA PRO D 160 27.79 -17.54 -4.97
C PRO D 160 28.70 -18.57 -4.30
N LEU D 161 30.01 -18.34 -4.27
CA LEU D 161 30.96 -19.31 -3.72
C LEU D 161 31.38 -18.97 -2.29
N LEU D 162 30.84 -17.94 -1.64
CA LEU D 162 31.13 -17.52 -0.24
C LEU D 162 32.65 -17.37 0.02
N ARG D 163 33.44 -16.79 -0.90
CA ARG D 163 34.88 -16.48 -0.67
C ARG D 163 34.91 -15.27 0.27
N ILE D 164 35.93 -15.20 1.14
CA ILE D 164 36.02 -14.21 2.23
C ILE D 164 37.16 -13.30 1.85
N THR D 165 36.88 -12.04 1.63
CA THR D 165 37.95 -11.03 1.42
C THR D 165 38.26 -10.46 2.79
N ASP D 166 39.53 -10.27 3.01
CA ASP D 166 40.16 -9.74 4.25
C ASP D 166 40.00 -8.23 4.23
N LEU D 167 39.02 -7.71 4.95
CA LEU D 167 38.70 -6.26 4.93
C LEU D 167 39.87 -5.42 5.44
N ARG D 168 40.48 -5.70 6.62
CA ARG D 168 41.68 -4.95 7.13
C ARG D 168 42.71 -4.90 6.03
N PHE D 169 43.08 -6.06 5.50
CA PHE D 169 44.17 -6.20 4.53
C PHE D 169 43.87 -5.39 3.26
N VAL D 170 42.74 -5.66 2.59
CA VAL D 170 42.48 -5.02 1.28
C VAL D 170 42.26 -3.54 1.48
N ILE D 171 41.64 -3.11 2.58
CA ILE D 171 41.33 -1.67 2.70
C ILE D 171 42.60 -0.90 3.03
N GLU D 172 43.44 -1.40 3.92
CA GLU D 172 44.76 -0.75 4.18
C GLU D 172 45.57 -0.71 2.86
N ALA D 173 45.64 -1.79 2.08
CA ALA D 173 46.52 -1.78 0.89
C ALA D 173 45.98 -0.71 -0.09
N ALA D 174 44.66 -0.55 -0.14
CA ALA D 174 44.02 0.40 -1.10
C ALA D 174 44.21 1.84 -0.60
N LYS D 175 44.09 2.11 0.69
CA LYS D 175 44.36 3.45 1.23
C LYS D 175 45.82 3.85 0.97
N LYS D 176 46.79 2.92 0.97
CA LYS D 176 48.25 3.25 0.77
C LYS D 176 48.45 3.77 -0.67
N VAL D 177 47.65 3.33 -1.67
CA VAL D 177 47.74 3.87 -3.06
C VAL D 177 46.65 4.92 -3.35
N GLY D 178 45.92 5.41 -2.36
CA GLY D 178 44.98 6.56 -2.50
C GLY D 178 43.58 6.21 -3.05
N ALA D 179 43.27 4.93 -3.13
CA ALA D 179 41.99 4.39 -3.60
C ALA D 179 40.92 4.41 -2.50
N LEU D 180 39.74 4.82 -2.91
CA LEU D 180 38.49 4.68 -2.14
C LEU D 180 38.11 3.20 -2.14
N THR D 181 37.45 2.77 -1.08
CA THR D 181 36.89 1.41 -1.04
C THR D 181 35.37 1.47 -0.85
N VAL D 182 34.70 0.53 -1.50
CA VAL D 182 33.25 0.29 -1.32
C VAL D 182 33.01 -1.20 -1.10
N VAL D 183 32.23 -1.54 -0.10
CA VAL D 183 31.93 -2.99 0.16
C VAL D 183 30.44 -3.25 -0.03
N ASP D 184 30.15 -4.27 -0.81
CA ASP D 184 28.81 -4.85 -0.98
C ASP D 184 28.65 -5.85 0.16
N ASN D 185 27.87 -5.42 1.15
CA ASN D 185 27.56 -6.12 2.40
C ASN D 185 26.19 -6.80 2.31
N THR D 186 25.68 -7.08 1.10
CA THR D 186 24.34 -7.69 0.94
C THR D 186 24.24 -9.00 1.73
N PHE D 187 25.20 -9.88 1.61
CA PHE D 187 25.13 -11.29 2.04
C PHE D 187 25.09 -11.44 3.55
N LEU D 188 25.64 -10.51 4.32
CA LEU D 188 25.58 -10.66 5.79
C LEU D 188 24.69 -9.62 6.43
N SER D 189 24.47 -8.48 5.80
CA SER D 189 23.73 -7.35 6.39
C SER D 189 24.57 -6.64 7.47
N PRO D 190 24.14 -5.42 7.89
CA PRO D 190 24.83 -4.67 8.93
C PRO D 190 24.83 -5.42 10.26
N ALA D 191 23.93 -6.36 10.48
CA ALA D 191 23.85 -7.01 11.80
C ALA D 191 25.01 -7.98 11.97
N LEU D 192 25.64 -8.41 10.88
CA LEU D 192 26.68 -9.49 10.90
C LEU D 192 28.05 -9.04 10.41
N GLN D 193 28.15 -7.89 9.79
CA GLN D 193 29.46 -7.38 9.29
C GLN D 193 29.27 -5.90 9.15
N LYS D 194 30.27 -5.14 9.55
CA LYS D 194 30.36 -3.68 9.40
C LYS D 194 31.63 -3.24 8.74
N PRO D 195 31.60 -3.18 7.39
CA PRO D 195 32.81 -2.81 6.64
C PRO D 195 33.42 -1.47 7.04
N LEU D 196 32.59 -0.53 7.49
CA LEU D 196 33.09 0.83 7.85
C LEU D 196 33.94 0.74 9.11
N ASP D 197 33.75 -0.25 9.99
CA ASP D 197 34.67 -0.40 11.14
C ASP D 197 36.07 -0.70 10.62
N PHE D 198 36.25 -1.26 9.43
CA PHE D 198 37.57 -1.60 8.86
C PHE D 198 38.08 -0.41 8.06
N GLY D 199 37.44 0.76 8.12
CA GLY D 199 37.95 1.87 7.28
C GLY D 199 37.41 1.95 5.85
N ALA D 200 36.47 1.13 5.37
CA ALA D 200 35.85 1.37 4.04
C ALA D 200 35.23 2.79 3.96
N ASP D 201 35.29 3.44 2.81
CA ASP D 201 34.61 4.76 2.60
C ASP D 201 33.09 4.60 2.44
N LEU D 202 32.70 3.47 1.89
CA LEU D 202 31.31 3.21 1.46
C LEU D 202 30.93 1.79 1.74
N VAL D 203 29.68 1.62 2.18
CA VAL D 203 29.12 0.26 2.19
C VAL D 203 27.79 0.30 1.46
N LEU D 204 27.44 -0.76 0.73
CA LEU D 204 26.13 -0.76 0.06
C LEU D 204 25.46 -2.12 0.21
N HIS D 205 24.16 -2.13 -0.11
CA HIS D 205 23.27 -3.30 0.02
C HIS D 205 22.26 -3.33 -1.12
N SER D 206 21.92 -4.51 -1.58
CA SER D 206 20.56 -4.85 -2.06
C SER D 206 19.69 -4.99 -0.83
N THR D 207 18.83 -4.00 -0.51
CA THR D 207 17.88 -4.11 0.59
C THR D 207 16.81 -5.17 0.27
N THR D 208 16.77 -5.59 -0.98
CA THR D 208 15.91 -6.68 -1.48
C THR D 208 16.10 -7.94 -0.62
N LYS D 209 17.30 -8.12 -0.07
CA LYS D 209 17.61 -9.41 0.58
C LYS D 209 17.26 -9.38 2.07
N TYR D 210 18.23 -9.60 2.99
CA TYR D 210 17.98 -9.71 4.43
C TYR D 210 17.41 -8.44 5.03
N ILE D 211 17.79 -7.26 4.55
CA ILE D 211 17.29 -6.04 5.22
C ILE D 211 15.76 -5.97 5.12
N ASN D 212 15.18 -6.09 3.94
CA ASN D 212 13.71 -6.19 3.83
C ASN D 212 13.26 -7.59 4.33
N GLY D 213 13.87 -8.65 3.85
CA GLY D 213 13.66 -10.00 4.43
C GLY D 213 12.36 -10.67 4.03
N HIS D 214 11.51 -10.03 3.23
CA HIS D 214 10.18 -10.59 2.89
C HIS D 214 9.93 -10.70 1.40
N SER D 215 10.95 -10.56 0.56
CA SER D 215 10.85 -10.88 -0.88
C SER D 215 9.69 -10.11 -1.56
N ASP D 216 9.43 -8.90 -1.10
CA ASP D 216 8.30 -8.12 -1.65
C ASP D 216 8.74 -6.65 -1.87
N VAL D 217 10.04 -6.39 -1.99
CA VAL D 217 10.62 -5.03 -2.29
C VAL D 217 11.90 -5.31 -3.06
N VAL D 218 12.15 -4.63 -4.16
CA VAL D 218 13.50 -4.50 -4.68
C VAL D 218 13.94 -3.09 -4.33
N GLY D 219 15.16 -3.01 -3.76
CA GLY D 219 15.77 -1.77 -3.24
C GLY D 219 17.27 -1.84 -3.04
N GLY D 220 17.92 -0.70 -2.88
CA GLY D 220 19.34 -0.64 -2.55
C GLY D 220 19.61 0.45 -1.55
N ALA D 221 20.81 0.45 -0.96
CA ALA D 221 21.21 1.54 -0.05
C ALA D 221 22.71 1.70 -0.15
N VAL D 222 23.16 2.91 0.08
CA VAL D 222 24.60 3.23 0.13
C VAL D 222 24.75 4.07 1.38
N VAL D 223 25.68 3.69 2.25
CA VAL D 223 26.04 4.47 3.45
C VAL D 223 27.49 4.92 3.28
N ALA D 224 27.76 6.20 3.42
CA ALA D 224 29.16 6.69 3.40
C ALA D 224 29.66 6.92 4.82
N ARG D 225 30.92 6.64 5.11
CA ARG D 225 31.51 7.01 6.44
C ARG D 225 31.50 8.52 6.60
N ASP D 226 31.88 9.27 5.58
CA ASP D 226 32.20 10.70 5.70
C ASP D 226 30.98 11.53 5.23
N ALA D 227 30.66 12.56 5.97
CA ALA D 227 29.49 13.44 5.72
C ALA D 227 29.59 14.05 4.29
N GLU D 228 30.76 14.44 3.79
CA GLU D 228 30.87 15.09 2.46
C GLU D 228 30.58 14.07 1.36
N LEU D 229 31.10 12.85 1.44
CA LEU D 229 30.81 11.86 0.40
C LEU D 229 29.31 11.50 0.42
N HIS D 230 28.71 11.42 1.60
CA HIS D 230 27.27 11.17 1.75
C HIS D 230 26.54 12.30 0.95
N GLN D 231 26.90 13.56 1.14
CA GLN D 231 26.31 14.74 0.39
C GLN D 231 26.51 14.54 -1.11
N GLN D 232 27.62 14.03 -1.56
CA GLN D 232 27.85 13.77 -3.01
C GLN D 232 26.86 12.68 -3.47
N LEU D 233 26.60 11.67 -2.64
CA LEU D 233 25.72 10.59 -3.06
C LEU D 233 24.30 11.15 -3.17
N VAL D 234 23.89 11.99 -2.20
CA VAL D 234 22.56 12.62 -2.15
C VAL D 234 22.40 13.43 -3.46
N TRP D 235 23.43 14.16 -3.83
CA TRP D 235 23.36 15.05 -5.02
C TRP D 235 23.18 14.18 -6.27
N TRP D 236 24.01 13.16 -6.43
CA TRP D 236 24.00 12.34 -7.65
C TRP D 236 22.70 11.51 -7.72
N ALA D 237 22.24 10.99 -6.60
CA ALA D 237 21.03 10.17 -6.63
C ALA D 237 19.86 11.03 -7.10
N ASN D 238 19.84 12.25 -6.63
CA ASN D 238 18.83 13.25 -6.97
C ASN D 238 18.93 13.60 -8.46
N ALA D 239 20.10 13.91 -8.93
CA ALA D 239 20.37 14.37 -10.32
C ALA D 239 20.04 13.27 -11.32
N LEU D 240 20.41 12.03 -11.00
CA LEU D 240 20.21 10.86 -11.90
C LEU D 240 18.81 10.25 -11.73
N GLY D 241 18.10 10.64 -10.68
CA GLY D 241 16.79 10.07 -10.35
C GLY D 241 16.81 8.57 -9.99
N LEU D 242 17.77 8.11 -9.19
CA LEU D 242 17.97 6.71 -8.73
C LEU D 242 17.23 6.42 -7.41
N THR D 243 16.69 7.44 -6.75
CA THR D 243 16.05 7.28 -5.41
C THR D 243 14.79 6.42 -5.53
N GLY D 244 14.47 5.70 -4.45
CA GLY D 244 13.36 4.73 -4.46
C GLY D 244 12.06 5.32 -3.92
N SER D 245 11.08 4.48 -3.93
CA SER D 245 9.73 4.82 -3.51
C SER D 245 9.58 4.72 -1.99
N PRO D 246 8.91 5.75 -1.47
CA PRO D 246 8.51 5.82 -0.10
C PRO D 246 7.75 4.59 0.35
N PHE D 247 6.91 4.02 -0.47
CA PHE D 247 6.16 2.81 -0.06
C PHE D 247 7.14 1.66 0.18
N ASP D 248 8.07 1.48 -0.72
CA ASP D 248 9.11 0.45 -0.58
C ASP D 248 9.95 0.70 0.67
N ALA D 249 10.27 1.97 0.94
CA ALA D 249 11.04 2.28 2.18
C ALA D 249 10.28 1.87 3.44
N PHE D 250 9.00 2.15 3.48
CA PHE D 250 8.08 1.77 4.55
C PHE D 250 8.14 0.23 4.69
N LEU D 251 7.99 -0.57 3.64
CA LEU D 251 8.01 -2.04 3.81
C LEU D 251 9.41 -2.49 4.28
N THR D 252 10.44 -1.82 3.80
CA THR D 252 11.83 -2.21 4.03
C THR D 252 12.12 -1.95 5.52
N LEU D 253 11.73 -0.78 6.01
CA LEU D 253 11.93 -0.42 7.44
C LEU D 253 11.11 -1.41 8.31
N ARG D 254 9.93 -1.78 7.85
CA ARG D 254 9.10 -2.74 8.56
C ARG D 254 9.89 -4.08 8.68
N GLY D 255 10.48 -4.56 7.60
CA GLY D 255 11.26 -5.81 7.60
C GLY D 255 12.52 -5.74 8.46
N LEU D 256 13.22 -4.61 8.41
CA LEU D 256 14.41 -4.31 9.23
C LEU D 256 14.08 -4.60 10.68
N ARG D 257 12.87 -4.26 11.15
CA ARG D 257 12.57 -4.37 12.59
C ARG D 257 12.77 -5.85 13.08
N THR D 258 12.65 -6.86 12.21
CA THR D 258 12.83 -8.27 12.58
C THR D 258 14.18 -8.81 12.08
N LEU D 259 15.07 -7.99 11.56
CA LEU D 259 16.39 -8.47 11.07
C LEU D 259 17.12 -9.30 12.13
N ASP D 260 17.24 -8.82 13.36
CA ASP D 260 17.94 -9.60 14.41
C ASP D 260 17.21 -10.95 14.69
N ALA D 261 15.90 -10.93 14.92
CA ALA D 261 15.13 -12.11 15.22
C ALA D 261 15.22 -13.10 14.08
N ARG D 262 15.08 -12.62 12.86
CA ARG D 262 15.17 -13.54 11.68
C ARG D 262 16.56 -14.20 11.63
N LEU D 263 17.65 -13.43 11.71
CA LEU D 263 19.05 -13.93 11.56
C LEU D 263 19.35 -14.98 12.63
N ARG D 264 18.81 -14.84 13.84
CA ARG D 264 19.01 -15.92 14.86
C ARG D 264 18.50 -17.26 14.29
N VAL D 265 17.30 -17.28 13.72
CA VAL D 265 16.75 -18.53 13.16
C VAL D 265 17.51 -18.89 11.89
N HIS D 266 17.83 -17.90 11.02
CA HIS D 266 18.48 -18.23 9.75
C HIS D 266 19.78 -18.99 10.11
N GLN D 267 20.60 -18.47 11.04
CA GLN D 267 21.95 -19.01 11.46
C GLN D 267 21.83 -20.40 12.11
N GLU D 268 20.86 -20.56 12.97
CA GLU D 268 20.56 -21.88 13.57
C GLU D 268 20.33 -22.89 12.43
N ASN D 269 19.49 -22.53 11.46
CA ASN D 269 19.06 -23.47 10.39
C ASN D 269 20.26 -23.76 9.49
N ALA D 270 21.02 -22.72 9.22
CA ALA D 270 22.19 -22.86 8.31
C ALA D 270 23.28 -23.73 8.96
N ASP D 271 23.55 -23.59 10.25
CA ASP D 271 24.54 -24.48 10.96
C ASP D 271 24.07 -25.94 10.88
N ALA D 272 22.80 -26.23 10.99
CA ALA D 272 22.30 -27.61 10.91
C ALA D 272 22.44 -28.15 9.50
N ILE D 273 22.23 -27.33 8.48
CA ILE D 273 22.20 -27.80 7.07
C ILE D 273 23.63 -28.03 6.60
N ALA D 274 24.53 -27.11 6.92
CA ALA D 274 26.01 -27.27 6.74
C ALA D 274 26.42 -28.60 7.34
N GLU D 275 26.04 -28.92 8.58
CA GLU D 275 26.35 -30.21 9.27
C GLU D 275 25.89 -31.41 8.39
N LEU D 276 24.65 -31.38 7.89
CA LEU D 276 24.14 -32.43 6.98
C LEU D 276 24.99 -32.46 5.69
N LEU D 277 25.26 -31.34 5.03
CA LEU D 277 25.85 -31.43 3.67
C LEU D 277 27.35 -31.79 3.74
N ASP D 278 28.08 -31.32 4.74
CA ASP D 278 29.54 -31.54 4.92
C ASP D 278 29.82 -33.03 5.17
N GLY D 279 30.58 -33.64 4.26
CA GLY D 279 30.85 -35.09 4.22
C GLY D 279 29.61 -35.99 4.12
N HIS D 280 28.38 -35.54 3.71
CA HIS D 280 27.37 -36.48 3.15
C HIS D 280 27.98 -37.13 1.88
N ALA D 281 27.67 -38.41 1.67
CA ALA D 281 28.26 -39.22 0.58
C ALA D 281 27.85 -38.61 -0.78
N MET D 282 26.73 -37.89 -0.89
CA MET D 282 26.27 -37.38 -2.20
C MET D 282 26.79 -35.97 -2.49
N VAL D 283 27.61 -35.43 -1.59
CA VAL D 283 28.07 -34.02 -1.68
C VAL D 283 29.58 -33.99 -1.84
N ASN D 284 30.01 -33.67 -3.06
CA ASN D 284 31.41 -33.43 -3.46
C ASN D 284 31.93 -32.22 -2.68
N GLN D 285 31.28 -31.05 -2.72
CA GLN D 285 31.81 -29.83 -2.05
C GLN D 285 30.65 -28.99 -1.45
N VAL D 286 30.88 -28.44 -0.27
CA VAL D 286 30.06 -27.40 0.43
C VAL D 286 30.89 -26.13 0.56
N TYR D 287 30.33 -24.98 0.21
CA TYR D 287 30.98 -23.67 0.43
C TYR D 287 30.11 -22.95 1.46
N PHE D 288 30.64 -22.89 2.67
CA PHE D 288 29.98 -22.26 3.83
C PHE D 288 31.04 -21.84 4.82
N PRO D 289 31.14 -20.52 5.04
CA PRO D 289 32.19 -19.96 5.86
C PRO D 289 32.20 -20.51 7.29
N GLY D 290 31.08 -21.00 7.82
CA GLY D 290 31.07 -21.51 9.21
C GLY D 290 31.73 -22.89 9.37
N LEU D 291 32.07 -23.59 8.29
CA LEU D 291 32.79 -24.89 8.29
C LEU D 291 34.27 -24.59 8.49
N ALA D 292 34.87 -25.27 9.47
CA ALA D 292 36.26 -25.04 9.96
C ALA D 292 37.26 -25.25 8.80
N THR D 293 36.88 -26.07 7.80
CA THR D 293 37.70 -26.44 6.62
C THR D 293 37.48 -25.49 5.44
N HIS D 294 36.59 -24.50 5.55
CA HIS D 294 36.36 -23.53 4.46
C HIS D 294 37.57 -22.58 4.49
N PRO D 295 38.25 -22.31 3.38
CA PRO D 295 39.41 -21.38 3.46
C PRO D 295 38.81 -20.01 3.80
N GLY D 296 39.36 -19.24 4.68
CA GLY D 296 38.47 -18.06 5.00
C GLY D 296 37.64 -18.19 6.28
N HIS D 297 37.53 -19.40 6.84
CA HIS D 297 36.83 -19.62 8.13
C HIS D 297 37.38 -18.68 9.20
N ALA D 298 38.68 -18.72 9.39
CA ALA D 298 39.29 -18.03 10.53
C ALA D 298 39.09 -16.54 10.32
N LEU D 299 39.22 -16.08 9.08
CA LEU D 299 38.96 -14.67 8.69
C LEU D 299 37.48 -14.29 8.99
N ALA D 300 36.55 -15.09 8.48
CA ALA D 300 35.11 -14.88 8.67
C ALA D 300 34.81 -14.79 10.17
N ALA D 301 35.50 -15.63 11.01
CA ALA D 301 35.22 -15.74 12.48
C ALA D 301 35.62 -14.45 13.17
N ARG D 302 36.60 -13.77 12.61
CA ARG D 302 37.20 -12.54 13.18
C ARG D 302 36.50 -11.29 12.61
N GLN D 303 36.17 -11.22 11.30
CA GLN D 303 35.65 -9.95 10.75
C GLN D 303 34.09 -9.93 10.71
N GLN D 304 33.43 -11.09 10.92
CA GLN D 304 31.96 -11.24 10.93
C GLN D 304 31.47 -11.56 12.36
N LYS D 305 30.19 -11.32 12.65
CA LYS D 305 29.55 -11.59 13.94
C LYS D 305 28.76 -12.87 13.83
N GLY D 306 28.71 -13.48 12.67
CA GLY D 306 28.09 -14.80 12.42
C GLY D 306 28.49 -15.20 11.02
N PHE D 307 28.24 -16.45 10.71
CA PHE D 307 28.61 -17.02 9.40
C PHE D 307 27.42 -16.93 8.43
N GLY D 308 26.25 -16.46 8.86
CA GLY D 308 25.18 -16.18 7.88
C GLY D 308 24.45 -17.46 7.48
N ALA D 309 23.64 -17.36 6.45
CA ALA D 309 22.73 -18.43 6.07
C ALA D 309 22.75 -18.61 4.57
N MET D 310 23.76 -18.08 3.85
CA MET D 310 23.96 -18.44 2.42
C MET D 310 25.02 -19.52 2.33
N MET D 311 24.74 -20.52 1.51
CA MET D 311 25.73 -21.54 1.21
C MET D 311 25.54 -22.06 -0.18
N SER D 312 26.58 -22.66 -0.77
CA SER D 312 26.38 -23.43 -2.00
C SER D 312 27.15 -24.75 -1.93
N PHE D 313 26.83 -25.62 -2.87
CA PHE D 313 27.30 -27.02 -2.86
C PHE D 313 27.15 -27.65 -4.26
N GLU D 314 27.99 -28.67 -4.46
CA GLU D 314 28.23 -29.45 -5.72
C GLU D 314 27.92 -30.90 -5.28
N LEU D 315 26.95 -31.48 -5.92
CA LEU D 315 26.53 -32.88 -5.76
C LEU D 315 27.49 -33.75 -6.58
N GLU D 316 27.69 -34.99 -6.14
CA GLU D 316 28.18 -36.15 -6.93
C GLU D 316 27.11 -36.47 -7.98
N GLY D 317 27.44 -36.93 -9.19
CA GLY D 317 26.48 -37.57 -10.11
C GLY D 317 26.05 -36.71 -11.29
N GLY D 318 26.75 -35.61 -11.53
CA GLY D 318 26.51 -34.79 -12.72
C GLY D 318 25.11 -34.20 -12.79
N GLU D 319 24.69 -33.87 -14.00
CA GLU D 319 23.47 -33.09 -14.31
C GLU D 319 22.21 -33.82 -13.83
N ALA D 320 22.21 -35.15 -13.88
CA ALA D 320 21.00 -35.96 -13.60
C ALA D 320 20.70 -35.92 -12.08
N ALA D 321 21.75 -35.91 -11.28
CA ALA D 321 21.68 -35.76 -9.81
C ALA D 321 21.17 -34.36 -9.44
N VAL D 322 21.69 -33.32 -10.09
CA VAL D 322 21.18 -31.94 -9.87
C VAL D 322 19.68 -31.92 -10.13
N ARG D 323 19.25 -32.41 -11.28
CA ARG D 323 17.83 -32.31 -11.75
C ARG D 323 16.99 -33.13 -10.75
N ALA D 324 17.49 -34.26 -10.25
CA ALA D 324 16.62 -35.10 -9.38
C ALA D 324 16.55 -34.49 -7.97
N PHE D 325 17.67 -33.94 -7.49
CA PHE D 325 17.72 -33.21 -6.22
C PHE D 325 16.67 -32.10 -6.29
N VAL D 326 16.65 -31.30 -7.35
CA VAL D 326 15.89 -30.01 -7.40
C VAL D 326 14.39 -30.27 -7.54
N ASP D 327 14.00 -31.26 -8.34
CA ASP D 327 12.58 -31.63 -8.61
C ASP D 327 12.12 -32.41 -7.37
N GLY D 328 11.17 -31.84 -6.63
CA GLY D 328 10.55 -32.47 -5.45
C GLY D 328 10.88 -31.71 -4.18
N LEU D 329 11.76 -30.72 -4.22
CA LEU D 329 11.96 -29.84 -3.02
C LEU D 329 10.62 -29.17 -2.68
N ARG D 330 10.15 -29.32 -1.47
CA ARG D 330 8.83 -28.84 -1.00
C ARG D 330 9.02 -27.49 -0.31
N TYR D 331 10.17 -27.25 0.27
CA TYR D 331 10.40 -26.07 1.17
C TYR D 331 11.46 -25.14 0.63
N PHE D 332 12.19 -25.51 -0.41
CA PHE D 332 13.14 -24.63 -1.12
C PHE D 332 12.53 -24.32 -2.49
N THR D 333 12.00 -23.11 -2.63
CA THR D 333 11.45 -22.62 -3.91
C THR D 333 12.62 -22.40 -4.88
N LEU D 334 12.52 -22.97 -6.08
CA LEU D 334 13.54 -22.75 -7.15
C LEU D 334 13.28 -21.35 -7.72
N ALA D 335 14.11 -20.39 -7.33
CA ALA D 335 13.91 -18.97 -7.68
C ALA D 335 15.17 -18.19 -7.41
N GLU D 336 15.20 -17.02 -8.01
CA GLU D 336 16.25 -16.02 -7.76
C GLU D 336 15.99 -15.34 -6.42
N SER D 337 16.99 -14.54 -6.04
CA SER D 337 17.08 -13.72 -4.82
C SER D 337 17.49 -14.59 -3.64
N LEU D 338 17.51 -13.96 -2.47
CA LEU D 338 17.98 -14.55 -1.21
C LEU D 338 17.57 -13.63 -0.06
N GLY D 339 17.79 -14.12 1.16
CA GLY D 339 17.64 -13.30 2.38
C GLY D 339 16.20 -13.19 2.76
N GLY D 340 15.34 -13.96 2.13
CA GLY D 340 13.93 -13.96 2.54
C GLY D 340 13.71 -14.90 3.73
N VAL D 341 12.58 -14.72 4.39
CA VAL D 341 12.14 -15.63 5.43
C VAL D 341 11.85 -16.97 4.79
N GLU D 342 11.55 -17.01 3.48
CA GLU D 342 11.21 -18.27 2.74
C GLU D 342 12.48 -18.91 2.20
N SER D 343 12.71 -20.18 2.44
CA SER D 343 13.93 -20.81 1.84
C SER D 343 13.86 -20.89 0.31
N LEU D 344 15.01 -20.73 -0.33
CA LEU D 344 15.16 -20.63 -1.79
C LEU D 344 16.34 -21.45 -2.28
N ILE D 345 16.29 -21.86 -3.53
CA ILE D 345 17.39 -22.58 -4.21
C ILE D 345 17.54 -21.96 -5.60
N ALA D 346 18.77 -21.76 -5.98
CA ALA D 346 19.12 -21.25 -7.31
C ALA D 346 20.23 -22.13 -7.91
N HIS D 347 20.25 -22.17 -9.24
CA HIS D 347 21.30 -22.69 -10.15
C HIS D 347 22.03 -21.51 -10.80
N PRO D 348 23.14 -21.01 -10.20
CA PRO D 348 23.72 -19.75 -10.63
C PRO D 348 24.04 -19.70 -12.13
N ALA D 349 24.52 -20.83 -12.67
CA ALA D 349 24.93 -20.90 -14.10
C ALA D 349 23.73 -20.56 -15.02
N SER D 350 22.50 -21.02 -14.74
CA SER D 350 21.32 -20.76 -15.59
C SER D 350 20.43 -19.62 -15.02
N MET D 351 20.78 -19.00 -13.87
CA MET D 351 19.87 -18.05 -13.13
C MET D 351 20.65 -16.82 -12.67
N THR D 352 21.23 -16.80 -11.47
CA THR D 352 21.77 -15.55 -10.87
C THR D 352 22.96 -15.04 -11.68
N HIS D 353 23.65 -15.94 -12.37
CA HIS D 353 24.96 -15.64 -13.01
C HIS D 353 24.86 -15.96 -14.49
N ALA D 354 23.65 -16.10 -15.07
CA ALA D 354 23.55 -16.31 -16.54
C ALA D 354 23.94 -14.99 -17.26
N ALA D 355 23.96 -13.83 -16.62
CA ALA D 355 24.35 -12.55 -17.25
C ALA D 355 25.85 -12.60 -17.57
N MET D 356 26.60 -13.49 -16.92
CA MET D 356 28.05 -13.65 -17.16
C MET D 356 28.25 -14.57 -18.37
N THR D 357 29.35 -14.40 -19.09
CA THR D 357 29.82 -15.37 -20.12
C THR D 357 30.30 -16.65 -19.43
N ALA D 358 30.26 -17.77 -20.17
CA ALA D 358 30.82 -19.07 -19.74
C ALA D 358 32.28 -18.84 -19.27
N GLU D 359 33.04 -17.95 -19.93
CA GLU D 359 34.49 -17.71 -19.58
C GLU D 359 34.57 -17.05 -18.19
N ALA D 360 33.76 -16.04 -17.88
CA ALA D 360 33.88 -15.23 -16.62
C ALA D 360 33.40 -16.07 -15.42
N ARG D 361 32.40 -16.93 -15.63
CA ARG D 361 31.96 -17.99 -14.70
C ARG D 361 33.14 -18.97 -14.46
N ALA D 362 33.78 -19.52 -15.50
CA ALA D 362 34.94 -20.44 -15.34
C ALA D 362 36.02 -19.71 -14.52
N ALA D 363 36.31 -18.45 -14.83
CA ALA D 363 37.32 -17.63 -14.10
C ALA D 363 36.89 -17.43 -12.62
N ALA D 364 35.61 -17.21 -12.38
CA ALA D 364 35.03 -17.14 -11.02
C ALA D 364 35.06 -18.55 -10.35
N GLY D 365 35.26 -19.65 -11.11
CA GLY D 365 35.10 -21.07 -10.69
C GLY D 365 33.67 -21.43 -10.25
N ILE D 366 32.65 -20.90 -10.95
CA ILE D 366 31.21 -21.23 -10.76
C ILE D 366 30.97 -22.30 -11.79
N SER D 367 30.69 -23.50 -11.37
CA SER D 367 30.59 -24.65 -12.28
C SER D 367 29.12 -24.78 -12.65
N ASP D 368 28.83 -25.62 -13.63
CA ASP D 368 27.48 -25.94 -14.15
C ASP D 368 26.73 -26.84 -13.15
N GLY D 369 27.41 -27.43 -12.17
CA GLY D 369 26.78 -28.27 -11.13
C GLY D 369 26.41 -27.47 -9.86
N LEU D 370 26.82 -26.21 -9.72
CA LEU D 370 26.66 -25.48 -8.42
C LEU D 370 25.19 -25.16 -8.15
N LEU D 371 24.74 -25.48 -6.93
CA LEU D 371 23.42 -25.10 -6.34
C LEU D 371 23.69 -24.18 -5.15
N ARG D 372 22.92 -23.12 -5.05
CA ARG D 372 23.05 -22.16 -3.94
C ARG D 372 21.76 -22.21 -3.13
N LEU D 373 21.89 -22.21 -1.82
CA LEU D 373 20.74 -22.19 -0.91
C LEU D 373 20.73 -20.84 -0.22
N SER D 374 19.55 -20.25 -0.18
CA SER D 374 19.23 -19.18 0.80
C SER D 374 18.36 -19.86 1.85
N ILE D 375 18.89 -20.04 3.06
CA ILE D 375 18.19 -20.76 4.15
C ILE D 375 17.33 -19.77 4.89
N GLY D 376 16.05 -20.12 4.96
CA GLY D 376 14.94 -19.39 5.57
C GLY D 376 14.88 -19.65 7.05
N ILE D 377 13.74 -19.27 7.62
CA ILE D 377 13.42 -19.40 9.07
C ILE D 377 12.30 -20.41 9.31
N GLU D 378 12.13 -21.32 8.39
CA GLU D 378 11.25 -22.50 8.61
C GLU D 378 11.87 -23.40 9.69
N SER D 379 11.13 -24.40 10.19
CA SER D 379 11.63 -25.34 11.23
C SER D 379 12.84 -26.11 10.65
N ALA D 380 13.99 -26.01 11.32
CA ALA D 380 15.18 -26.84 10.98
C ALA D 380 14.74 -28.26 10.63
N GLU D 381 13.86 -28.90 11.45
CA GLU D 381 13.47 -30.31 11.13
C GLU D 381 12.92 -30.47 9.72
N ASP D 382 12.03 -29.55 9.26
CA ASP D 382 11.41 -29.63 7.92
C ASP D 382 12.49 -29.44 6.85
N LEU D 383 13.37 -28.44 6.99
CA LEU D 383 14.35 -28.15 5.94
C LEU D 383 15.29 -29.35 5.78
N LEU D 384 15.70 -30.02 6.84
CA LEU D 384 16.54 -31.24 6.75
C LEU D 384 15.80 -32.44 6.16
N ILE D 385 14.55 -32.76 6.52
CA ILE D 385 13.73 -33.78 5.80
C ILE D 385 13.74 -33.50 4.28
N ASP D 386 13.57 -32.23 3.86
CA ASP D 386 13.40 -31.86 2.44
C ASP D 386 14.75 -32.13 1.77
N LEU D 387 15.84 -31.70 2.42
CA LEU D 387 17.18 -31.87 1.82
C LEU D 387 17.58 -33.36 1.79
N ARG D 388 17.31 -34.16 2.85
CA ARG D 388 17.60 -35.62 2.82
C ARG D 388 16.83 -36.31 1.70
N ALA D 389 15.58 -35.96 1.48
CA ALA D 389 14.84 -36.63 0.38
C ALA D 389 15.51 -36.22 -0.97
N GLY D 390 15.97 -34.97 -1.09
CA GLY D 390 16.68 -34.52 -2.30
C GLY D 390 17.96 -35.30 -2.52
N LEU D 391 18.72 -35.50 -1.45
CA LEU D 391 19.97 -36.29 -1.51
C LEU D 391 19.64 -37.74 -1.92
N SER D 392 18.53 -38.36 -1.48
CA SER D 392 18.14 -39.74 -1.93
C SER D 392 17.86 -39.72 -3.41
N ARG D 393 17.03 -38.75 -3.82
CA ARG D 393 16.64 -38.66 -5.23
C ARG D 393 17.92 -38.60 -6.06
N ALA D 394 18.96 -37.89 -5.62
CA ALA D 394 20.19 -37.75 -6.43
C ALA D 394 20.96 -39.08 -6.41
N GLU D 395 20.96 -39.78 -5.28
CA GLU D 395 21.67 -41.09 -5.09
C GLU D 395 21.07 -42.15 -6.05
N ALA D 396 19.74 -42.20 -6.15
CA ALA D 396 18.95 -43.12 -7.01
C ALA D 396 19.41 -43.00 -8.49
N THR D 397 19.97 -41.85 -8.88
CA THR D 397 20.58 -41.49 -10.19
C THR D 397 21.88 -42.25 -10.55
N LEU D 398 22.65 -42.84 -9.64
CA LEU D 398 24.02 -43.37 -10.01
C LEU D 398 24.07 -44.65 -10.88
O6 EBO E . -5.56 -4.11 25.68
C15 EBO E . -5.25 -3.47 24.62
O5 EBO E . -4.28 -2.70 24.50
C8 EBO E . -6.03 -3.49 23.36
C9 EBO E . -6.62 -2.11 22.84
C10 EBO E . -6.88 -1.02 23.95
S EBO E . -7.52 0.27 23.02
C11 EBO E . -8.51 0.91 24.28
C12 EBO E . -8.87 2.30 23.93
C13 EBO E . -9.88 2.59 22.84
C14 EBO E . -11.21 1.93 23.01
O4 EBO E . -11.34 0.76 22.68
O3 EBO E . -12.21 2.51 23.39
N2 EBO E . -9.90 4.05 22.94
N1 EBO E . -6.87 -4.74 23.39
C7 EBO E . -7.54 -5.19 22.44
C3 EBO E . -8.18 -6.49 22.45
C2 EBO E . -7.79 -7.45 23.42
O7 EBO E . -6.84 -7.20 24.39
C4 EBO E . -9.20 -6.83 21.40
C6 EBO E . -9.67 -6.08 20.14
P EBO E . -8.98 -5.04 18.71
O2 EBO E . -8.25 -5.32 17.45
O1 EBO E . -10.31 -4.50 18.02
O EBO E . -8.39 -3.66 19.16
C5 EBO E . -9.74 -8.17 21.71
N EBO E . -9.39 -9.12 22.62
C1 EBO E . -8.45 -8.76 23.48
C EBO E . -7.88 -9.63 24.52
O6 EBO F . -23.59 -4.49 -7.13
C15 EBO F . -24.35 -4.18 -6.19
O5 EBO F . -25.60 -3.93 -6.30
C8 EBO F . -23.56 -4.12 -4.92
C9 EBO F . -22.88 -5.49 -4.45
C10 EBO F . -23.37 -6.82 -5.10
S EBO F . -22.44 -7.98 -4.30
C11 EBO F . -23.65 -9.18 -4.10
C12 EBO F . -22.96 -10.50 -4.06
C13 EBO F . -22.33 -10.92 -2.77
C14 EBO F . -23.18 -10.79 -1.54
O4 EBO F . -23.34 -9.70 -1.01
O3 EBO F . -23.67 -11.75 -0.95
N2 EBO F . -21.88 -12.28 -3.08
N1 EBO F . -24.30 -3.28 -3.94
C7 EBO F . -23.85 -2.89 -2.84
C3 EBO F . -24.58 -1.97 -1.99
C2 EBO F . -25.65 -1.18 -2.57
O7 EBO F . -25.99 -1.22 -3.89
C4 EBO F . -24.19 -1.80 -0.53
C6 EBO F . -23.01 -2.33 0.30
P EBO F . -21.19 -2.76 0.09
O2 EBO F . -20.84 -3.88 -0.91
O1 EBO F . -20.97 -3.61 1.41
O EBO F . -19.93 -2.01 0.21
C5 EBO F . -25.14 -0.86 0.09
N EBO F . -26.15 -0.09 -0.44
C1 EBO F . -26.42 -0.23 -1.71
C EBO F . -27.43 0.57 -2.45
O6 EBO G . 9.07 21.40 -12.76
C15 EBO G . 8.66 20.68 -11.82
O5 EBO G . 7.87 21.06 -10.89
C8 EBO G . 9.15 19.24 -11.74
C9 EBO G . 9.91 18.81 -10.43
C10 EBO G . 10.75 20.01 -10.11
S EBO G . 11.24 19.93 -8.53
C11 EBO G . 12.90 20.43 -8.57
C12 EBO G . 13.40 20.54 -7.16
C13 EBO G . 14.28 19.46 -6.61
C14 EBO G . 15.41 19.08 -7.51
O4 EBO G . 15.29 18.35 -8.50
O3 EBO G . 16.51 19.43 -7.20
N2 EBO G . 14.82 19.93 -5.32
N1 EBO G . 9.65 18.87 -13.02
C7 EBO G . 10.00 17.67 -13.21
C3 EBO G . 10.37 17.14 -14.55
C2 EBO G . 9.87 17.92 -15.68
O7 EBO G . 9.21 19.13 -15.48
C4 EBO G . 11.09 15.82 -14.71
C6 EBO G . 11.40 14.64 -13.84
P EBO G . 10.80 13.82 -12.24
O2 EBO G . 10.72 14.76 -11.05
O1 EBO G . 9.79 12.77 -11.94
O EBO G . 12.04 13.01 -11.79
C5 EBO G . 11.30 15.60 -16.13
N EBO G . 10.86 16.30 -17.22
C1 EBO G . 10.15 17.46 -17.03
C EBO G . 9.59 18.34 -18.17
O6 EBO H . 21.91 -13.44 -6.56
C15 EBO H . 20.69 -13.12 -6.55
O5 EBO H . 19.79 -13.95 -6.37
C8 EBO H . 20.32 -11.67 -6.64
C9 EBO H . 19.86 -11.18 -7.96
C10 EBO H . 18.61 -11.76 -8.46
S EBO H . 19.10 -12.46 -10.04
C11 EBO H . 18.33 -11.58 -11.24
C12 EBO H . 18.69 -12.24 -12.59
C13 EBO H . 17.94 -11.21 -13.46
C14 EBO H . 18.94 -10.22 -13.93
O4 EBO H . 19.47 -9.41 -13.19
O3 EBO H . 19.22 -10.13 -15.06
N2 EBO H . 17.10 -11.69 -14.51
N1 EBO H . 21.51 -10.87 -6.27
C7 EBO H . 21.45 -9.61 -6.34
C3 EBO H . 22.51 -8.69 -5.90
C2 EBO H . 23.55 -9.31 -5.11
O7 EBO H . 23.55 -10.66 -4.93
C4 EBO H . 22.43 -7.21 -6.14
C6 EBO H . 21.33 -6.22 -6.55
P EBO H . 19.49 -6.04 -6.59
O2 EBO H . 18.42 -5.48 -5.67
O1 EBO H . 19.22 -4.97 -7.72
O EBO H . 18.70 -7.13 -7.34
C5 EBO H . 23.61 -6.59 -5.57
N EBO H . 24.61 -7.18 -4.87
C1 EBO H . 24.63 -8.51 -4.61
C EBO H . 25.69 -9.27 -3.80
#